data_4Q3R
#
_entry.id   4Q3R
#
_cell.length_a   177.488
_cell.length_b   177.488
_cell.length_c   177.488
_cell.angle_alpha   90.00
_cell.angle_beta   90.00
_cell.angle_gamma   90.00
#
_symmetry.space_group_name_H-M   'P 21 3'
#
loop_
_entity.id
_entity.type
_entity.pdbx_description
1 polymer Arginase
2 polymer Arginase
3 non-polymer 'MANGANESE (II) ION'
4 non-polymer 'CESIUM ION'
5 non-polymer 'CHLORIDE ION'
6 non-polymer '(R)-2-amino-6-borono-2-(1-(3,4-dichlorobenzyl)piperidin-4-yl)hexanoic acid'
7 non-polymer GLYCEROL
8 non-polymer 'TRIETHYLENE GLYCOL'
9 water water
#
loop_
_entity_poly.entity_id
_entity_poly.type
_entity_poly.pdbx_seq_one_letter_code
_entity_poly.pdbx_strand_id
1 'polypeptide(L)'
;MGSSHHHHHHSSGLVPRGSHMMLKSVATPYYPIQDEKPKLLYTSANFLGIPTNRGQPKIGTYQGPELIRKSNFFQLVAED
GIQLTDCGDIIPVELNEAEDPQRFGMKWSRSFSLTTLRIAERVEELMKQSNKHTVELSGSKSTPLVIVGGDHSMATGTIL
GHAEAKPDLCVLWIDAHGDINTPLNSASGNMHGMPLSFLVKELQDQIPWLDDFEGIKPCLNASNIAYIGLRDLDAHETHD
IRKHGIAYFTMLDVDRMGIEAVIKEALLAVNPRLEKAIHLSFDIDALDPLVAPSTGTAVPGGLTLREGLRICEEVSATGK
LSVVELAELNPLLGSQEDVLKTQSSAVHILRACLGH(CSO)RSGHLPFKVRNLTDQGIMSRAAHMQTKQ
;
A,B
2 'polypeptide(L)'
;MGSSHHHHHHSSGLVPRGSHMMLKSVATPYYPIQDEKPKLLYTSANFLGIPTNRGQPKIGTYQGPELIRKSNFFQLVAED
GIQLTDCGDIIPVELNEAEDPQRFGMKWSRSFSLTTLRIAERVEELMKQSNKHTVELSGSKSTPLVIVGGDHSMATGTIL
GHAEAKPDLCVLWIDAHGDINTPLNSASGNMHGMPLSFLVKELQDQIPWLDDFEGIKPCLNASNIAYIGLRDLDAHETHD
IRKHGIAYFTMLDVDRMGIEAVIKEALLAVNPRLEKAIHLSFDIDALDPLVAPSTGTAVPGGLTLREGLRICEEVSATGK
LSVVELAELNPLLGSQEDVLKTQSSAVHILRACLGHCRSGHLPFKVRNLTDQGIMSRAAHMQTKQ
;
C,D
#
loop_
_chem_comp.id
_chem_comp.type
_chem_comp.name
_chem_comp.formula
CL non-polymer 'CHLORIDE ION' 'Cl -1'
CS non-polymer 'CESIUM ION' 'Cs 1'
GOL non-polymer GLYCEROL 'C3 H8 O3'
MN non-polymer 'MANGANESE (II) ION' 'Mn 2'
PGE non-polymer 'TRIETHYLENE GLYCOL' 'C6 H14 O4'
XA2 non-polymer '(R)-2-amino-6-borono-2-(1-(3,4-dichlorobenzyl)piperidin-4-yl)hexanoic acid' 'C18 H28 B Cl2 N2 O5 -1'
#
# COMPACT_ATOMS: atom_id res chain seq x y z
N LYS A 39 7.35 -2.95 32.32
CA LYS A 39 7.03 -1.73 33.07
C LYS A 39 7.99 -0.59 32.75
N LEU A 40 9.04 -0.87 31.98
CA LEU A 40 10.05 0.14 31.66
C LEU A 40 10.15 0.41 30.16
N LEU A 41 10.25 1.68 29.81
CA LEU A 41 10.43 2.10 28.44
C LEU A 41 11.84 1.78 27.97
N TYR A 42 12.81 2.03 28.84
CA TYR A 42 14.20 1.68 28.59
C TYR A 42 14.67 0.77 29.73
N THR A 43 15.10 -0.45 29.42
CA THR A 43 15.54 -1.35 30.49
C THR A 43 17.06 -1.36 30.61
N SER A 44 17.73 -0.87 29.58
CA SER A 44 19.20 -0.77 29.57
C SER A 44 19.64 0.62 29.18
N ALA A 45 20.82 1.03 29.63
CA ALA A 45 21.40 2.29 29.16
C ALA A 45 22.92 2.24 29.25
N ASN A 46 23.58 3.03 28.41
CA ASN A 46 25.01 3.21 28.49
C ASN A 46 25.38 4.58 29.07
N PHE A 47 26.52 4.63 29.73
CA PHE A 47 27.01 5.84 30.36
C PHE A 47 28.42 6.11 29.84
N LEU A 48 28.67 7.35 29.46
CA LEU A 48 29.92 7.73 28.85
C LEU A 48 30.32 9.10 29.35
N GLY A 49 31.55 9.23 29.83
CA GLY A 49 32.08 10.52 30.22
C GLY A 49 32.89 11.13 29.08
N ILE A 50 32.78 12.44 28.90
CA ILE A 50 33.61 13.15 27.94
C ILE A 50 34.15 14.41 28.59
N PRO A 51 35.37 14.36 29.12
CA PRO A 51 35.89 15.46 29.94
C PRO A 51 36.50 16.62 29.14
N THR A 52 35.77 17.15 28.16
CA THR A 52 36.26 18.28 27.39
C THR A 52 36.50 19.50 28.27
N ASN A 53 37.59 20.20 28.02
CA ASN A 53 37.89 21.41 28.77
C ASN A 53 38.65 22.43 27.90
N ARG A 54 38.78 22.15 26.61
CA ARG A 54 39.44 23.09 25.72
C ARG A 54 38.44 23.90 24.90
N GLY A 55 37.18 23.76 25.24
CA GLY A 55 36.15 24.57 24.60
C GLY A 55 35.91 25.89 25.31
N GLN A 56 36.50 26.06 26.47
CA GLN A 56 36.33 27.26 27.27
C GLN A 56 37.43 27.33 28.31
N PRO A 57 37.75 28.53 28.80
CA PRO A 57 39.01 28.71 29.55
C PRO A 57 38.99 28.39 31.06
N LYS A 58 37.83 28.18 31.67
CA LYS A 58 37.83 27.85 33.10
C LYS A 58 38.13 26.37 33.34
N ILE A 59 39.18 26.11 34.09
CA ILE A 59 39.55 24.73 34.35
C ILE A 59 38.48 24.09 35.26
N GLY A 60 38.17 22.84 35.01
CA GLY A 60 37.26 22.12 35.86
C GLY A 60 36.18 21.30 35.19
N THR A 61 35.78 21.64 33.96
CA THR A 61 34.76 20.84 33.28
C THR A 61 35.24 19.41 33.03
N TYR A 62 36.56 19.17 33.09
CA TYR A 62 37.08 17.81 32.91
C TYR A 62 36.71 16.92 34.10
N GLN A 63 36.34 17.52 35.21
CA GLN A 63 35.90 16.74 36.37
C GLN A 63 34.38 16.45 36.39
N GLY A 64 33.65 16.94 35.40
CA GLY A 64 32.21 16.70 35.30
C GLY A 64 31.79 15.23 35.40
N PRO A 65 32.43 14.35 34.62
CA PRO A 65 31.99 12.95 34.66
C PRO A 65 32.21 12.33 36.04
N GLU A 66 33.34 12.64 36.64
CA GLU A 66 33.64 12.12 37.97
C GLU A 66 32.67 12.67 39.04
N LEU A 67 32.16 13.88 38.83
CA LEU A 67 31.19 14.44 39.76
C LEU A 67 29.94 13.56 39.82
N ILE A 68 29.57 12.98 38.69
CA ILE A 68 28.41 12.13 38.59
C ILE A 68 28.70 10.68 39.04
N ARG A 69 29.89 10.18 38.74
CA ARG A 69 30.26 8.83 39.19
C ARG A 69 30.36 8.77 40.71
N LYS A 70 30.79 9.87 41.32
CA LYS A 70 30.86 10.01 42.77
C LYS A 70 29.50 10.11 43.44
N SER A 71 28.49 10.54 42.70
CA SER A 71 27.13 10.70 43.23
C SER A 71 26.47 9.34 43.41
N ASN A 72 25.21 9.34 43.86
CA ASN A 72 24.43 8.11 43.95
C ASN A 72 23.64 7.80 42.68
N PHE A 73 23.99 8.45 41.57
CA PHE A 73 23.27 8.25 40.31
C PHE A 73 23.11 6.78 39.90
N PHE A 74 24.21 6.06 39.78
CA PHE A 74 24.18 4.67 39.36
C PHE A 74 23.26 3.84 40.27
N GLN A 75 23.39 4.04 41.58
CA GLN A 75 22.59 3.31 42.55
C GLN A 75 21.10 3.61 42.39
N LEU A 76 20.77 4.88 42.21
CA LEU A 76 19.37 5.28 42.10
C LEU A 76 18.74 4.73 40.81
N VAL A 77 19.51 4.68 39.75
CA VAL A 77 19.03 4.15 38.48
C VAL A 77 18.77 2.64 38.62
N ALA A 78 19.66 1.95 39.34
CA ALA A 78 19.48 0.52 39.61
C ALA A 78 18.24 0.24 40.47
N GLU A 79 17.97 1.09 41.46
N GLU A 79 17.97 1.10 41.46
CA GLU A 79 16.77 0.92 42.29
CA GLU A 79 16.79 0.96 42.32
C GLU A 79 15.50 0.92 41.43
C GLU A 79 15.48 1.05 41.51
N ASP A 80 15.53 1.63 40.31
CA ASP A 80 14.37 1.66 39.42
C ASP A 80 14.37 0.51 38.42
N GLY A 81 15.35 -0.38 38.49
CA GLY A 81 15.35 -1.56 37.65
C GLY A 81 16.02 -1.41 36.30
N ILE A 82 16.79 -0.34 36.12
CA ILE A 82 17.43 -0.10 34.83
C ILE A 82 18.86 -0.60 34.90
N GLN A 83 19.29 -1.34 33.89
CA GLN A 83 20.67 -1.80 33.83
C GLN A 83 21.58 -0.78 33.13
N LEU A 84 22.44 -0.14 33.91
CA LEU A 84 23.31 0.90 33.39
C LEU A 84 24.78 0.46 33.30
N THR A 85 25.33 0.47 32.09
CA THR A 85 26.73 0.10 31.86
C THR A 85 27.65 1.31 31.71
N ASP A 86 28.65 1.43 32.58
CA ASP A 86 29.65 2.50 32.48
C ASP A 86 30.66 2.16 31.38
N CYS A 87 30.60 2.89 30.29
CA CYS A 87 31.48 2.63 29.14
C CYS A 87 32.78 3.43 29.22
N GLY A 88 33.06 4.01 30.37
CA GLY A 88 34.30 4.76 30.55
C GLY A 88 34.26 6.20 30.04
N ASP A 89 35.43 6.75 29.74
CA ASP A 89 35.59 8.13 29.29
C ASP A 89 36.26 8.17 27.93
N ILE A 90 35.89 9.15 27.11
CA ILE A 90 36.65 9.46 25.92
C ILE A 90 37.82 10.37 26.35
N ILE A 91 38.99 10.16 25.77
CA ILE A 91 40.13 11.02 26.06
C ILE A 91 40.19 12.13 25.02
N PRO A 92 39.96 13.38 25.45
CA PRO A 92 40.03 14.49 24.49
C PRO A 92 41.44 14.67 23.96
N VAL A 93 41.59 15.15 22.72
CA VAL A 93 42.92 15.55 22.24
C VAL A 93 43.22 16.97 22.71
N GLU A 94 44.28 17.11 23.50
CA GLU A 94 44.67 18.40 24.02
C GLU A 94 46.10 18.74 23.57
N LEU A 95 46.18 19.53 22.51
CA LEU A 95 47.47 19.90 21.93
C LEU A 95 48.13 20.99 22.76
N ASN A 96 49.43 21.19 22.59
CA ASN A 96 50.04 22.33 23.25
C ASN A 96 49.87 23.57 22.38
N GLU A 97 50.22 24.72 22.93
CA GLU A 97 50.01 26.01 22.27
C GLU A 97 50.63 26.14 20.89
N ALA A 98 51.85 25.66 20.73
CA ALA A 98 52.56 25.77 19.45
C ALA A 98 51.89 24.98 18.37
N GLU A 99 51.37 23.80 18.73
CA GLU A 99 50.65 22.95 17.80
C GLU A 99 49.28 23.48 17.45
N ASP A 100 48.75 24.42 18.24
CA ASP A 100 47.34 24.79 18.08
C ASP A 100 47.15 26.27 18.30
N PRO A 101 47.68 27.11 17.39
CA PRO A 101 47.50 28.55 17.55
C PRO A 101 46.11 28.97 17.10
N GLN A 102 45.74 30.22 17.38
CA GLN A 102 44.47 30.75 16.94
C GLN A 102 44.36 30.67 15.44
N ARG A 103 43.18 30.33 14.97
CA ARG A 103 42.86 30.33 13.56
C ARG A 103 41.44 30.85 13.48
N PHE A 104 41.24 31.91 12.71
CA PHE A 104 39.98 32.62 12.59
C PHE A 104 39.42 33.01 13.96
N GLY A 105 40.33 33.33 14.88
CA GLY A 105 39.94 33.74 16.21
C GLY A 105 39.59 32.58 17.12
N MET A 106 39.52 31.36 16.61
CA MET A 106 39.13 30.24 17.46
C MET A 106 40.29 29.84 18.35
N LYS A 107 40.00 29.56 19.62
CA LYS A 107 40.99 29.01 20.54
C LYS A 107 40.96 27.49 20.56
N TRP A 108 42.12 26.88 20.37
CA TRP A 108 42.25 25.43 20.43
C TRP A 108 41.40 24.71 19.39
N SER A 109 41.33 25.26 18.18
CA SER A 109 40.52 24.69 17.11
C SER A 109 41.03 23.36 16.56
N ARG A 110 42.31 23.06 16.68
CA ARG A 110 42.77 21.78 16.14
C ARG A 110 42.53 20.71 17.19
N SER A 111 42.72 21.06 18.47
CA SER A 111 42.32 20.18 19.56
C SER A 111 40.83 19.81 19.42
N PHE A 112 40.02 20.79 19.01
CA PHE A 112 38.59 20.61 18.78
C PHE A 112 38.31 19.68 17.59
N SER A 113 38.96 19.92 16.46
CA SER A 113 38.67 19.11 15.28
C SER A 113 39.07 17.65 15.52
N LEU A 114 40.22 17.43 16.16
CA LEU A 114 40.67 16.08 16.47
C LEU A 114 39.80 15.42 17.55
N THR A 115 39.39 16.19 18.55
CA THR A 115 38.57 15.66 19.61
C THR A 115 37.20 15.32 19.03
N THR A 116 36.72 16.17 18.12
CA THR A 116 35.40 15.99 17.54
C THR A 116 35.31 14.66 16.79
N LEU A 117 36.32 14.35 16.01
CA LEU A 117 36.37 13.10 15.26
C LEU A 117 36.53 11.91 16.18
N ARG A 118 37.33 12.05 17.23
CA ARG A 118 37.49 10.96 18.18
C ARG A 118 36.17 10.66 18.92
N ILE A 119 35.49 11.72 19.38
CA ILE A 119 34.16 11.57 19.99
C ILE A 119 33.16 10.93 19.03
N ALA A 120 33.07 11.44 17.81
CA ALA A 120 32.10 10.95 16.84
C ALA A 120 32.29 9.46 16.55
N GLU A 121 33.54 9.03 16.42
CA GLU A 121 33.84 7.61 16.18
C GLU A 121 33.34 6.73 17.32
N ARG A 122 33.58 7.18 18.54
CA ARG A 122 33.19 6.39 19.69
C ARG A 122 31.67 6.32 19.83
N VAL A 123 31.01 7.47 19.70
CA VAL A 123 29.55 7.53 19.85
C VAL A 123 28.91 6.71 18.74
N GLU A 124 29.39 6.84 17.52
CA GLU A 124 28.88 6.05 16.41
C GLU A 124 28.93 4.55 16.72
N GLU A 125 30.06 4.08 17.20
CA GLU A 125 30.19 2.66 17.44
C GLU A 125 29.28 2.23 18.59
N LEU A 126 29.11 3.07 19.61
CA LEU A 126 28.20 2.74 20.71
C LEU A 126 26.77 2.68 20.24
N MET A 127 26.40 3.56 19.32
CA MET A 127 25.03 3.63 18.86
C MET A 127 24.70 2.53 17.87
N LYS A 128 25.70 1.97 17.21
CA LYS A 128 25.45 0.94 16.22
C LYS A 128 25.29 -0.43 16.86
N GLN A 129 26.05 -0.70 17.91
CA GLN A 129 25.87 -1.95 18.64
C GLN A 129 24.48 -1.96 19.30
N SER A 130 23.95 -0.76 19.56
CA SER A 130 22.64 -0.60 20.19
C SER A 130 21.51 -0.76 19.18
N ASN A 131 21.84 -0.60 17.89
CA ASN A 131 20.87 -0.75 16.80
C ASN A 131 20.47 -2.22 16.60
N LYS A 141 12.97 -2.67 22.78
CA LYS A 141 13.36 -1.48 23.52
C LYS A 141 14.74 -1.01 23.07
N SER A 142 14.90 0.30 22.94
CA SER A 142 16.18 0.88 22.54
C SER A 142 17.05 1.15 23.77
N THR A 143 18.33 1.36 23.53
CA THR A 143 19.27 1.57 24.63
C THR A 143 19.83 2.99 24.58
N PRO A 144 19.30 3.89 25.42
CA PRO A 144 19.77 5.26 25.48
C PRO A 144 21.25 5.35 25.86
N LEU A 145 21.93 6.34 25.32
CA LEU A 145 23.30 6.64 25.73
C LEU A 145 23.29 7.92 26.52
N VAL A 146 23.82 7.85 27.73
CA VAL A 146 23.92 9.00 28.63
C VAL A 146 25.37 9.50 28.64
N ILE A 147 25.56 10.75 28.23
CA ILE A 147 26.87 11.34 28.17
C ILE A 147 27.00 12.48 29.17
N VAL A 148 28.04 12.44 29.98
CA VAL A 148 28.30 13.51 30.91
C VAL A 148 29.59 14.22 30.53
N GLY A 149 29.48 15.54 30.29
CA GLY A 149 30.64 16.36 29.95
C GLY A 149 31.32 16.87 31.20
N GLY A 150 32.35 17.71 31.07
CA GLY A 150 32.82 18.21 29.78
C GLY A 150 32.09 19.49 29.38
N ASP A 151 32.81 20.47 28.82
CA ASP A 151 32.17 21.66 28.27
C ASP A 151 31.44 21.30 26.96
N HIS A 152 30.56 22.19 26.53
CA HIS A 152 29.60 21.89 25.47
C HIS A 152 30.21 21.77 24.05
N SER A 153 31.49 22.08 23.88
CA SER A 153 32.14 21.86 22.57
C SER A 153 32.07 20.39 22.12
N MET A 154 31.92 19.48 23.07
CA MET A 154 31.76 18.05 22.75
C MET A 154 30.56 17.72 21.84
N ALA A 155 29.54 18.58 21.81
CA ALA A 155 28.30 18.27 21.08
C ALA A 155 28.52 18.12 19.58
N THR A 156 29.51 18.83 19.04
CA THR A 156 29.80 18.67 17.64
C THR A 156 30.13 17.21 17.34
N GLY A 157 30.92 16.59 18.21
CA GLY A 157 31.31 15.21 18.04
C GLY A 157 30.20 14.22 18.34
N THR A 158 29.46 14.46 19.43
CA THR A 158 28.43 13.51 19.85
C THR A 158 27.31 13.46 18.82
N ILE A 159 26.93 14.62 18.28
CA ILE A 159 25.85 14.69 17.30
C ILE A 159 26.31 14.11 15.96
N LEU A 160 27.54 14.45 15.56
CA LEU A 160 28.16 13.89 14.36
C LEU A 160 28.10 12.37 14.37
N GLY A 161 28.60 11.76 15.44
CA GLY A 161 28.62 10.31 15.54
C GLY A 161 27.22 9.73 15.63
N HIS A 162 26.36 10.39 16.41
CA HIS A 162 24.97 9.99 16.57
C HIS A 162 24.28 9.94 15.21
N ALA A 163 24.43 11.02 14.45
CA ALA A 163 23.82 11.14 13.13
C ALA A 163 24.34 10.07 12.15
N GLU A 164 25.58 9.61 12.32
CA GLU A 164 26.07 8.52 11.47
C GLU A 164 25.22 7.29 11.68
N ALA A 165 24.91 6.97 12.94
CA ALA A 165 24.07 5.83 13.25
C ALA A 165 22.60 6.10 12.95
N LYS A 166 22.15 7.34 13.18
CA LYS A 166 20.77 7.71 12.99
C LYS A 166 20.63 9.04 12.26
N PRO A 167 20.73 9.03 10.92
CA PRO A 167 20.82 10.30 10.18
C PRO A 167 19.54 11.15 10.19
N ASP A 168 18.39 10.59 10.52
CA ASP A 168 17.21 11.43 10.54
C ASP A 168 16.87 11.99 11.94
N LEU A 169 17.84 12.07 12.83
CA LEU A 169 17.53 12.48 14.19
C LEU A 169 17.08 13.95 14.30
N CYS A 170 16.49 14.28 15.45
CA CYS A 170 16.26 15.67 15.75
C CYS A 170 17.07 16.06 16.99
N VAL A 171 17.23 17.35 17.22
CA VAL A 171 18.04 17.83 18.33
C VAL A 171 17.19 18.76 19.20
N LEU A 172 17.14 18.47 20.48
CA LEU A 172 16.56 19.42 21.43
C LEU A 172 17.66 20.02 22.27
N TRP A 173 17.85 21.33 22.13
CA TRP A 173 18.99 22.01 22.74
C TRP A 173 18.52 22.85 23.94
N ILE A 174 18.87 22.41 25.15
CA ILE A 174 18.43 23.04 26.38
C ILE A 174 19.55 23.86 26.98
N ASP A 175 19.41 25.18 26.96
CA ASP A 175 20.56 26.06 27.16
C ASP A 175 20.10 27.50 27.38
N ALA A 176 20.81 28.21 28.25
CA ALA A 176 20.72 29.65 28.32
C ALA A 176 21.26 30.30 27.03
N HIS A 177 22.13 29.59 26.32
CA HIS A 177 22.91 30.12 25.19
C HIS A 177 22.64 29.39 23.86
N GLY A 178 22.89 30.03 22.73
CA GLY A 178 22.63 29.42 21.43
C GLY A 178 23.67 28.43 20.95
N ASP A 179 24.91 28.57 21.44
CA ASP A 179 26.03 27.72 21.05
C ASP A 179 26.12 27.57 19.52
N ILE A 180 25.78 28.64 18.82
CA ILE A 180 25.66 28.57 17.38
C ILE A 180 26.37 29.76 16.71
N ASN A 181 27.25 30.42 17.44
CA ASN A 181 28.13 31.41 16.82
C ASN A 181 29.00 30.75 15.75
N THR A 182 29.06 31.38 14.58
CA THR A 182 30.04 31.02 13.58
C THR A 182 31.33 31.73 13.97
N PRO A 183 32.49 31.15 13.61
CA PRO A 183 33.77 31.59 14.19
C PRO A 183 34.11 33.08 14.05
N LEU A 184 33.77 33.72 12.95
CA LEU A 184 34.15 35.13 12.81
C LEU A 184 33.22 36.08 13.59
N ASN A 185 32.11 35.55 14.10
CA ASN A 185 31.20 36.35 14.90
C ASN A 185 31.39 36.13 16.38
N SER A 186 32.18 35.13 16.73
CA SER A 186 32.39 34.83 18.14
C SER A 186 33.20 35.93 18.79
N ALA A 187 32.66 36.57 19.82
CA ALA A 187 33.43 37.57 20.55
C ALA A 187 34.51 36.94 21.44
N SER A 188 34.35 35.67 21.81
CA SER A 188 35.25 35.05 22.75
C SER A 188 36.33 34.13 22.14
N GLY A 189 36.07 33.55 20.98
CA GLY A 189 36.92 32.49 20.48
C GLY A 189 36.76 31.13 21.17
N ASN A 190 35.88 31.04 22.17
CA ASN A 190 35.67 29.78 22.89
C ASN A 190 34.81 28.81 22.09
N MET A 191 35.31 27.61 21.88
CA MET A 191 34.61 26.65 21.04
C MET A 191 33.27 26.15 21.61
N HIS A 192 33.10 26.18 22.93
CA HIS A 192 31.82 25.72 23.51
C HIS A 192 30.66 26.64 23.10
N GLY A 193 30.98 27.78 22.49
CA GLY A 193 29.98 28.73 22.02
C GLY A 193 29.68 28.58 20.54
N MET A 194 30.29 27.58 19.92
CA MET A 194 30.16 27.37 18.48
C MET A 194 29.70 25.97 17.99
N PRO A 195 29.38 25.02 18.91
CA PRO A 195 29.34 23.66 18.39
C PRO A 195 28.26 23.33 17.36
N LEU A 196 27.10 23.98 17.39
CA LEU A 196 26.08 23.73 16.38
C LEU A 196 26.40 24.35 15.02
N SER A 197 27.23 25.39 14.99
CA SER A 197 27.41 26.12 13.72
C SER A 197 28.06 25.23 12.65
N PHE A 198 28.94 24.35 13.08
CA PHE A 198 29.58 23.39 12.19
C PHE A 198 28.64 22.27 11.68
N LEU A 199 27.53 22.06 12.38
CA LEU A 199 26.63 20.95 12.03
C LEU A 199 25.46 21.36 11.14
N VAL A 200 25.17 22.65 11.10
CA VAL A 200 23.95 23.09 10.44
C VAL A 200 24.24 23.43 8.99
N LYS A 201 23.62 22.69 8.07
CA LYS A 201 23.84 22.84 6.64
C LYS A 201 23.62 24.28 6.17
N GLU A 202 22.57 24.92 6.65
CA GLU A 202 22.28 26.28 6.20
C GLU A 202 23.33 27.32 6.58
N LEU A 203 24.24 26.98 7.49
CA LEU A 203 25.21 27.97 7.95
C LEU A 203 26.57 27.85 7.26
N GLN A 204 26.73 26.91 6.34
CA GLN A 204 28.06 26.56 5.88
C GLN A 204 28.74 27.62 5.01
N ASP A 205 28.02 28.65 4.58
CA ASP A 205 28.63 29.75 3.85
C ASP A 205 29.16 30.81 4.79
N GLN A 206 29.06 30.56 6.11
CA GLN A 206 29.61 31.47 7.09
C GLN A 206 30.64 30.79 7.99
N ILE A 207 30.92 29.52 7.71
CA ILE A 207 32.01 28.80 8.34
C ILE A 207 33.27 28.83 7.47
N PRO A 208 34.39 29.35 8.01
CA PRO A 208 35.61 29.30 7.19
C PRO A 208 36.09 27.88 6.98
N TRP A 209 36.52 27.57 5.76
CA TRP A 209 37.09 26.27 5.46
C TRP A 209 38.42 26.06 6.18
N LEU A 210 38.57 24.89 6.78
CA LEU A 210 39.84 24.46 7.32
C LEU A 210 39.99 22.97 7.03
N ASP A 211 41.16 22.57 6.50
CA ASP A 211 41.37 21.20 6.06
C ASP A 211 41.08 20.18 7.15
N ASP A 212 41.49 20.49 8.38
CA ASP A 212 41.34 19.53 9.47
C ASP A 212 39.88 19.44 9.95
N PHE A 213 39.02 20.30 9.41
CA PHE A 213 37.59 20.27 9.70
C PHE A 213 36.80 19.53 8.63
N GLU A 214 37.49 19.05 7.60
CA GLU A 214 36.80 18.45 6.47
C GLU A 214 35.91 17.29 6.88
N GLY A 215 36.39 16.45 7.79
CA GLY A 215 35.63 15.30 8.24
C GLY A 215 34.47 15.63 9.16
N ILE A 216 34.34 16.89 9.56
CA ILE A 216 33.19 17.35 10.34
C ILE A 216 32.09 17.77 9.37
N LYS A 217 31.32 16.80 8.93
CA LYS A 217 30.28 16.99 7.95
C LYS A 217 29.04 17.55 8.60
N PRO A 218 28.49 18.64 8.06
CA PRO A 218 27.20 19.18 8.49
C PRO A 218 26.12 18.15 8.29
N CYS A 219 25.53 17.69 9.39
CA CYS A 219 24.57 16.61 9.36
C CYS A 219 23.19 17.03 9.86
N LEU A 220 23.02 18.33 10.15
CA LEU A 220 21.74 18.82 10.64
C LEU A 220 21.14 19.87 9.72
N ASN A 221 19.83 19.78 9.53
CA ASN A 221 19.10 20.87 8.92
C ASN A 221 18.58 21.77 10.01
N ALA A 222 18.49 23.06 9.72
CA ALA A 222 17.94 24.03 10.65
C ALA A 222 16.57 23.58 11.18
N SER A 223 15.83 22.84 10.34
CA SER A 223 14.48 22.40 10.68
C SER A 223 14.46 21.26 11.72
N ASN A 224 15.63 20.69 12.04
CA ASN A 224 15.74 19.55 12.96
C ASN A 224 16.08 19.92 14.41
N ILE A 225 16.21 21.21 14.69
CA ILE A 225 16.69 21.68 16.00
C ILE A 225 15.64 22.53 16.70
N ALA A 226 15.47 22.33 18.00
CA ALA A 226 14.64 23.23 18.77
C ALA A 226 15.37 23.55 20.06
N TYR A 227 15.36 24.83 20.43
CA TYR A 227 15.92 25.31 21.67
C TYR A 227 14.85 25.48 22.74
N ILE A 228 15.21 25.18 23.99
CA ILE A 228 14.47 25.62 25.17
C ILE A 228 15.43 26.20 26.23
N GLY A 229 15.09 27.38 26.75
CA GLY A 229 15.78 27.94 27.91
C GLY A 229 16.59 29.22 27.65
N LEU A 230 16.68 29.60 26.38
CA LEU A 230 17.53 30.70 25.96
C LEU A 230 17.23 31.99 26.71
N ARG A 231 18.29 32.68 27.10
CA ARG A 231 18.15 33.98 27.72
C ARG A 231 19.40 34.83 27.54
N ASP A 232 20.39 34.35 26.80
CA ASP A 232 21.61 35.15 26.61
C ASP A 232 22.19 34.95 25.21
N LEU A 233 21.33 35.04 24.19
CA LEU A 233 21.76 34.98 22.79
C LEU A 233 22.64 36.16 22.37
N ASP A 234 23.67 35.88 21.58
CA ASP A 234 24.39 36.95 20.91
C ASP A 234 23.55 37.44 19.72
N ALA A 235 23.74 38.70 19.33
CA ALA A 235 23.01 39.28 18.21
C ALA A 235 23.12 38.46 16.94
N HIS A 236 24.31 37.96 16.63
CA HIS A 236 24.45 37.20 15.39
C HIS A 236 23.83 35.81 15.48
N GLU A 237 23.74 35.27 16.69
CA GLU A 237 22.98 34.03 16.88
C GLU A 237 21.51 34.26 16.58
N THR A 238 20.97 35.34 17.13
CA THR A 238 19.59 35.74 16.94
C THR A 238 19.26 35.86 15.45
N HIS A 239 20.14 36.56 14.74
CA HIS A 239 20.02 36.70 13.32
C HIS A 239 19.94 35.34 12.62
N ASP A 240 20.88 34.45 12.90
CA ASP A 240 20.91 33.15 12.20
C ASP A 240 19.71 32.28 12.52
N ILE A 241 19.37 32.22 13.80
CA ILE A 241 18.24 31.44 14.26
C ILE A 241 16.94 31.89 13.55
N ARG A 242 16.71 33.18 13.49
CA ARG A 242 15.50 33.70 12.88
C ARG A 242 15.52 33.57 11.35
N LYS A 243 16.66 33.84 10.76
CA LYS A 243 16.79 33.75 9.30
C LYS A 243 16.52 32.34 8.78
N HIS A 244 17.07 31.34 9.44
CA HIS A 244 16.93 29.98 8.95
C HIS A 244 15.80 29.22 9.63
N GLY A 245 14.98 29.94 10.38
CA GLY A 245 13.76 29.39 10.96
C GLY A 245 13.95 28.30 12.00
N ILE A 246 14.99 28.41 12.81
CA ILE A 246 15.21 27.41 13.85
C ILE A 246 14.20 27.65 14.96
N ALA A 247 13.46 26.59 15.34
CA ALA A 247 12.51 26.67 16.45
C ALA A 247 13.25 27.02 17.76
N TYR A 248 12.74 28.00 18.48
CA TYR A 248 13.40 28.37 19.72
C TYR A 248 12.39 28.90 20.72
N PHE A 249 12.55 28.48 21.96
CA PHE A 249 11.66 28.86 23.03
C PHE A 249 12.52 29.41 24.16
N THR A 250 12.52 30.72 24.29
CA THR A 250 13.38 31.39 25.26
C THR A 250 12.69 31.42 26.64
N MET A 251 13.35 31.98 27.65
CA MET A 251 12.72 32.04 28.96
C MET A 251 11.50 32.96 28.92
N LEU A 252 11.50 33.93 28.01
CA LEU A 252 10.30 34.74 27.81
C LEU A 252 9.12 33.87 27.33
N ASP A 253 9.35 32.99 26.36
CA ASP A 253 8.33 32.04 25.93
C ASP A 253 7.90 31.12 27.09
N VAL A 254 8.87 30.66 27.88
CA VAL A 254 8.54 29.81 29.00
C VAL A 254 7.63 30.57 30.00
N ASP A 255 7.97 31.82 30.30
CA ASP A 255 7.12 32.66 31.16
C ASP A 255 5.70 32.84 30.59
N ARG A 256 5.58 33.17 29.31
N ARG A 256 5.59 33.16 29.31
CA ARG A 256 4.28 33.45 28.71
CA ARG A 256 4.29 33.45 28.70
C ARG A 256 3.46 32.19 28.42
C ARG A 256 3.45 32.20 28.40
N MET A 257 4.11 31.14 27.93
CA MET A 257 3.39 29.93 27.52
C MET A 257 3.26 28.90 28.64
N GLY A 258 4.22 28.88 29.55
CA GLY A 258 4.37 27.79 30.52
C GLY A 258 5.19 26.66 29.91
N ILE A 259 5.97 25.96 30.72
CA ILE A 259 6.85 24.89 30.21
C ILE A 259 6.07 23.74 29.55
N GLU A 260 4.84 23.45 29.99
CA GLU A 260 4.08 22.34 29.40
C GLU A 260 3.79 22.62 27.90
N ALA A 261 3.32 23.82 27.58
CA ALA A 261 3.13 24.18 26.16
C ALA A 261 4.44 24.29 25.41
N VAL A 262 5.47 24.82 26.05
CA VAL A 262 6.77 24.93 25.39
C VAL A 262 7.30 23.55 24.94
N ILE A 263 7.33 22.58 25.83
CA ILE A 263 7.77 21.22 25.52
C ILE A 263 6.96 20.66 24.33
N LYS A 264 5.65 20.80 24.42
CA LYS A 264 4.76 20.31 23.38
CA LYS A 264 4.74 20.34 23.39
C LYS A 264 5.10 20.95 22.03
N GLU A 265 5.26 22.26 22.00
CA GLU A 265 5.56 22.94 20.75
C GLU A 265 6.97 22.63 20.23
N ALA A 266 7.94 22.45 21.14
CA ALA A 266 9.27 22.08 20.69
C ALA A 266 9.25 20.69 20.01
N LEU A 267 8.57 19.73 20.62
CA LEU A 267 8.47 18.38 20.06
C LEU A 267 7.68 18.38 18.75
N LEU A 268 6.64 19.19 18.67
CA LEU A 268 5.86 19.33 17.45
C LEU A 268 6.72 19.92 16.34
N ALA A 269 7.56 20.89 16.69
CA ALA A 269 8.36 21.58 15.66
C ALA A 269 9.37 20.65 15.00
N VAL A 270 10.02 19.78 15.76
CA VAL A 270 11.10 18.97 15.18
C VAL A 270 10.85 17.46 15.18
N ASN A 271 9.81 17.02 15.87
CA ASN A 271 9.51 15.58 15.91
C ASN A 271 8.00 15.33 15.99
N PRO A 272 7.25 15.87 15.00
CA PRO A 272 5.79 15.98 15.13
C PRO A 272 5.04 14.66 15.35
N ARG A 273 5.52 13.56 14.84
CA ARG A 273 4.78 12.32 15.04
C ARG A 273 5.66 11.30 15.73
N LEU A 274 6.65 11.79 16.46
CA LEU A 274 7.57 10.94 17.21
C LEU A 274 8.24 9.90 16.30
N GLU A 275 8.49 10.25 15.05
CA GLU A 275 9.14 9.35 14.11
C GLU A 275 10.66 9.34 14.30
N LYS A 276 11.22 10.41 14.84
CA LYS A 276 12.68 10.57 14.84
C LYS A 276 13.34 10.29 16.18
N ALA A 277 14.54 9.74 16.11
CA ALA A 277 15.41 9.63 17.28
C ALA A 277 15.71 11.03 17.82
N ILE A 278 15.82 11.15 19.13
CA ILE A 278 16.05 12.44 19.76
C ILE A 278 17.45 12.51 20.36
N HIS A 279 18.18 13.56 20.00
CA HIS A 279 19.41 13.91 20.67
C HIS A 279 19.09 15.05 21.65
N LEU A 280 19.15 14.80 22.95
CA LEU A 280 18.87 15.84 23.92
C LEU A 280 20.17 16.38 24.47
N SER A 281 20.46 17.64 24.18
CA SER A 281 21.72 18.22 24.54
C SER A 281 21.41 19.23 25.63
N PHE A 282 21.66 18.83 26.86
CA PHE A 282 21.26 19.62 28.02
C PHE A 282 22.46 20.33 28.66
N ASP A 283 22.55 21.65 28.48
CA ASP A 283 23.52 22.49 29.19
C ASP A 283 23.02 22.71 30.62
N ILE A 284 23.81 22.37 31.63
CA ILE A 284 23.36 22.53 33.00
C ILE A 284 23.04 24.01 33.32
N ASP A 285 23.65 24.94 32.60
CA ASP A 285 23.35 26.36 32.83
C ASP A 285 22.01 26.82 32.25
N ALA A 286 21.29 25.91 31.61
CA ALA A 286 19.89 26.16 31.27
C ALA A 286 19.11 26.38 32.57
N LEU A 287 19.48 25.63 33.61
CA LEU A 287 18.82 25.74 34.92
C LEU A 287 19.27 27.02 35.63
N ASP A 288 18.40 27.54 36.47
CA ASP A 288 18.71 28.70 37.29
C ASP A 288 19.96 28.48 38.12
N PRO A 289 20.81 29.50 38.20
CA PRO A 289 22.00 29.50 39.08
C PRO A 289 21.69 29.10 40.54
N LEU A 290 20.48 29.39 41.01
CA LEU A 290 20.08 28.92 42.34
C LEU A 290 20.13 27.38 42.46
N VAL A 291 19.89 26.63 41.38
CA VAL A 291 20.03 25.18 41.50
C VAL A 291 21.23 24.55 40.78
N ALA A 292 21.86 25.28 39.86
CA ALA A 292 23.12 24.83 39.27
C ALA A 292 24.15 25.95 39.23
N PRO A 293 24.70 26.30 40.41
CA PRO A 293 25.65 27.42 40.42
C PRO A 293 27.03 27.07 39.85
N SER A 294 27.42 25.80 39.86
CA SER A 294 28.78 25.41 39.52
C SER A 294 28.94 25.12 38.02
N THR A 295 28.96 26.20 37.25
CA THR A 295 29.03 26.15 35.81
C THR A 295 29.65 27.49 35.34
N GLY A 296 30.29 27.51 34.19
CA GLY A 296 31.13 28.64 33.79
C GLY A 296 30.46 29.91 33.32
N THR A 297 29.27 29.79 32.75
CA THR A 297 28.58 30.95 32.24
C THR A 297 27.14 30.95 32.75
N ALA A 298 27.01 31.06 34.06
CA ALA A 298 25.71 31.07 34.72
C ALA A 298 24.93 32.35 34.39
N VAL A 299 23.65 32.20 34.07
CA VAL A 299 22.81 33.36 33.76
C VAL A 299 21.53 33.35 34.62
N PRO A 300 21.31 34.41 35.40
CA PRO A 300 20.11 34.51 36.24
C PRO A 300 18.80 34.34 35.45
N GLY A 301 17.77 33.84 36.11
CA GLY A 301 16.45 33.76 35.50
C GLY A 301 16.24 32.51 34.67
N GLY A 302 16.78 31.39 35.13
CA GLY A 302 16.72 30.15 34.36
C GLY A 302 15.55 29.24 34.69
N LEU A 303 15.55 28.07 34.06
CA LEU A 303 14.56 27.06 34.36
C LEU A 303 14.67 26.69 35.83
N THR A 304 13.53 26.51 36.49
CA THR A 304 13.53 25.82 37.78
C THR A 304 13.95 24.36 37.55
N LEU A 305 14.42 23.69 38.59
CA LEU A 305 14.71 22.27 38.50
C LEU A 305 13.49 21.49 37.97
N ARG A 306 12.31 21.83 38.50
CA ARG A 306 11.07 21.18 38.10
C ARG A 306 10.80 21.37 36.61
N GLU A 307 11.04 22.57 36.08
CA GLU A 307 10.87 22.78 34.63
C GLU A 307 11.84 21.92 33.84
N GLY A 308 13.08 21.86 34.31
CA GLY A 308 14.06 20.94 33.78
C GLY A 308 13.62 19.49 33.77
N LEU A 309 13.12 18.99 34.91
CA LEU A 309 12.61 17.63 35.01
C LEU A 309 11.47 17.39 34.01
N ARG A 310 10.59 18.38 33.82
CA ARG A 310 9.44 18.22 32.93
C ARG A 310 9.91 18.02 31.48
N ILE A 311 10.89 18.81 31.04
CA ILE A 311 11.46 18.61 29.71
C ILE A 311 11.97 17.17 29.55
N CYS A 312 12.80 16.73 30.49
CA CYS A 312 13.40 15.42 30.40
C CYS A 312 12.34 14.29 30.51
N GLU A 313 11.37 14.47 31.39
CA GLU A 313 10.31 13.47 31.58
C GLU A 313 9.55 13.29 30.26
N GLU A 314 9.23 14.40 29.60
CA GLU A 314 8.43 14.31 28.38
C GLU A 314 9.25 13.71 27.24
N VAL A 315 10.51 14.12 27.17
CA VAL A 315 11.41 13.59 26.15
C VAL A 315 11.62 12.07 26.36
N SER A 316 11.81 11.65 27.59
CA SER A 316 11.95 10.23 27.91
C SER A 316 10.72 9.45 27.50
N ALA A 317 9.55 10.00 27.80
CA ALA A 317 8.28 9.32 27.60
C ALA A 317 7.90 9.16 26.12
N THR A 318 8.54 9.92 25.23
CA THR A 318 8.31 9.68 23.80
C THR A 318 8.78 8.28 23.38
N GLY A 319 9.66 7.66 24.15
CA GLY A 319 10.29 6.43 23.71
C GLY A 319 11.35 6.62 22.62
N LYS A 320 11.63 7.87 22.25
CA LYS A 320 12.63 8.17 21.22
C LYS A 320 13.94 8.78 21.73
N LEU A 321 14.15 8.81 23.04
CA LEU A 321 15.40 9.36 23.58
C LEU A 321 16.57 8.45 23.21
N SER A 322 17.43 8.93 22.34
CA SER A 322 18.49 8.12 21.80
C SER A 322 19.82 8.48 22.47
N VAL A 323 20.12 9.78 22.53
CA VAL A 323 21.26 10.25 23.31
C VAL A 323 20.83 11.41 24.23
N VAL A 324 21.26 11.39 25.48
CA VAL A 324 21.23 12.60 26.27
C VAL A 324 22.64 12.91 26.74
N GLU A 325 23.05 14.15 26.53
CA GLU A 325 24.34 14.61 27.03
C GLU A 325 24.09 15.78 27.97
N LEU A 326 24.86 15.83 29.03
CA LEU A 326 24.76 16.87 30.03
C LEU A 326 26.08 17.62 30.10
N ALA A 327 26.06 18.88 29.70
CA ALA A 327 27.27 19.68 29.53
C ALA A 327 27.47 20.75 30.60
N GLU A 328 28.74 21.14 30.77
CA GLU A 328 29.16 22.34 31.52
C GLU A 328 29.10 22.26 33.05
N LEU A 329 29.05 21.06 33.60
CA LEU A 329 29.35 20.87 35.00
C LEU A 329 30.80 21.26 35.29
N ASN A 330 31.01 22.13 36.28
CA ASN A 330 32.36 22.48 36.70
C ASN A 330 32.45 22.48 38.23
N PRO A 331 32.85 21.35 38.82
CA PRO A 331 32.94 21.24 40.26
C PRO A 331 34.10 22.05 40.86
N LEU A 332 34.89 22.71 40.04
CA LEU A 332 35.95 23.57 40.54
C LEU A 332 35.43 24.98 40.74
N LEU A 333 34.18 25.22 40.36
CA LEU A 333 33.54 26.53 40.54
C LEU A 333 32.57 26.52 41.72
N GLY A 334 32.64 27.57 42.53
CA GLY A 334 31.71 27.76 43.64
C GLY A 334 32.11 27.07 44.94
N SER A 335 31.30 27.27 45.97
CA SER A 335 31.56 26.62 47.26
C SER A 335 31.32 25.13 47.16
N GLN A 336 31.68 24.42 48.22
CA GLN A 336 31.40 23.01 48.34
C GLN A 336 29.90 22.72 48.27
N GLU A 337 29.09 23.55 48.93
CA GLU A 337 27.65 23.39 48.85
C GLU A 337 27.11 23.71 47.44
N ASP A 338 27.70 24.68 46.76
CA ASP A 338 27.38 24.93 45.35
C ASP A 338 27.56 23.69 44.47
N VAL A 339 28.69 23.02 44.65
CA VAL A 339 29.02 21.81 43.90
C VAL A 339 27.98 20.72 44.21
N LEU A 340 27.61 20.59 45.48
CA LEU A 340 26.63 19.58 45.87
C LEU A 340 25.25 19.85 45.27
N LYS A 341 24.84 21.11 45.21
CA LYS A 341 23.55 21.48 44.61
C LYS A 341 23.53 21.17 43.11
N THR A 342 24.64 21.49 42.44
CA THR A 342 24.76 21.29 41.00
C THR A 342 24.76 19.78 40.71
N GLN A 343 25.51 19.04 41.52
CA GLN A 343 25.59 17.59 41.39
C GLN A 343 24.19 16.96 41.49
N SER A 344 23.42 17.35 42.51
CA SER A 344 22.14 16.69 42.73
C SER A 344 21.13 17.10 41.68
N SER A 345 21.19 18.35 41.21
CA SER A 345 20.36 18.78 40.09
C SER A 345 20.64 17.93 38.87
N ALA A 346 21.92 17.72 38.59
CA ALA A 346 22.33 16.88 37.46
C ALA A 346 21.79 15.46 37.61
N VAL A 347 21.88 14.91 38.82
CA VAL A 347 21.44 13.54 39.05
C VAL A 347 19.93 13.40 38.80
N HIS A 348 19.15 14.31 39.35
CA HIS A 348 17.70 14.28 39.14
C HIS A 348 17.32 14.49 37.69
N ILE A 349 18.02 15.39 37.00
CA ILE A 349 17.84 15.55 35.58
C ILE A 349 18.09 14.22 34.81
N LEU A 350 19.23 13.62 35.03
CA LEU A 350 19.60 12.39 34.33
C LEU A 350 18.66 11.24 34.64
N ARG A 351 18.23 11.13 35.89
CA ARG A 351 17.25 10.13 36.25
C ARG A 351 15.95 10.31 35.48
N ALA A 352 15.47 11.55 35.38
CA ALA A 352 14.25 11.82 34.62
C ALA A 352 14.43 11.33 33.18
N CYS A 353 15.61 11.61 32.61
CA CYS A 353 15.89 11.21 31.24
C CYS A 353 15.75 9.70 31.03
N LEU A 354 16.10 8.91 32.05
CA LEU A 354 16.04 7.47 31.91
C LEU A 354 14.68 6.90 32.33
N GLY A 355 13.74 7.78 32.66
CA GLY A 355 12.38 7.37 32.92
C GLY A 355 11.97 7.35 34.39
N HIS A 356 12.76 7.93 35.26
CA HIS A 356 12.33 7.98 36.65
C HIS A 356 11.02 8.76 36.77
N CSO A 357 10.12 8.25 37.59
CA CSO A 357 8.78 8.81 37.69
CB CSO A 357 7.72 7.74 37.38
SG CSO A 357 6.05 8.33 37.76
C CSO A 357 8.62 9.37 39.08
O CSO A 357 8.77 8.65 40.08
OD CSO A 357 5.40 9.21 36.37
N ARG A 358 8.35 10.67 39.17
CA ARG A 358 8.20 11.34 40.46
C ARG A 358 6.92 10.91 41.17
N SER A 359 5.99 10.31 40.43
CA SER A 359 4.76 9.77 41.01
C SER A 359 4.94 8.34 41.45
N GLY A 360 6.18 7.84 41.41
CA GLY A 360 6.50 6.57 42.02
C GLY A 360 6.60 5.39 41.05
N HIS A 361 7.31 4.35 41.48
CA HIS A 361 7.45 3.09 40.73
C HIS A 361 6.86 1.94 41.55
N LEU A 362 6.35 0.91 40.86
CA LEU A 362 5.85 -0.28 41.54
C LEU A 362 6.98 -1.25 41.85
N PRO A 363 6.84 -2.02 42.93
CA PRO A 363 7.94 -2.96 43.20
C PRO A 363 7.95 -4.11 42.20
N PHE A 364 9.11 -4.73 42.01
CA PHE A 364 9.21 -5.93 41.19
C PHE A 364 8.48 -7.08 41.89
N LYS A 365 8.84 -7.29 43.15
CA LYS A 365 8.20 -8.30 43.97
C LYS A 365 7.44 -7.62 45.10
N VAL A 366 6.16 -7.93 45.21
CA VAL A 366 5.37 -7.43 46.31
C VAL A 366 5.50 -8.35 47.52
N ARG A 367 5.98 -7.79 48.62
CA ARG A 367 6.21 -8.54 49.84
C ARG A 367 4.93 -8.75 50.64
N ASN A 368 4.84 -9.89 51.30
CA ASN A 368 3.69 -10.23 52.14
C ASN A 368 4.09 -10.92 53.44
N LEU A 369 3.46 -10.53 54.54
CA LEU A 369 3.82 -10.98 55.90
C LEU A 369 3.79 -12.49 56.08
N THR A 370 2.72 -13.11 55.59
CA THR A 370 2.50 -14.53 55.82
C THR A 370 3.64 -15.41 55.28
N ASP A 371 4.24 -15.00 54.17
CA ASP A 371 5.35 -15.74 53.58
C ASP A 371 6.51 -15.88 54.57
N GLN A 372 6.63 -14.91 55.46
CA GLN A 372 7.71 -14.92 56.43
C GLN A 372 7.29 -15.62 57.71
N GLY A 373 6.05 -16.08 57.76
CA GLY A 373 5.52 -16.76 58.93
C GLY A 373 5.29 -15.79 60.07
N ILE A 374 4.94 -14.55 59.72
CA ILE A 374 4.69 -13.50 60.71
C ILE A 374 3.19 -13.23 60.92
N MET A 375 2.78 -13.08 62.18
CA MET A 375 1.39 -12.78 62.52
C MET A 375 1.06 -11.30 62.35
N SER A 376 0.10 -11.00 61.50
CA SER A 376 -0.30 -9.61 61.27
C SER A 376 -1.26 -9.12 62.33
N ARG A 377 -1.49 -7.81 62.36
CA ARG A 377 -2.44 -7.24 63.31
C ARG A 377 -3.85 -7.71 62.94
N ALA A 378 -4.16 -7.65 61.66
CA ALA A 378 -5.45 -8.13 61.17
C ALA A 378 -5.66 -9.61 61.53
N ALA A 379 -4.66 -10.44 61.29
CA ALA A 379 -4.75 -11.88 61.58
C ALA A 379 -5.03 -12.12 63.05
N HIS A 380 -4.32 -11.38 63.90
CA HIS A 380 -4.43 -11.52 65.33
C HIS A 380 -5.81 -11.12 65.84
N MET A 381 -6.29 -10.00 65.36
CA MET A 381 -7.59 -9.51 65.71
C MET A 381 -8.66 -10.51 65.34
N GLN A 382 -8.43 -11.28 64.29
CA GLN A 382 -9.32 -12.36 63.98
C GLN A 382 -9.31 -13.44 65.03
N THR A 383 -8.13 -13.82 65.49
CA THR A 383 -7.99 -14.92 66.43
C THR A 383 -7.23 -14.54 67.70
N LYS B 39 4.14 17.47 1.58
CA LYS B 39 3.16 18.51 1.92
C LYS B 39 1.82 17.89 2.34
N LEU B 40 1.68 16.58 2.14
CA LEU B 40 0.47 15.88 2.57
C LEU B 40 0.80 14.62 3.37
N LEU B 41 0.24 14.56 4.57
CA LEU B 41 0.37 13.39 5.42
C LEU B 41 -0.27 12.14 4.79
N TYR B 42 -1.48 12.29 4.25
CA TYR B 42 -2.11 11.19 3.50
C TYR B 42 -2.40 11.69 2.09
N THR B 43 -1.75 11.08 1.09
CA THR B 43 -1.95 11.54 -0.29
C THR B 43 -3.10 10.80 -0.96
N SER B 44 -3.45 9.62 -0.47
CA SER B 44 -4.67 9.00 -0.96
C SER B 44 -5.51 8.37 0.14
N ALA B 45 -6.77 8.09 -0.16
CA ALA B 45 -7.70 7.46 0.78
C ALA B 45 -8.76 6.64 0.06
N ASN B 46 -9.31 5.66 0.76
CA ASN B 46 -10.44 4.87 0.30
C ASN B 46 -11.76 5.28 0.96
N PHE B 47 -12.84 5.22 0.20
CA PHE B 47 -14.18 5.54 0.67
C PHE B 47 -15.10 4.33 0.52
N LEU B 48 -15.80 3.99 1.60
CA LEU B 48 -16.67 2.80 1.64
C LEU B 48 -17.98 3.10 2.37
N GLY B 49 -19.09 2.72 1.74
CA GLY B 49 -20.41 2.91 2.32
C GLY B 49 -20.93 1.63 2.96
N ILE B 50 -21.58 1.77 4.12
CA ILE B 50 -22.19 0.63 4.79
C ILE B 50 -23.57 1.04 5.31
N PRO B 51 -24.61 0.77 4.51
CA PRO B 51 -25.96 1.29 4.78
C PRO B 51 -26.76 0.47 5.81
N THR B 52 -26.13 0.15 6.94
CA THR B 52 -26.80 -0.57 8.00
C THR B 52 -28.00 0.16 8.57
N ASN B 53 -29.07 -0.59 8.76
CA ASN B 53 -30.30 -0.03 9.27
C ASN B 53 -31.05 -1.02 10.15
N ARG B 54 -30.44 -2.17 10.42
CA ARG B 54 -31.07 -3.16 11.29
C ARG B 54 -30.53 -3.10 12.71
N GLY B 55 -29.76 -2.06 13.02
CA GLY B 55 -29.23 -1.88 14.37
C GLY B 55 -30.13 -1.03 15.25
N GLN B 56 -31.13 -0.42 14.61
CA GLN B 56 -32.04 0.50 15.27
C GLN B 56 -33.29 0.68 14.39
N PRO B 57 -34.44 1.03 14.99
CA PRO B 57 -35.72 0.90 14.28
C PRO B 57 -36.10 2.05 13.33
N LYS B 58 -35.43 3.20 13.38
CA LYS B 58 -35.81 4.31 12.50
C LYS B 58 -35.22 4.15 11.12
N ILE B 59 -36.08 4.12 10.12
CA ILE B 59 -35.61 3.93 8.77
C ILE B 59 -34.89 5.20 8.28
N GLY B 60 -33.79 5.01 7.57
CA GLY B 60 -33.14 6.13 6.93
C GLY B 60 -31.63 6.13 7.04
N THR B 61 -31.08 5.41 8.01
CA THR B 61 -29.62 5.37 8.12
C THR B 61 -29.02 4.65 6.91
N TYR B 62 -29.81 3.88 6.17
CA TYR B 62 -29.30 3.26 4.94
C TYR B 62 -28.99 4.32 3.86
N GLN B 63 -29.47 5.55 4.05
CA GLN B 63 -29.23 6.62 3.07
C GLN B 63 -28.01 7.46 3.43
N GLY B 64 -27.39 7.13 4.56
CA GLY B 64 -26.19 7.82 4.99
C GLY B 64 -25.07 7.94 3.96
N PRO B 65 -24.67 6.82 3.35
CA PRO B 65 -23.60 6.88 2.37
C PRO B 65 -23.94 7.80 1.20
N GLU B 66 -25.14 7.70 0.67
CA GLU B 66 -25.60 8.57 -0.41
C GLU B 66 -25.64 10.06 -0.02
N LEU B 67 -25.96 10.35 1.23
CA LEU B 67 -25.96 11.74 1.68
C LEU B 67 -24.55 12.35 1.51
N ILE B 68 -23.52 11.54 1.73
CA ILE B 68 -22.17 12.04 1.58
C ILE B 68 -21.72 12.05 0.10
N ARG B 69 -22.06 11.00 -0.65
CA ARG B 69 -21.79 10.99 -2.09
C ARG B 69 -22.45 12.17 -2.83
N LYS B 70 -23.67 12.53 -2.44
CA LYS B 70 -24.37 13.69 -3.03
C LYS B 70 -23.82 15.04 -2.61
N SER B 71 -23.00 15.07 -1.58
CA SER B 71 -22.45 16.33 -1.09
C SER B 71 -21.27 16.73 -1.97
N ASN B 72 -20.59 17.81 -1.61
CA ASN B 72 -19.36 18.18 -2.30
C ASN B 72 -18.12 17.57 -1.65
N PHE B 73 -18.28 16.56 -0.79
CA PHE B 73 -17.15 15.93 -0.11
C PHE B 73 -16.01 15.53 -1.04
N PHE B 74 -16.33 14.75 -2.08
CA PHE B 74 -15.32 14.29 -3.02
C PHE B 74 -14.59 15.45 -3.71
N GLN B 75 -15.34 16.44 -4.13
CA GLN B 75 -14.76 17.61 -4.78
C GLN B 75 -13.82 18.34 -3.83
N LEU B 76 -14.26 18.55 -2.59
CA LEU B 76 -13.47 19.32 -1.63
C LEU B 76 -12.16 18.63 -1.27
N VAL B 77 -12.21 17.30 -1.20
CA VAL B 77 -11.05 16.49 -0.87
C VAL B 77 -10.04 16.57 -2.01
N ALA B 78 -10.54 16.43 -3.24
CA ALA B 78 -9.71 16.53 -4.42
C ALA B 78 -9.04 17.91 -4.51
N GLU B 79 -9.75 18.98 -4.17
CA GLU B 79 -9.18 20.32 -4.21
CA GLU B 79 -9.18 20.33 -4.20
C GLU B 79 -8.02 20.47 -3.21
N ASP B 80 -7.96 19.61 -2.19
CA ASP B 80 -6.83 19.64 -1.26
C ASP B 80 -5.71 18.73 -1.72
N GLY B 81 -5.89 18.11 -2.88
CA GLY B 81 -4.86 17.29 -3.50
C GLY B 81 -4.83 15.84 -3.07
N ILE B 82 -5.90 15.38 -2.43
CA ILE B 82 -5.96 13.98 -1.98
C ILE B 82 -6.69 13.15 -3.00
N GLN B 83 -6.14 11.98 -3.34
CA GLN B 83 -6.81 11.06 -4.25
C GLN B 83 -7.77 10.11 -3.51
N LEU B 84 -9.07 10.31 -3.71
CA LEU B 84 -10.08 9.49 -3.03
C LEU B 84 -10.69 8.44 -3.96
N THR B 85 -10.57 7.17 -3.59
CA THR B 85 -11.11 6.08 -4.38
C THR B 85 -12.38 5.54 -3.76
N ASP B 86 -13.51 5.68 -4.46
CA ASP B 86 -14.77 5.09 -4.06
C ASP B 86 -14.75 3.56 -4.17
N CYS B 87 -14.80 2.85 -3.05
CA CYS B 87 -14.80 1.41 -3.09
C CYS B 87 -16.20 0.80 -3.02
N GLY B 88 -17.22 1.61 -3.24
CA GLY B 88 -18.58 1.09 -3.30
C GLY B 88 -19.25 1.00 -1.94
N ASP B 89 -20.30 0.17 -1.85
CA ASP B 89 -21.03 -0.09 -0.63
C ASP B 89 -20.97 -1.57 -0.28
N ILE B 90 -20.96 -1.88 1.01
CA ILE B 90 -21.25 -3.24 1.45
C ILE B 90 -22.76 -3.45 1.40
N ILE B 91 -23.21 -4.64 1.06
CA ILE B 91 -24.64 -4.93 1.10
C ILE B 91 -24.94 -5.67 2.40
N PRO B 92 -25.63 -5.00 3.34
CA PRO B 92 -25.97 -5.64 4.62
C PRO B 92 -26.90 -6.83 4.43
N VAL B 93 -26.77 -7.80 5.30
CA VAL B 93 -27.70 -8.91 5.30
C VAL B 93 -28.93 -8.49 6.09
N GLU B 94 -30.07 -8.46 5.43
CA GLU B 94 -31.29 -8.03 6.07
C GLU B 94 -32.34 -9.14 5.98
N LEU B 95 -32.38 -9.98 6.99
CA LEU B 95 -33.26 -11.14 6.96
C LEU B 95 -34.71 -10.71 7.03
N ASN B 96 -35.61 -11.59 6.60
CA ASN B 96 -37.03 -11.35 6.75
C ASN B 96 -37.36 -11.53 8.23
N GLU B 97 -38.35 -10.79 8.74
CA GLU B 97 -38.68 -10.85 10.18
C GLU B 97 -38.84 -12.28 10.72
N ALA B 98 -39.41 -13.17 9.91
CA ALA B 98 -39.67 -14.55 10.34
C ALA B 98 -38.39 -15.36 10.45
N GLU B 99 -37.37 -14.96 9.68
CA GLU B 99 -36.06 -15.58 9.75
C GLU B 99 -35.25 -15.13 10.96
N ASP B 100 -35.65 -14.03 11.60
CA ASP B 100 -34.79 -13.37 12.59
C ASP B 100 -35.58 -12.97 13.83
N PRO B 101 -36.11 -13.93 14.58
CA PRO B 101 -36.86 -13.56 15.79
C PRO B 101 -35.95 -13.03 16.89
N GLN B 102 -36.51 -12.36 17.89
CA GLN B 102 -35.71 -11.87 19.01
C GLN B 102 -35.07 -13.02 19.75
N ARG B 103 -33.81 -12.82 20.15
CA ARG B 103 -33.08 -13.77 20.98
C ARG B 103 -32.39 -12.96 22.06
N PHE B 104 -32.65 -13.32 23.31
CA PHE B 104 -32.10 -12.63 24.47
C PHE B 104 -32.43 -11.14 24.39
N GLY B 105 -33.64 -10.85 23.96
CA GLY B 105 -34.11 -9.48 23.84
C GLY B 105 -33.60 -8.72 22.63
N MET B 106 -32.59 -9.27 21.96
CA MET B 106 -31.96 -8.60 20.82
C MET B 106 -32.83 -8.58 19.58
N LYS B 107 -32.89 -7.44 18.92
CA LYS B 107 -33.63 -7.33 17.68
C LYS B 107 -32.70 -7.48 16.49
N TRP B 108 -33.11 -8.32 15.54
CA TRP B 108 -32.36 -8.58 14.33
C TRP B 108 -30.93 -9.10 14.59
N SER B 109 -30.76 -10.00 15.56
CA SER B 109 -29.43 -10.43 15.92
C SER B 109 -28.77 -11.32 14.89
N ARG B 110 -29.54 -12.01 14.06
CA ARG B 110 -28.91 -12.87 13.07
C ARG B 110 -28.58 -12.06 11.82
N SER B 111 -29.41 -11.07 11.50
CA SER B 111 -28.99 -10.09 10.50
C SER B 111 -27.66 -9.47 10.93
N PHE B 112 -27.55 -9.13 12.22
CA PHE B 112 -26.33 -8.54 12.78
C PHE B 112 -25.10 -9.44 12.63
N SER B 113 -25.20 -10.70 13.07
CA SER B 113 -24.04 -11.59 13.01
C SER B 113 -23.63 -11.85 11.57
N LEU B 114 -24.59 -12.06 10.69
CA LEU B 114 -24.28 -12.26 9.29
C LEU B 114 -23.70 -11.00 8.64
N THR B 115 -24.27 -9.84 8.94
CA THR B 115 -23.73 -8.59 8.43
C THR B 115 -22.33 -8.29 8.96
N THR B 116 -22.10 -8.60 10.24
CA THR B 116 -20.82 -8.35 10.89
C THR B 116 -19.68 -9.10 10.18
N LEU B 117 -19.91 -10.39 9.91
CA LEU B 117 -18.92 -11.21 9.22
C LEU B 117 -18.66 -10.70 7.79
N ARG B 118 -19.72 -10.33 7.07
CA ARG B 118 -19.57 -9.78 5.73
C ARG B 118 -18.80 -8.45 5.74
N ILE B 119 -19.12 -7.58 6.69
CA ILE B 119 -18.38 -6.32 6.82
C ILE B 119 -16.90 -6.59 7.11
N ALA B 120 -16.64 -7.50 8.05
CA ALA B 120 -15.27 -7.72 8.51
C ALA B 120 -14.40 -8.25 7.39
N GLU B 121 -14.98 -9.11 6.57
CA GLU B 121 -14.25 -9.69 5.44
C GLU B 121 -13.80 -8.60 4.47
N ARG B 122 -14.73 -7.71 4.10
CA ARG B 122 -14.41 -6.66 3.14
C ARG B 122 -13.42 -5.65 3.70
N VAL B 123 -13.57 -5.28 4.97
CA VAL B 123 -12.68 -4.30 5.57
C VAL B 123 -11.28 -4.87 5.70
N GLU B 124 -11.19 -6.14 6.10
CA GLU B 124 -9.90 -6.79 6.17
C GLU B 124 -9.22 -6.75 4.80
N GLU B 125 -9.99 -7.01 3.75
CA GLU B 125 -9.43 -7.02 2.40
C GLU B 125 -8.95 -5.63 1.99
N LEU B 126 -9.71 -4.60 2.35
CA LEU B 126 -9.28 -3.24 2.06
C LEU B 126 -8.04 -2.86 2.86
N MET B 127 -7.94 -3.30 4.11
CA MET B 127 -6.80 -2.91 4.92
C MET B 127 -5.52 -3.62 4.48
N LYS B 128 -5.64 -4.88 4.05
CA LYS B 128 -4.49 -5.66 3.61
C LYS B 128 -4.06 -5.30 2.21
N GLN B 129 -4.93 -4.66 1.46
CA GLN B 129 -4.59 -4.25 0.11
C GLN B 129 -3.64 -3.06 0.19
N SER B 130 -3.82 -2.26 1.24
CA SER B 130 -3.05 -1.04 1.43
C SER B 130 -2.17 -1.12 2.67
N LYS B 141 4.09 6.38 3.74
CA LYS B 141 2.78 6.89 4.14
C LYS B 141 1.81 5.74 4.35
N SER B 142 0.51 6.02 4.20
CA SER B 142 -0.54 5.04 4.43
C SER B 142 -1.88 5.54 3.92
N THR B 143 -2.79 4.62 3.60
CA THR B 143 -4.05 4.95 2.97
C THR B 143 -5.24 4.74 3.91
N PRO B 144 -5.75 5.82 4.51
CA PRO B 144 -6.86 5.63 5.43
C PRO B 144 -8.14 5.19 4.74
N LEU B 145 -8.92 4.40 5.44
CA LEU B 145 -10.23 4.01 4.95
C LEU B 145 -11.30 4.88 5.61
N VAL B 146 -12.10 5.56 4.80
CA VAL B 146 -13.21 6.36 5.27
C VAL B 146 -14.50 5.56 5.11
N ILE B 147 -15.18 5.28 6.21
CA ILE B 147 -16.44 4.53 6.17
C ILE B 147 -17.63 5.40 6.57
N VAL B 148 -18.66 5.43 5.72
CA VAL B 148 -19.86 6.16 6.08
C VAL B 148 -21.04 5.20 6.28
N GLY B 149 -21.61 5.21 7.49
CA GLY B 149 -22.79 4.43 7.82
C GLY B 149 -24.07 5.11 7.36
N GLY B 150 -25.22 4.52 7.67
CA GLY B 150 -25.31 3.30 8.44
C GLY B 150 -25.38 3.55 9.94
N ASP B 151 -26.23 2.79 10.64
CA ASP B 151 -26.25 2.88 12.09
C ASP B 151 -24.99 2.21 12.64
N HIS B 152 -24.69 2.47 13.92
CA HIS B 152 -23.42 2.14 14.54
C HIS B 152 -23.19 0.64 14.82
N SER B 153 -24.20 -0.21 14.60
CA SER B 153 -24.01 -1.67 14.73
C SER B 153 -22.92 -2.16 13.78
N MET B 154 -22.68 -1.43 12.70
CA MET B 154 -21.64 -1.78 11.75
C MET B 154 -20.24 -1.87 12.38
N ALA B 155 -20.04 -1.22 13.53
CA ALA B 155 -18.69 -1.09 14.08
C ALA B 155 -18.12 -2.43 14.57
N THR B 156 -18.99 -3.37 14.94
CA THR B 156 -18.50 -4.69 15.32
C THR B 156 -17.78 -5.29 14.11
N GLY B 157 -18.37 -5.12 12.94
CA GLY B 157 -17.80 -5.65 11.73
C GLY B 157 -16.58 -4.89 11.27
N THR B 158 -16.65 -3.56 11.29
CA THR B 158 -15.50 -2.79 10.78
C THR B 158 -14.28 -2.99 11.66
N ILE B 159 -14.47 -3.01 12.97
CA ILE B 159 -13.34 -3.15 13.87
C ILE B 159 -12.76 -4.57 13.79
N LEU B 160 -13.63 -5.57 13.74
CA LEU B 160 -13.18 -6.96 13.58
C LEU B 160 -12.26 -7.15 12.35
N GLY B 161 -12.72 -6.67 11.20
CA GLY B 161 -11.95 -6.73 9.97
C GLY B 161 -10.67 -5.93 10.07
N HIS B 162 -10.77 -4.76 10.70
CA HIS B 162 -9.64 -3.87 10.88
C HIS B 162 -8.59 -4.53 11.78
N ALA B 163 -9.02 -5.07 12.91
CA ALA B 163 -8.13 -5.75 13.85
C ALA B 163 -7.49 -6.99 13.24
N GLU B 164 -8.19 -7.61 12.29
CA GLU B 164 -7.67 -8.78 11.64
C GLU B 164 -6.43 -8.36 10.83
N ALA B 165 -6.47 -7.19 10.21
CA ALA B 165 -5.29 -6.67 9.53
C ALA B 165 -4.29 -6.04 10.49
N LYS B 166 -4.77 -5.38 11.54
CA LYS B 166 -3.90 -4.65 12.45
C LYS B 166 -4.29 -4.94 13.89
N PRO B 167 -3.80 -6.05 14.43
CA PRO B 167 -4.25 -6.58 15.70
C PRO B 167 -3.96 -5.69 16.91
N ASP B 168 -2.98 -4.80 16.82
CA ASP B 168 -2.65 -3.93 17.95
C ASP B 168 -3.27 -2.53 17.87
N LEU B 169 -4.29 -2.34 17.03
CA LEU B 169 -4.92 -1.05 16.87
C LEU B 169 -5.53 -0.52 18.17
N CYS B 170 -5.78 0.78 18.23
CA CYS B 170 -6.57 1.33 19.31
C CYS B 170 -7.85 1.90 18.74
N VAL B 171 -8.82 2.15 19.61
CA VAL B 171 -10.11 2.65 19.17
C VAL B 171 -10.45 3.96 19.92
N LEU B 172 -10.79 4.98 19.17
CA LEU B 172 -11.31 6.21 19.73
C LEU B 172 -12.77 6.26 19.40
N TRP B 173 -13.62 6.23 20.41
CA TRP B 173 -15.07 6.16 20.23
C TRP B 173 -15.72 7.51 20.58
N ILE B 174 -16.19 8.23 19.59
CA ILE B 174 -16.74 9.57 19.75
C ILE B 174 -18.26 9.49 19.67
N ASP B 175 -18.92 9.72 20.79
CA ASP B 175 -20.30 9.32 20.93
C ASP B 175 -20.94 9.94 22.16
N ALA B 176 -22.22 10.26 22.05
CA ALA B 176 -22.98 10.60 23.24
C ALA B 176 -23.22 9.38 24.12
N HIS B 177 -23.15 8.19 23.50
CA HIS B 177 -23.54 6.91 24.13
C HIS B 177 -22.39 5.90 24.22
N GLY B 178 -22.50 4.94 25.13
CA GLY B 178 -21.44 3.97 25.33
C GLY B 178 -21.38 2.91 24.23
N ASP B 179 -22.51 2.62 23.61
CA ASP B 179 -22.62 1.52 22.65
C ASP B 179 -21.99 0.20 23.13
N ILE B 180 -22.06 -0.07 24.44
CA ILE B 180 -21.32 -1.18 25.01
C ILE B 180 -22.20 -1.97 25.96
N ASN B 181 -23.51 -1.80 25.81
CA ASN B 181 -24.44 -2.65 26.52
C ASN B 181 -24.24 -4.10 26.09
N THR B 182 -24.23 -4.99 27.07
CA THR B 182 -24.27 -6.42 26.78
C THR B 182 -25.74 -6.80 26.66
N PRO B 183 -26.05 -7.87 25.89
CA PRO B 183 -27.43 -8.13 25.48
C PRO B 183 -28.45 -8.18 26.61
N LEU B 184 -28.14 -8.83 27.74
CA LEU B 184 -29.15 -8.95 28.77
C LEU B 184 -29.38 -7.64 29.55
N ASN B 185 -28.54 -6.63 29.34
CA ASN B 185 -28.75 -5.36 30.00
C ASN B 185 -29.42 -4.30 29.12
N SER B 186 -29.51 -4.56 27.82
CA SER B 186 -30.08 -3.58 26.92
C SER B 186 -31.58 -3.39 27.17
N ALA B 187 -31.96 -2.18 27.53
CA ALA B 187 -33.39 -1.87 27.66
C ALA B 187 -34.10 -1.82 26.30
N SER B 188 -33.36 -1.59 25.23
CA SER B 188 -33.98 -1.34 23.94
C SER B 188 -34.00 -2.56 23.03
N GLY B 189 -33.01 -3.43 23.18
CA GLY B 189 -32.79 -4.52 22.24
C GLY B 189 -32.17 -4.06 20.92
N ASN B 190 -31.83 -2.78 20.82
CA ASN B 190 -31.27 -2.26 19.57
C ASN B 190 -29.76 -2.53 19.46
N MET B 191 -29.34 -3.25 18.41
CA MET B 191 -27.96 -3.66 18.23
C MET B 191 -26.96 -2.48 18.10
N HIS B 192 -27.40 -1.31 17.62
CA HIS B 192 -26.48 -0.17 17.56
C HIS B 192 -26.05 0.28 18.97
N GLY B 193 -26.74 -0.18 20.01
CA GLY B 193 -26.34 0.11 21.38
C GLY B 193 -25.42 -0.93 22.01
N MET B 194 -25.06 -1.96 21.24
CA MET B 194 -24.21 -3.04 21.74
C MET B 194 -22.91 -3.38 20.96
N PRO B 195 -22.53 -2.60 19.91
CA PRO B 195 -21.44 -3.14 19.10
C PRO B 195 -20.13 -3.42 19.83
N LEU B 196 -19.77 -2.63 20.83
CA LEU B 196 -18.49 -2.84 21.50
C LEU B 196 -18.47 -4.06 22.43
N SER B 197 -19.61 -4.43 22.99
CA SER B 197 -19.64 -5.51 23.97
C SER B 197 -19.18 -6.85 23.36
N PHE B 198 -19.47 -7.10 22.08
CA PHE B 198 -19.00 -8.33 21.41
C PHE B 198 -17.51 -8.32 21.10
N LEU B 199 -16.88 -7.14 21.14
CA LEU B 199 -15.49 -7.01 20.77
C LEU B 199 -14.56 -7.04 21.97
N VAL B 200 -15.05 -6.66 23.13
CA VAL B 200 -14.17 -6.42 24.25
C VAL B 200 -13.93 -7.72 25.01
N LYS B 201 -12.68 -8.15 25.08
CA LYS B 201 -12.34 -9.44 25.69
C LYS B 201 -12.84 -9.56 27.12
N GLU B 202 -12.80 -8.47 27.88
CA GLU B 202 -13.08 -8.56 29.29
C GLU B 202 -14.59 -8.70 29.57
N LEU B 203 -15.42 -8.61 28.54
CA LEU B 203 -16.87 -8.70 28.74
C LEU B 203 -17.48 -10.03 28.26
N GLN B 204 -16.65 -10.99 27.87
CA GLN B 204 -17.17 -12.16 27.20
C GLN B 204 -17.96 -13.11 28.10
N ASP B 205 -17.79 -12.99 29.42
CA ASP B 205 -18.64 -13.76 30.31
C ASP B 205 -20.01 -13.09 30.49
N GLN B 206 -20.24 -11.99 29.78
CA GLN B 206 -21.52 -11.29 29.84
C GLN B 206 -22.30 -11.38 28.53
N ILE B 207 -21.65 -11.88 27.48
CA ILE B 207 -22.33 -12.15 26.22
C ILE B 207 -22.89 -13.58 26.17
N PRO B 208 -24.21 -13.73 26.01
CA PRO B 208 -24.79 -15.07 25.91
C PRO B 208 -24.30 -15.79 24.67
N TRP B 209 -23.99 -17.07 24.82
CA TRP B 209 -23.54 -17.86 23.70
C TRP B 209 -24.63 -18.07 22.66
N LEU B 210 -24.31 -17.78 21.42
CA LEU B 210 -25.20 -18.07 20.29
C LEU B 210 -24.34 -18.60 19.17
N ASP B 211 -24.72 -19.75 18.61
CA ASP B 211 -23.88 -20.42 17.61
C ASP B 211 -23.49 -19.53 16.44
N ASP B 212 -24.40 -18.69 15.97
CA ASP B 212 -24.08 -17.88 14.79
C ASP B 212 -23.13 -16.73 15.13
N PHE B 213 -22.84 -16.53 16.40
CA PHE B 213 -21.87 -15.51 16.83
C PHE B 213 -20.47 -16.08 17.03
N GLU B 214 -20.29 -17.36 16.74
CA GLU B 214 -18.99 -17.98 16.98
C GLU B 214 -17.86 -17.29 16.22
N GLY B 215 -18.12 -16.90 14.98
CA GLY B 215 -17.10 -16.24 14.17
C GLY B 215 -16.79 -14.82 14.56
N ILE B 216 -17.62 -14.22 15.41
CA ILE B 216 -17.35 -12.87 15.89
C ILE B 216 -16.45 -12.96 17.10
N LYS B 217 -15.16 -12.81 16.84
CA LYS B 217 -14.14 -13.05 17.83
C LYS B 217 -13.72 -11.75 18.49
N PRO B 218 -13.81 -11.69 19.82
CA PRO B 218 -13.38 -10.54 20.62
C PRO B 218 -11.95 -10.17 20.29
N CYS B 219 -11.71 -8.94 19.87
CA CYS B 219 -10.38 -8.55 19.39
C CYS B 219 -9.81 -7.31 20.08
N LEU B 220 -10.53 -6.80 21.08
CA LEU B 220 -10.07 -5.60 21.77
C LEU B 220 -9.92 -5.87 23.26
N ASN B 221 -8.87 -5.33 23.85
CA ASN B 221 -8.80 -5.23 25.30
C ASN B 221 -9.38 -3.89 25.75
N ALA B 222 -9.92 -3.86 26.96
CA ALA B 222 -10.50 -2.66 27.51
C ALA B 222 -9.48 -1.51 27.49
N SER B 223 -8.20 -1.83 27.65
CA SER B 223 -7.14 -0.83 27.65
C SER B 223 -6.89 -0.16 26.28
N ASN B 224 -7.53 -0.64 25.22
CA ASN B 224 -7.29 -0.11 23.87
C ASN B 224 -8.35 0.87 23.38
N ILE B 225 -9.32 1.18 24.22
CA ILE B 225 -10.47 2.01 23.86
C ILE B 225 -10.50 3.29 24.70
N ALA B 226 -10.77 4.41 24.06
CA ALA B 226 -11.07 5.66 24.77
C ALA B 226 -12.30 6.31 24.18
N TYR B 227 -13.18 6.78 25.04
CA TYR B 227 -14.38 7.48 24.65
C TYR B 227 -14.21 8.99 24.72
N ILE B 228 -14.81 9.74 23.81
CA ILE B 228 -14.98 11.17 24.00
C ILE B 228 -16.42 11.57 23.66
N GLY B 229 -17.03 12.39 24.50
CA GLY B 229 -18.29 13.03 24.21
C GLY B 229 -19.50 12.47 24.91
N LEU B 230 -19.30 11.47 25.77
CA LEU B 230 -20.41 10.79 26.44
C LEU B 230 -21.30 11.70 27.30
N ARG B 231 -22.60 11.51 27.20
CA ARG B 231 -23.54 12.24 28.04
C ARG B 231 -24.83 11.46 28.28
N ASP B 232 -24.94 10.24 27.77
CA ASP B 232 -26.15 9.47 28.02
C ASP B 232 -25.86 7.97 28.20
N LEU B 233 -24.89 7.68 29.06
CA LEU B 233 -24.56 6.30 29.44
C LEU B 233 -25.66 5.60 30.22
N ASP B 234 -25.93 4.34 29.91
CA ASP B 234 -26.76 3.53 30.80
C ASP B 234 -25.94 3.07 32.02
N ALA B 235 -26.62 2.81 33.13
CA ALA B 235 -25.92 2.49 34.36
C ALA B 235 -25.03 1.25 34.24
N HIS B 236 -25.50 0.25 33.51
CA HIS B 236 -24.67 -0.93 33.34
C HIS B 236 -23.47 -0.68 32.44
N GLU B 237 -23.57 0.28 31.51
CA GLU B 237 -22.39 0.66 30.72
C GLU B 237 -21.36 1.32 31.63
N THR B 238 -21.82 2.26 32.46
CA THR B 238 -20.97 2.95 33.43
C THR B 238 -20.24 1.95 34.31
N HIS B 239 -20.97 0.93 34.76
CA HIS B 239 -20.38 -0.09 35.60
C HIS B 239 -19.24 -0.84 34.89
N ASP B 240 -19.51 -1.36 33.70
CA ASP B 240 -18.48 -2.04 32.92
C ASP B 240 -17.33 -1.15 32.54
N ILE B 241 -17.61 0.10 32.21
CA ILE B 241 -16.56 1.00 31.78
C ILE B 241 -15.60 1.28 32.95
N ARG B 242 -16.16 1.53 34.13
CA ARG B 242 -15.33 1.80 35.28
C ARG B 242 -14.63 0.53 35.81
N LYS B 243 -15.36 -0.59 35.82
CA LYS B 243 -14.79 -1.86 36.31
C LYS B 243 -13.56 -2.28 35.52
N HIS B 244 -13.61 -2.14 34.20
CA HIS B 244 -12.50 -2.61 33.39
C HIS B 244 -11.54 -1.49 32.97
N GLY B 245 -11.65 -0.33 33.60
CA GLY B 245 -10.72 0.75 33.32
C GLY B 245 -10.70 1.24 31.88
N ILE B 246 -11.86 1.27 31.22
CA ILE B 246 -11.89 1.87 29.91
C ILE B 246 -11.77 3.38 30.05
N ALA B 247 -10.77 3.97 29.40
CA ALA B 247 -10.61 5.43 29.42
C ALA B 247 -11.84 6.09 28.78
N TYR B 248 -12.35 7.12 29.44
CA TYR B 248 -13.55 7.78 28.94
C TYR B 248 -13.62 9.25 29.36
N PHE B 249 -13.97 10.10 28.41
CA PHE B 249 -14.03 11.54 28.66
C PHE B 249 -15.42 12.03 28.28
N THR B 250 -16.22 12.33 29.28
CA THR B 250 -17.59 12.71 29.03
C THR B 250 -17.67 14.22 28.72
N MET B 251 -18.88 14.73 28.50
CA MET B 251 -19.07 16.15 28.26
C MET B 251 -18.74 16.94 29.53
N LEU B 252 -18.87 16.31 30.69
CA LEU B 252 -18.43 16.96 31.93
C LEU B 252 -16.91 17.17 31.90
N ASP B 253 -16.17 16.14 31.49
CA ASP B 253 -14.71 16.25 31.34
C ASP B 253 -14.35 17.31 30.27
N VAL B 254 -15.08 17.33 29.15
CA VAL B 254 -14.86 18.35 28.16
C VAL B 254 -15.10 19.78 28.73
N ASP B 255 -16.19 19.97 29.48
CA ASP B 255 -16.43 21.26 30.14
C ASP B 255 -15.29 21.63 31.13
N ARG B 256 -14.87 20.67 31.96
CA ARG B 256 -13.89 21.01 32.99
C ARG B 256 -12.46 21.06 32.47
N MET B 257 -12.10 20.22 31.51
CA MET B 257 -10.72 20.14 31.03
C MET B 257 -10.46 20.93 29.76
N GLY B 258 -11.51 21.13 28.96
CA GLY B 258 -11.35 21.68 27.61
C GLY B 258 -11.01 20.53 26.65
N ILE B 259 -11.45 20.66 25.41
CA ILE B 259 -11.28 19.59 24.42
C ILE B 259 -9.79 19.35 24.09
N GLU B 260 -8.95 20.38 24.18
CA GLU B 260 -7.55 20.21 23.84
C GLU B 260 -6.92 19.19 24.79
N ALA B 261 -7.19 19.35 26.08
CA ALA B 261 -6.61 18.45 27.07
C ALA B 261 -7.30 17.07 27.03
N VAL B 262 -8.58 17.04 26.67
CA VAL B 262 -9.30 15.76 26.54
C VAL B 262 -8.68 14.91 25.42
N ILE B 263 -8.41 15.55 24.28
CA ILE B 263 -7.82 14.87 23.14
C ILE B 263 -6.43 14.32 23.47
N LYS B 264 -5.64 15.13 24.17
CA LYS B 264 -4.31 14.73 24.58
C LYS B 264 -4.35 13.51 25.52
N GLU B 265 -5.22 13.56 26.52
CA GLU B 265 -5.31 12.48 27.49
C GLU B 265 -5.89 11.21 26.86
N ALA B 266 -6.80 11.36 25.90
CA ALA B 266 -7.36 10.18 25.24
C ALA B 266 -6.26 9.48 24.44
N LEU B 267 -5.47 10.24 23.69
CA LEU B 267 -4.42 9.67 22.86
C LEU B 267 -3.34 9.06 23.75
N LEU B 268 -3.06 9.73 24.86
CA LEU B 268 -2.10 9.26 25.83
C LEU B 268 -2.56 7.93 26.45
N ALA B 269 -3.83 7.85 26.82
CA ALA B 269 -4.39 6.64 27.42
C ALA B 269 -4.32 5.38 26.52
N VAL B 270 -4.55 5.51 25.22
CA VAL B 270 -4.59 4.29 24.38
C VAL B 270 -3.55 4.25 23.25
N ASN B 271 -2.87 5.37 23.00
CA ASN B 271 -1.84 5.39 21.97
C ASN B 271 -0.65 6.28 22.38
N PRO B 272 -0.03 6.00 23.54
CA PRO B 272 0.86 6.99 24.18
C PRO B 272 2.11 7.40 23.39
N ARG B 273 2.62 6.55 22.51
CA ARG B 273 3.78 6.98 21.73
C ARG B 273 3.47 6.92 20.25
N LEU B 274 2.19 7.01 19.91
CA LEU B 274 1.72 6.98 18.52
C LEU B 274 2.26 5.73 17.80
N GLU B 275 2.37 4.63 18.54
CA GLU B 275 2.84 3.38 17.98
C GLU B 275 1.72 2.61 17.29
N LYS B 276 0.47 2.91 17.61
CA LYS B 276 -0.65 2.08 17.14
C LYS B 276 -1.50 2.73 16.06
N ALA B 277 -1.99 1.89 15.14
CA ALA B 277 -3.00 2.33 14.18
C ALA B 277 -4.25 2.76 14.93
N ILE B 278 -4.93 3.77 14.41
CA ILE B 278 -6.16 4.25 15.06
C ILE B 278 -7.39 3.94 14.23
N HIS B 279 -8.37 3.36 14.91
CA HIS B 279 -9.75 3.25 14.44
C HIS B 279 -10.57 4.35 15.11
N LEU B 280 -10.98 5.32 14.33
CA LEU B 280 -11.78 6.42 14.85
C LEU B 280 -13.24 6.15 14.52
N SER B 281 -14.04 5.90 15.54
CA SER B 281 -15.43 5.58 15.31
C SER B 281 -16.26 6.74 15.79
N PHE B 282 -16.77 7.50 14.83
CA PHE B 282 -17.42 8.77 15.11
C PHE B 282 -18.91 8.70 14.89
N ASP B 283 -19.67 8.71 15.98
CA ASP B 283 -21.12 8.81 15.92
C ASP B 283 -21.47 10.28 15.73
N ILE B 284 -22.23 10.58 14.68
CA ILE B 284 -22.59 11.97 14.41
C ILE B 284 -23.37 12.58 15.61
N ASP B 285 -24.03 11.76 16.42
CA ASP B 285 -24.76 12.31 17.56
C ASP B 285 -23.84 12.68 18.75
N ALA B 286 -22.55 12.47 18.60
CA ALA B 286 -21.62 13.03 19.57
C ALA B 286 -21.73 14.56 19.48
N LEU B 287 -21.93 15.06 18.27
CA LEU B 287 -22.12 16.50 18.04
C LEU B 287 -23.48 16.97 18.58
N ASP B 288 -23.52 18.23 19.00
CA ASP B 288 -24.77 18.84 19.46
C ASP B 288 -25.87 18.74 18.40
N PRO B 289 -27.11 18.46 18.82
CA PRO B 289 -28.28 18.45 17.93
C PRO B 289 -28.44 19.75 17.12
N LEU B 290 -27.94 20.87 17.63
CA LEU B 290 -27.99 22.13 16.89
C LEU B 290 -27.20 22.09 15.57
N VAL B 291 -26.14 21.29 15.49
CA VAL B 291 -25.42 21.17 14.23
C VAL B 291 -25.60 19.80 13.54
N ALA B 292 -26.12 18.81 14.26
CA ALA B 292 -26.38 17.51 13.65
C ALA B 292 -27.73 16.98 14.07
N PRO B 293 -28.81 17.67 13.66
CA PRO B 293 -30.14 17.24 14.13
C PRO B 293 -30.67 15.94 13.49
N SER B 294 -30.16 15.53 12.33
CA SER B 294 -30.76 14.39 11.61
C SER B 294 -30.10 13.08 12.01
N THR B 295 -30.47 12.60 13.19
CA THR B 295 -29.88 11.41 13.73
C THR B 295 -30.86 10.85 14.73
N GLY B 296 -30.87 9.53 14.89
CA GLY B 296 -31.95 8.88 15.62
C GLY B 296 -32.00 9.02 17.13
N THR B 297 -30.87 9.22 17.80
CA THR B 297 -30.86 9.34 19.25
C THR B 297 -30.05 10.59 19.69
N ALA B 298 -30.62 11.75 19.36
CA ALA B 298 -29.97 13.03 19.64
C ALA B 298 -30.03 13.35 21.12
N VAL B 299 -28.95 13.93 21.63
CA VAL B 299 -28.87 14.31 23.03
C VAL B 299 -28.29 15.72 23.16
N PRO B 300 -29.04 16.63 23.80
CA PRO B 300 -28.61 18.02 23.97
C PRO B 300 -27.29 18.14 24.75
N GLY B 301 -26.57 19.22 24.49
CA GLY B 301 -25.34 19.49 25.22
C GLY B 301 -24.13 18.74 24.68
N GLY B 302 -24.08 18.60 23.36
CA GLY B 302 -22.98 17.89 22.74
C GLY B 302 -21.77 18.71 22.38
N LEU B 303 -20.86 18.06 21.68
CA LEU B 303 -19.70 18.73 21.11
C LEU B 303 -20.14 19.80 20.11
N THR B 304 -19.51 20.97 20.18
CA THR B 304 -19.61 21.91 19.08
C THR B 304 -18.98 21.27 17.84
N LEU B 305 -19.35 21.75 16.66
CA LEU B 305 -18.67 21.35 15.45
C LEU B 305 -17.18 21.56 15.60
N ARG B 306 -16.79 22.71 16.15
CA ARG B 306 -15.37 23.04 16.31
C ARG B 306 -14.65 22.01 17.18
N GLU B 307 -15.27 21.60 18.28
CA GLU B 307 -14.66 20.58 19.14
C GLU B 307 -14.54 19.26 18.38
N GLY B 308 -15.55 18.94 17.60
CA GLY B 308 -15.52 17.75 16.76
C GLY B 308 -14.36 17.81 15.76
N LEU B 309 -14.14 18.99 15.19
CA LEU B 309 -13.09 19.19 14.20
C LEU B 309 -11.71 19.02 14.85
N ARG B 310 -11.56 19.57 16.07
CA ARG B 310 -10.30 19.47 16.80
C ARG B 310 -9.93 18.00 17.07
N ILE B 311 -10.89 17.20 17.53
CA ILE B 311 -10.66 15.76 17.68
C ILE B 311 -10.11 15.15 16.38
N CYS B 312 -10.81 15.38 15.27
CA CYS B 312 -10.45 14.78 14.00
C CYS B 312 -9.12 15.30 13.46
N GLU B 313 -8.88 16.60 13.63
CA GLU B 313 -7.61 17.22 13.22
C GLU B 313 -6.43 16.63 13.98
N GLU B 314 -6.59 16.43 15.29
CA GLU B 314 -5.48 15.90 16.10
C GLU B 314 -5.21 14.42 15.77
N VAL B 315 -6.28 13.64 15.61
CA VAL B 315 -6.15 12.25 15.25
C VAL B 315 -5.52 12.11 13.84
N SER B 316 -5.99 12.91 12.89
CA SER B 316 -5.39 12.93 11.55
C SER B 316 -3.89 13.20 11.64
N ALA B 317 -3.52 14.26 12.37
CA ALA B 317 -2.12 14.70 12.44
C ALA B 317 -1.19 13.72 13.16
N THR B 318 -1.72 12.68 13.80
CA THR B 318 -0.87 11.63 14.38
C THR B 318 -0.16 10.88 13.28
N GLY B 319 -0.73 10.88 12.10
CA GLY B 319 -0.24 10.06 11.02
C GLY B 319 -0.63 8.61 11.17
N LYS B 320 -1.43 8.29 12.20
CA LYS B 320 -1.83 6.91 12.48
C LYS B 320 -3.31 6.63 12.20
N LEU B 321 -4.02 7.56 11.57
CA LEU B 321 -5.42 7.31 11.28
C LEU B 321 -5.54 6.21 10.22
N SER B 322 -6.10 5.08 10.61
CA SER B 322 -6.13 3.93 9.74
C SER B 322 -7.54 3.73 9.16
N VAL B 323 -8.54 3.78 10.03
CA VAL B 323 -9.93 3.80 9.61
C VAL B 323 -10.67 4.91 10.35
N VAL B 324 -11.47 5.71 9.65
CA VAL B 324 -12.49 6.48 10.34
C VAL B 324 -13.83 6.04 9.79
N GLU B 325 -14.78 5.84 10.70
CA GLU B 325 -16.17 5.59 10.31
C GLU B 325 -17.03 6.66 10.92
N LEU B 326 -18.05 7.03 10.17
CA LEU B 326 -19.02 8.01 10.58
CA LEU B 326 -19.02 8.02 10.57
C LEU B 326 -20.41 7.37 10.62
N ALA B 327 -20.97 7.24 11.82
CA ALA B 327 -22.22 6.54 11.98
C ALA B 327 -23.44 7.42 12.30
N GLU B 328 -24.61 6.86 12.03
CA GLU B 328 -25.93 7.34 12.46
C GLU B 328 -26.46 8.60 11.74
N LEU B 329 -25.91 8.93 10.58
CA LEU B 329 -26.58 9.89 9.71
C LEU B 329 -27.94 9.33 9.29
N ASN B 330 -29.00 10.11 9.45
CA ASN B 330 -30.31 9.68 8.96
C ASN B 330 -31.05 10.86 8.32
N PRO B 331 -30.88 11.01 7.00
CA PRO B 331 -31.48 12.02 6.11
C PRO B 331 -33.02 11.94 6.05
N LEU B 332 -33.63 10.93 6.65
CA LEU B 332 -35.07 10.87 6.71
C LEU B 332 -35.59 11.50 8.02
N LEU B 333 -34.69 12.01 8.86
CA LEU B 333 -35.15 12.65 10.09
C LEU B 333 -34.97 14.17 10.02
N GLY B 334 -35.94 14.90 10.54
CA GLY B 334 -35.87 16.36 10.53
C GLY B 334 -36.31 17.02 9.24
N SER B 335 -36.26 18.35 9.21
CA SER B 335 -36.56 19.12 8.02
C SER B 335 -35.44 19.00 6.98
N GLN B 336 -35.73 19.48 5.77
CA GLN B 336 -34.71 19.60 4.74
C GLN B 336 -33.51 20.39 5.24
N GLU B 337 -33.76 21.47 5.95
CA GLU B 337 -32.66 22.28 6.46
C GLU B 337 -31.85 21.50 7.53
N ASP B 338 -32.54 20.74 8.38
CA ASP B 338 -31.87 19.85 9.33
C ASP B 338 -30.93 18.90 8.60
N VAL B 339 -31.39 18.31 7.51
CA VAL B 339 -30.60 17.35 6.77
C VAL B 339 -29.37 18.03 6.14
N LEU B 340 -29.56 19.22 5.60
CA LEU B 340 -28.44 19.99 5.05
C LEU B 340 -27.41 20.33 6.13
N LYS B 341 -27.86 20.70 7.34
CA LYS B 341 -26.94 20.99 8.44
C LYS B 341 -26.14 19.77 8.87
N THR B 342 -26.81 18.63 8.90
CA THR B 342 -26.20 17.40 9.34
C THR B 342 -25.20 16.97 8.28
N GLN B 343 -25.60 17.10 7.03
CA GLN B 343 -24.73 16.78 5.90
C GLN B 343 -23.44 17.60 5.94
N SER B 344 -23.55 18.91 6.12
CA SER B 344 -22.35 19.74 6.07
C SER B 344 -21.48 19.52 7.30
N SER B 345 -22.08 19.27 8.46
CA SER B 345 -21.30 18.95 9.65
C SER B 345 -20.45 17.69 9.37
N ALA B 346 -21.10 16.70 8.80
CA ALA B 346 -20.46 15.43 8.46
C ALA B 346 -19.30 15.65 7.46
N VAL B 347 -19.52 16.50 6.47
CA VAL B 347 -18.51 16.76 5.46
C VAL B 347 -17.30 17.49 6.05
N HIS B 348 -17.54 18.51 6.87
CA HIS B 348 -16.40 19.18 7.52
C HIS B 348 -15.63 18.21 8.45
N ILE B 349 -16.36 17.36 9.18
CA ILE B 349 -15.74 16.36 10.05
C ILE B 349 -14.85 15.41 9.21
N LEU B 350 -15.39 14.89 8.13
CA LEU B 350 -14.65 13.93 7.30
C LEU B 350 -13.44 14.60 6.66
N ARG B 351 -13.56 15.86 6.25
CA ARG B 351 -12.42 16.53 5.64
C ARG B 351 -11.30 16.70 6.65
N ALA B 352 -11.65 17.07 7.87
CA ALA B 352 -10.67 17.15 8.95
C ALA B 352 -9.92 15.82 9.15
N CYS B 353 -10.64 14.70 9.06
CA CYS B 353 -10.00 13.41 9.28
C CYS B 353 -8.96 13.13 8.23
N LEU B 354 -9.20 13.57 6.99
CA LEU B 354 -8.23 13.31 5.95
C LEU B 354 -7.13 14.36 5.90
N GLY B 355 -7.18 15.36 6.77
CA GLY B 355 -6.08 16.32 6.86
C GLY B 355 -6.36 17.76 6.40
N HIS B 356 -7.62 18.10 6.14
CA HIS B 356 -7.92 19.50 5.84
C HIS B 356 -7.52 20.44 7.00
N CSO B 357 -6.91 21.56 6.65
CA CSO B 357 -6.37 22.49 7.63
CB CSO B 357 -4.91 22.83 7.30
SG CSO B 357 -4.24 24.04 8.48
C CSO B 357 -7.21 23.74 7.57
O CSO B 357 -7.32 24.36 6.52
OD CSO B 357 -3.55 23.20 9.89
N ARG B 358 -7.79 24.14 8.69
CA ARG B 358 -8.62 25.34 8.69
C ARG B 358 -7.75 26.59 8.55
N SER B 359 -6.44 26.45 8.71
CA SER B 359 -5.55 27.59 8.53
C SER B 359 -5.04 27.67 7.08
N GLY B 360 -5.65 26.92 6.18
CA GLY B 360 -5.34 27.05 4.77
C GLY B 360 -4.32 26.05 4.22
N HIS B 361 -4.34 25.87 2.91
CA HIS B 361 -3.40 25.02 2.18
C HIS B 361 -2.65 25.84 1.13
N LEU B 362 -1.42 25.44 0.83
CA LEU B 362 -0.64 26.10 -0.19
C LEU B 362 -0.95 25.54 -1.57
N PRO B 363 -0.86 26.38 -2.61
CA PRO B 363 -1.08 25.97 -3.99
C PRO B 363 -0.04 24.97 -4.46
N PHE B 364 -0.45 24.00 -5.25
CA PHE B 364 0.50 23.05 -5.81
C PHE B 364 1.36 23.75 -6.84
N LYS B 365 0.76 24.67 -7.59
CA LYS B 365 1.51 25.54 -8.48
C LYS B 365 1.17 27.00 -8.24
N VAL B 366 2.19 27.83 -8.02
CA VAL B 366 1.96 29.25 -7.77
C VAL B 366 1.80 30.00 -9.07
N ARG B 367 0.68 30.71 -9.18
CA ARG B 367 0.39 31.50 -10.38
C ARG B 367 1.06 32.87 -10.29
N ASN B 368 1.50 33.39 -11.44
CA ASN B 368 2.24 34.65 -11.48
C ASN B 368 2.05 35.42 -12.79
N LEU B 369 1.61 36.67 -12.68
CA LEU B 369 1.18 37.46 -13.84
C LEU B 369 2.14 37.52 -15.00
N THR B 370 3.43 37.59 -14.71
CA THR B 370 4.40 37.84 -15.75
C THR B 370 4.52 36.68 -16.73
N ASP B 371 4.27 35.47 -16.25
CA ASP B 371 4.37 34.29 -17.11
C ASP B 371 3.10 34.13 -17.93
N GLN B 372 2.05 34.85 -17.54
CA GLN B 372 0.84 34.88 -18.34
C GLN B 372 0.92 36.03 -19.34
N GLY B 373 2.03 36.76 -19.31
CA GLY B 373 2.24 37.87 -20.22
C GLY B 373 1.26 39.00 -19.99
N ILE B 374 0.86 39.19 -18.73
CA ILE B 374 -0.12 40.21 -18.38
C ILE B 374 0.57 41.40 -17.72
N MET B 375 0.27 42.59 -18.20
CA MET B 375 0.80 43.80 -17.60
C MET B 375 0.24 44.00 -16.19
N SER B 376 1.12 44.08 -15.21
CA SER B 376 0.66 44.28 -13.83
C SER B 376 0.60 45.77 -13.53
N ARG B 377 -0.07 46.14 -12.44
CA ARG B 377 -0.15 47.54 -12.06
C ARG B 377 1.23 48.06 -11.63
N ALA B 378 1.99 47.19 -10.97
CA ALA B 378 3.34 47.53 -10.55
C ALA B 378 4.23 47.70 -11.78
N ALA B 379 4.09 46.79 -12.73
CA ALA B 379 4.87 46.86 -13.96
C ALA B 379 4.55 48.16 -14.68
N HIS B 380 3.28 48.51 -14.70
CA HIS B 380 2.82 49.70 -15.40
C HIS B 380 3.37 51.00 -14.81
N MET B 381 3.42 51.09 -13.48
CA MET B 381 3.84 52.32 -12.82
C MET B 381 5.34 52.61 -12.96
N LYS C 39 38.03 -2.56 -4.19
CA LYS C 39 37.93 -3.55 -3.12
C LYS C 39 36.82 -4.56 -3.41
N LEU C 40 35.58 -4.13 -3.30
CA LEU C 40 34.44 -5.03 -3.44
C LEU C 40 34.01 -5.17 -4.90
N LEU C 41 33.91 -6.41 -5.38
CA LEU C 41 33.43 -6.69 -6.73
C LEU C 41 32.01 -6.21 -6.94
N TYR C 42 31.19 -6.41 -5.92
CA TYR C 42 29.83 -5.90 -5.92
C TYR C 42 29.65 -5.01 -4.68
N THR C 43 29.30 -3.74 -4.91
CA THR C 43 29.09 -2.81 -3.79
C THR C 43 27.61 -2.65 -3.49
N SER C 44 26.77 -2.92 -4.48
CA SER C 44 25.33 -2.86 -4.25
C SER C 44 24.62 -4.10 -4.78
N ALA C 45 23.47 -4.44 -4.18
CA ALA C 45 22.71 -5.58 -4.65
C ALA C 45 21.22 -5.39 -4.45
N ASN C 46 20.43 -6.04 -5.29
CA ASN C 46 18.99 -6.02 -5.19
C ASN C 46 18.44 -7.33 -4.62
N PHE C 47 17.34 -7.26 -3.89
CA PHE C 47 16.71 -8.43 -3.29
C PHE C 47 15.28 -8.50 -3.77
N LEU C 48 14.90 -9.64 -4.30
CA LEU C 48 13.54 -9.85 -4.76
C LEU C 48 13.01 -11.16 -4.21
N GLY C 49 11.79 -11.14 -3.69
CA GLY C 49 11.16 -12.37 -3.24
C GLY C 49 10.10 -12.83 -4.22
N ILE C 50 10.04 -14.14 -4.45
CA ILE C 50 9.04 -14.71 -5.36
C ILE C 50 8.44 -15.95 -4.74
N PRO C 51 7.25 -15.83 -4.15
CA PRO C 51 6.73 -16.95 -3.37
C PRO C 51 5.92 -17.97 -4.18
N THR C 52 6.49 -18.51 -5.25
CA THR C 52 5.79 -19.50 -6.05
C THR C 52 5.51 -20.75 -5.24
N ASN C 53 4.31 -21.31 -5.39
CA ASN C 53 3.93 -22.49 -4.63
C ASN C 53 2.97 -23.36 -5.46
N ARG C 54 2.78 -22.97 -6.71
CA ARG C 54 1.93 -23.72 -7.62
C ARG C 54 2.76 -24.57 -8.57
N GLY C 55 4.07 -24.64 -8.34
CA GLY C 55 4.93 -25.50 -9.13
C GLY C 55 5.05 -26.91 -8.56
N GLN C 56 4.55 -27.11 -7.35
CA GLN C 56 4.67 -28.38 -6.60
C GLN C 56 3.65 -28.43 -5.45
N PRO C 57 3.22 -29.63 -5.05
CA PRO C 57 2.04 -29.76 -4.17
C PRO C 57 2.23 -29.45 -2.68
N LYS C 58 3.46 -29.37 -2.19
CA LYS C 58 3.67 -29.13 -0.75
C LYS C 58 3.57 -27.64 -0.42
N ILE C 59 2.61 -27.30 0.43
CA ILE C 59 2.41 -25.90 0.81
C ILE C 59 3.59 -25.44 1.67
N GLY C 60 4.10 -24.26 1.38
CA GLY C 60 5.14 -23.71 2.23
C GLY C 60 6.27 -22.99 1.51
N THR C 61 6.45 -23.26 0.22
CA THR C 61 7.52 -22.61 -0.51
C THR C 61 7.19 -21.13 -0.67
N TYR C 62 5.92 -20.76 -0.52
CA TYR C 62 5.55 -19.35 -0.52
C TYR C 62 6.15 -18.60 0.70
N GLN C 63 6.53 -19.35 1.73
CA GLN C 63 7.11 -18.75 2.92
C GLN C 63 8.62 -18.57 2.79
N GLY C 64 9.19 -19.06 1.70
CA GLY C 64 10.61 -18.93 1.42
C GLY C 64 11.20 -17.55 1.62
N PRO C 65 10.67 -16.53 0.91
CA PRO C 65 11.25 -15.18 1.04
C PRO C 65 11.29 -14.67 2.49
N GLU C 66 10.21 -14.85 3.22
CA GLU C 66 10.14 -14.41 4.60
C GLU C 66 11.17 -15.14 5.49
N LEU C 67 11.46 -16.39 5.16
CA LEU C 67 12.46 -17.16 5.87
C LEU C 67 13.83 -16.47 5.82
N ILE C 68 14.14 -15.84 4.70
CA ILE C 68 15.40 -15.13 4.57
C ILE C 68 15.31 -13.71 5.12
N ARG C 69 14.17 -13.04 4.92
CA ARG C 69 13.96 -11.73 5.52
C ARG C 69 14.02 -11.79 7.05
N LYS C 70 13.50 -12.87 7.65
CA LYS C 70 13.55 -13.04 9.11
C LYS C 70 14.92 -13.38 9.65
N SER C 71 15.81 -13.81 8.78
CA SER C 71 17.15 -14.19 9.18
C SER C 71 18.00 -12.94 9.36
N ASN C 72 19.28 -13.13 9.66
CA ASN C 72 20.19 -12.01 9.79
C ASN C 72 20.97 -11.78 8.50
N PHE C 73 20.38 -12.21 7.38
CA PHE C 73 21.03 -12.08 6.09
C PHE C 73 21.35 -10.62 5.73
N PHE C 74 20.36 -9.75 5.84
CA PHE C 74 20.54 -8.35 5.47
C PHE C 74 21.64 -7.70 6.29
N GLN C 75 21.65 -7.96 7.59
CA GLN C 75 22.65 -7.42 8.48
C GLN C 75 24.07 -7.89 8.15
N LEU C 76 24.23 -9.19 7.91
CA LEU C 76 25.54 -9.75 7.62
C LEU C 76 26.10 -9.18 6.33
N VAL C 77 25.23 -8.98 5.33
CA VAL C 77 25.60 -8.39 4.06
C VAL C 77 26.10 -6.95 4.27
N ALA C 78 25.37 -6.19 5.09
CA ALA C 78 25.78 -4.82 5.39
C ALA C 78 27.13 -4.79 6.10
N GLU C 79 27.39 -5.77 6.95
CA GLU C 79 28.67 -5.85 7.64
C GLU C 79 29.84 -5.97 6.68
N ASP C 80 29.63 -6.65 5.55
CA ASP C 80 30.70 -6.80 4.58
C ASP C 80 30.77 -5.60 3.65
N GLY C 81 29.87 -4.65 3.84
CA GLY C 81 29.95 -3.37 3.14
C GLY C 81 29.09 -3.24 1.91
N ILE C 82 28.22 -4.21 1.69
CA ILE C 82 27.34 -4.20 0.53
C ILE C 82 26.02 -3.53 0.87
N GLN C 83 25.53 -2.68 -0.03
CA GLN C 83 24.25 -2.02 0.15
C GLN C 83 23.12 -2.81 -0.52
N LEU C 84 22.27 -3.42 0.28
CA LEU C 84 21.25 -4.33 -0.22
C LEU C 84 19.88 -3.69 -0.18
N THR C 85 19.30 -3.47 -1.35
CA THR C 85 17.96 -2.91 -1.48
C THR C 85 16.88 -4.00 -1.61
N ASP C 86 15.92 -4.00 -0.70
CA ASP C 86 14.79 -4.91 -0.76
C ASP C 86 13.80 -4.42 -1.81
N CYS C 87 13.62 -5.17 -2.90
CA CYS C 87 12.74 -4.71 -3.96
C CYS C 87 11.36 -5.33 -3.87
N GLY C 88 11.01 -5.86 -2.70
CA GLY C 88 9.70 -6.44 -2.47
C GLY C 88 9.50 -7.85 -3.03
N ASP C 89 8.25 -8.23 -3.22
CA ASP C 89 7.88 -9.56 -3.68
C ASP C 89 7.03 -9.49 -4.92
N ILE C 90 7.27 -10.41 -5.86
CA ILE C 90 6.33 -10.61 -6.95
C ILE C 90 5.09 -11.35 -6.44
N ILE C 91 3.92 -10.97 -6.92
CA ILE C 91 2.70 -11.68 -6.54
C ILE C 91 2.30 -12.71 -7.59
N PRO C 92 2.45 -14.00 -7.27
CA PRO C 92 2.11 -15.02 -8.27
C PRO C 92 0.62 -15.02 -8.61
N VAL C 93 0.30 -15.36 -9.85
CA VAL C 93 -1.08 -15.65 -10.24
C VAL C 93 -1.42 -17.06 -9.80
N GLU C 94 -2.34 -17.18 -8.87
CA GLU C 94 -2.82 -18.48 -8.43
C GLU C 94 -4.30 -18.62 -8.75
N LEU C 95 -4.61 -19.29 -9.86
CA LEU C 95 -5.99 -19.50 -10.30
C LEU C 95 -6.66 -20.62 -9.51
N ASN C 96 -7.97 -20.74 -9.58
CA ASN C 96 -8.63 -21.87 -8.93
C ASN C 96 -8.70 -23.07 -9.86
N GLU C 97 -9.09 -24.22 -9.32
CA GLU C 97 -9.09 -25.48 -10.06
C GLU C 97 -9.91 -25.42 -11.34
N ALA C 98 -11.08 -24.80 -11.27
CA ALA C 98 -11.97 -24.73 -12.42
C ALA C 98 -11.37 -23.92 -13.56
N GLU C 99 -10.65 -22.86 -13.22
CA GLU C 99 -10.04 -21.97 -14.20
C GLU C 99 -8.75 -22.53 -14.77
N ASP C 100 -8.17 -23.48 -14.07
CA ASP C 100 -6.85 -23.98 -14.39
C ASP C 100 -6.79 -25.50 -14.26
N PRO C 101 -7.52 -26.22 -15.11
CA PRO C 101 -7.52 -27.68 -14.99
C PRO C 101 -6.28 -28.27 -15.62
N GLN C 102 -6.04 -29.54 -15.39
CA GLN C 102 -4.88 -30.23 -15.96
C GLN C 102 -4.87 -30.13 -17.49
N ARG C 103 -3.71 -29.82 -18.07
CA ARG C 103 -3.55 -29.87 -19.53
C ARG C 103 -2.24 -30.55 -19.88
N PHE C 104 -2.29 -31.55 -20.76
CA PHE C 104 -1.12 -32.34 -21.15
C PHE C 104 -0.32 -32.83 -19.96
N GLY C 105 -1.00 -33.20 -18.88
CA GLY C 105 -0.33 -33.70 -17.71
C GLY C 105 0.02 -32.63 -16.70
N MET C 106 0.13 -31.39 -17.15
CA MET C 106 0.63 -30.31 -16.30
C MET C 106 -0.39 -29.88 -15.24
N LYS C 107 0.07 -29.74 -14.01
CA LYS C 107 -0.77 -29.19 -12.96
C LYS C 107 -0.56 -27.68 -12.89
N TRP C 108 -1.66 -26.92 -12.91
CA TRP C 108 -1.61 -25.47 -12.78
C TRP C 108 -0.79 -24.79 -13.88
N SER C 109 -0.99 -25.18 -15.13
CA SER C 109 -0.21 -24.61 -16.22
C SER C 109 -0.57 -23.17 -16.56
N ARG C 110 -1.82 -22.76 -16.33
CA ARG C 110 -2.18 -21.38 -16.64
C ARG C 110 -1.70 -20.45 -15.52
N SER C 111 -1.76 -20.91 -14.28
CA SER C 111 -1.16 -20.14 -13.21
C SER C 111 0.32 -19.96 -13.52
N PHE C 112 0.95 -21.01 -14.07
CA PHE C 112 2.35 -20.95 -14.50
C PHE C 112 2.62 -19.91 -15.60
N SER C 113 1.87 -19.96 -16.70
CA SER C 113 2.19 -19.08 -17.82
C SER C 113 2.00 -17.62 -17.42
N LEU C 114 0.90 -17.33 -16.75
CA LEU C 114 0.63 -15.99 -16.25
C LEU C 114 1.70 -15.55 -15.23
N THR C 115 2.07 -16.44 -14.31
CA THR C 115 3.07 -16.08 -13.31
C THR C 115 4.44 -15.88 -13.96
N THR C 116 4.74 -16.66 -14.98
CA THR C 116 5.99 -16.53 -15.70
C THR C 116 6.15 -15.15 -16.34
N LEU C 117 5.12 -14.70 -17.05
CA LEU C 117 5.16 -13.40 -17.73
C LEU C 117 5.27 -12.28 -16.72
N ARG C 118 4.52 -12.40 -15.62
CA ARG C 118 4.59 -11.43 -14.56
C ARG C 118 6.00 -11.32 -13.99
N ILE C 119 6.62 -12.47 -13.75
CA ILE C 119 7.99 -12.52 -13.24
C ILE C 119 9.00 -11.95 -14.24
N ALA C 120 8.88 -12.34 -15.51
CA ALA C 120 9.82 -11.88 -16.51
C ALA C 120 9.77 -10.37 -16.64
N GLU C 121 8.58 -9.79 -16.54
CA GLU C 121 8.41 -8.35 -16.66
C GLU C 121 9.16 -7.61 -15.54
N ARG C 122 8.94 -8.03 -14.30
CA ARG C 122 9.59 -7.40 -13.16
C ARG C 122 11.09 -7.58 -13.17
N VAL C 123 11.55 -8.75 -13.57
CA VAL C 123 12.99 -9.02 -13.55
C VAL C 123 13.69 -8.25 -14.67
N GLU C 124 13.07 -8.21 -15.86
CA GLU C 124 13.65 -7.42 -16.95
C GLU C 124 13.83 -5.95 -16.56
N GLU C 125 12.82 -5.41 -15.90
CA GLU C 125 12.84 -4.03 -15.42
C GLU C 125 13.96 -3.77 -14.43
N LEU C 126 14.14 -4.67 -13.47
CA LEU C 126 15.16 -4.50 -12.45
C LEU C 126 16.54 -4.57 -13.07
N MET C 127 16.73 -5.50 -13.99
CA MET C 127 18.02 -5.69 -14.62
C MET C 127 18.39 -4.50 -15.51
N LYS C 128 17.41 -3.86 -16.11
CA LYS C 128 17.67 -2.74 -17.00
C LYS C 128 17.91 -1.44 -16.24
N GLN C 129 17.35 -1.34 -15.05
CA GLN C 129 17.54 -0.17 -14.21
C GLN C 129 18.98 -0.15 -13.67
N SER C 142 28.60 -3.48 -11.45
CA SER C 142 27.41 -4.29 -11.74
C SER C 142 26.65 -4.65 -10.47
N THR C 143 25.33 -4.49 -10.52
CA THR C 143 24.47 -4.71 -9.35
C THR C 143 23.69 -6.02 -9.44
N PRO C 144 24.20 -7.08 -8.80
CA PRO C 144 23.53 -8.39 -8.91
C PRO C 144 22.15 -8.40 -8.27
N LEU C 145 21.23 -9.16 -8.89
CA LEU C 145 19.91 -9.37 -8.32
C LEU C 145 19.84 -10.70 -7.58
N VAL C 146 19.45 -10.64 -6.31
CA VAL C 146 19.26 -11.82 -5.49
C VAL C 146 17.79 -12.18 -5.38
N ILE C 147 17.42 -13.35 -5.86
CA ILE C 147 16.03 -13.78 -5.86
C ILE C 147 15.79 -14.98 -4.95
N VAL C 148 14.81 -14.86 -4.05
CA VAL C 148 14.49 -15.97 -3.18
C VAL C 148 13.10 -16.51 -3.47
N GLY C 149 13.02 -17.81 -3.73
CA GLY C 149 11.76 -18.51 -3.96
C GLY C 149 11.18 -19.04 -2.67
N GLY C 150 10.05 -19.76 -2.75
CA GLY C 150 9.40 -20.08 -4.00
C GLY C 150 9.92 -21.37 -4.61
N ASP C 151 9.03 -22.16 -5.22
CA ASP C 151 9.49 -23.39 -5.84
C ASP C 151 10.17 -23.01 -7.15
N HIS C 152 10.84 -23.98 -7.76
CA HIS C 152 11.73 -23.70 -8.87
C HIS C 152 11.02 -23.41 -10.17
N SER C 153 9.69 -23.53 -10.21
CA SER C 153 8.95 -23.18 -11.42
C SER C 153 9.18 -21.71 -11.81
N MET C 154 9.49 -20.89 -10.80
CA MET C 154 9.79 -19.46 -11.01
C MET C 154 10.92 -19.18 -12.01
N ALA C 155 11.79 -20.17 -12.23
CA ALA C 155 12.98 -19.92 -13.03
C ALA C 155 12.66 -19.64 -14.50
N THR C 156 11.55 -20.14 -15.01
CA THR C 156 11.20 -19.87 -16.41
C THR C 156 11.02 -18.36 -16.57
N GLY C 157 10.34 -17.75 -15.62
CA GLY C 157 10.15 -16.32 -15.61
C GLY C 157 11.40 -15.50 -15.34
N THR C 158 12.21 -15.90 -14.37
CA THR C 158 13.36 -15.09 -14.00
C THR C 158 14.38 -15.10 -15.12
N ILE C 159 14.64 -16.27 -15.69
CA ILE C 159 15.58 -16.39 -16.79
C ILE C 159 15.06 -15.69 -18.06
N LEU C 160 13.76 -15.77 -18.29
CA LEU C 160 13.16 -15.07 -19.43
C LEU C 160 13.38 -13.56 -19.28
N GLY C 161 12.99 -13.02 -18.15
CA GLY C 161 13.18 -11.61 -17.88
C GLY C 161 14.65 -11.25 -17.95
N HIS C 162 15.49 -12.04 -17.28
CA HIS C 162 16.93 -11.80 -17.27
C HIS C 162 17.51 -11.75 -18.68
N ALA C 163 17.17 -12.72 -19.51
CA ALA C 163 17.69 -12.79 -20.87
C ALA C 163 17.18 -11.68 -21.78
N GLU C 164 16.11 -11.00 -21.37
CA GLU C 164 15.66 -9.87 -22.16
C GLU C 164 16.62 -8.72 -21.95
N ALA C 165 17.16 -8.60 -20.74
CA ALA C 165 18.13 -7.56 -20.44
C ALA C 165 19.53 -7.99 -20.85
N LYS C 166 19.82 -9.29 -20.74
CA LYS C 166 21.15 -9.79 -21.10
C LYS C 166 21.06 -11.07 -21.91
N PRO C 167 20.76 -10.95 -23.22
CA PRO C 167 20.43 -12.09 -24.06
C PRO C 167 21.54 -13.10 -24.25
N ASP C 168 22.78 -12.71 -23.96
CA ASP C 168 23.90 -13.63 -24.12
C ASP C 168 24.35 -14.25 -22.79
N LEU C 169 23.47 -14.27 -21.80
CA LEU C 169 23.82 -14.83 -20.50
C LEU C 169 24.06 -16.35 -20.55
N CYS C 170 24.70 -16.87 -19.51
CA CYS C 170 24.81 -18.31 -19.34
C CYS C 170 24.11 -18.70 -18.04
N VAL C 171 23.75 -19.97 -17.92
CA VAL C 171 23.01 -20.46 -16.76
C VAL C 171 23.77 -21.57 -16.06
N LEU C 172 23.96 -21.41 -14.75
CA LEU C 172 24.54 -22.49 -13.96
C LEU C 172 23.44 -23.03 -13.08
N TRP C 173 23.05 -24.28 -13.31
CA TRP C 173 21.94 -24.89 -12.61
C TRP C 173 22.47 -25.85 -11.53
N ILE C 174 22.23 -25.50 -10.27
CA ILE C 174 22.69 -26.28 -9.12
C ILE C 174 21.50 -26.98 -8.46
N ASP C 175 21.44 -28.30 -8.57
CA ASP C 175 20.20 -29.02 -8.31
C ASP C 175 20.49 -30.51 -8.23
N ALA C 176 19.75 -31.23 -7.39
CA ALA C 176 19.76 -32.69 -7.46
C ALA C 176 19.03 -33.17 -8.71
N HIS C 177 18.18 -32.28 -9.26
CA HIS C 177 17.28 -32.63 -10.37
C HIS C 177 17.53 -31.84 -11.66
N GLY C 178 17.09 -32.39 -12.79
CA GLY C 178 17.29 -31.75 -14.07
C GLY C 178 16.37 -30.56 -14.35
N ASP C 179 15.15 -30.60 -13.81
CA ASP C 179 14.16 -29.54 -14.03
C ASP C 179 13.97 -29.21 -15.49
N ILE C 180 14.10 -30.23 -16.34
CA ILE C 180 14.04 -30.07 -17.78
C ILE C 180 13.12 -31.11 -18.45
N ASN C 181 12.21 -31.73 -17.68
CA ASN C 181 11.16 -32.56 -18.26
C ASN C 181 10.30 -31.75 -19.21
N THR C 182 10.10 -32.26 -20.40
CA THR C 182 9.11 -31.70 -21.31
C THR C 182 7.74 -32.18 -20.80
N PRO C 183 6.69 -31.40 -21.03
CA PRO C 183 5.41 -31.69 -20.35
C PRO C 183 4.90 -33.13 -20.52
N LEU C 184 4.97 -33.70 -21.72
CA LEU C 184 4.42 -35.02 -21.93
C LEU C 184 5.24 -36.15 -21.31
N ASN C 185 6.48 -35.87 -20.91
CA ASN C 185 7.31 -36.90 -20.28
C ASN C 185 7.27 -36.85 -18.75
N SER C 186 6.71 -35.79 -18.19
CA SER C 186 6.64 -35.63 -16.74
C SER C 186 5.72 -36.65 -16.07
N ALA C 187 6.27 -37.45 -15.17
CA ALA C 187 5.47 -38.41 -14.44
C ALA C 187 4.63 -37.74 -13.35
N SER C 188 5.06 -36.59 -12.86
CA SER C 188 4.39 -35.92 -11.75
C SER C 188 3.41 -34.85 -12.18
N GLY C 189 3.62 -34.26 -13.35
CA GLY C 189 2.88 -33.06 -13.73
C GLY C 189 3.22 -31.80 -12.92
N ASN C 190 4.24 -31.87 -12.06
CA ASN C 190 4.64 -30.71 -11.28
C ASN C 190 5.53 -29.76 -12.09
N MET C 191 5.09 -28.52 -12.23
CA MET C 191 5.79 -27.53 -13.05
C MET C 191 7.23 -27.23 -12.60
N HIS C 192 7.56 -27.40 -11.33
CA HIS C 192 8.93 -27.10 -10.90
C HIS C 192 9.94 -28.10 -11.46
N GLY C 193 9.46 -29.14 -12.14
CA GLY C 193 10.32 -30.13 -12.76
C GLY C 193 10.49 -29.92 -14.25
N MET C 194 9.88 -28.86 -14.75
CA MET C 194 9.92 -28.53 -16.16
C MET C 194 10.49 -27.15 -16.56
N PRO C 195 10.91 -26.31 -15.58
CA PRO C 195 11.09 -24.90 -15.98
C PRO C 195 12.05 -24.67 -17.15
N LEU C 196 13.08 -25.49 -17.27
CA LEU C 196 14.07 -25.33 -18.33
C LEU C 196 13.60 -25.78 -19.71
N SER C 197 12.65 -26.69 -19.78
CA SER C 197 12.23 -27.23 -21.07
C SER C 197 11.60 -26.12 -21.92
N PHE C 198 10.89 -25.19 -21.30
CA PHE C 198 10.25 -24.11 -22.06
C PHE C 198 11.25 -23.07 -22.58
N LEU C 199 12.47 -23.11 -22.07
CA LEU C 199 13.49 -22.10 -22.37
C LEU C 199 14.52 -22.54 -23.41
N VAL C 200 14.77 -23.84 -23.48
CA VAL C 200 15.81 -24.37 -24.35
C VAL C 200 15.30 -24.52 -25.78
N LYS C 201 15.91 -23.77 -26.68
CA LYS C 201 15.54 -23.73 -28.09
C LYS C 201 15.52 -25.10 -28.73
N GLU C 202 16.47 -25.96 -28.37
CA GLU C 202 16.57 -27.27 -28.98
C GLU C 202 15.41 -28.21 -28.59
N LEU C 203 14.64 -27.83 -27.57
CA LEU C 203 13.55 -28.69 -27.10
C LEU C 203 12.16 -28.22 -27.54
N GLN C 204 12.10 -27.21 -28.41
CA GLN C 204 10.81 -26.62 -28.71
C GLN C 204 9.87 -27.50 -29.53
N ASP C 205 10.37 -28.53 -30.20
CA ASP C 205 9.43 -29.44 -30.87
C ASP C 205 8.88 -30.48 -29.88
N GLN C 206 9.28 -30.38 -28.62
CA GLN C 206 8.78 -31.27 -27.58
C GLN C 206 7.85 -30.53 -26.63
N ILE C 207 7.67 -29.25 -26.88
CA ILE C 207 6.72 -28.47 -26.10
C ILE C 207 5.36 -28.39 -26.81
N PRO C 208 4.30 -28.90 -26.16
CA PRO C 208 3.03 -28.88 -26.88
C PRO C 208 2.47 -27.47 -26.95
N TRP C 209 1.88 -27.11 -28.08
CA TRP C 209 1.36 -25.77 -28.27
C TRP C 209 0.18 -25.47 -27.34
N LEU C 210 0.30 -24.37 -26.64
CA LEU C 210 -0.75 -23.83 -25.79
C LEU C 210 -0.71 -22.32 -26.02
N ASP C 211 -1.84 -21.71 -26.32
CA ASP C 211 -1.80 -20.33 -26.75
C ASP C 211 -1.44 -19.35 -25.62
N ASP C 212 -1.68 -19.72 -24.37
CA ASP C 212 -1.23 -18.84 -23.30
C ASP C 212 0.28 -18.95 -23.09
N PHE C 213 0.91 -19.90 -23.78
CA PHE C 213 2.35 -20.09 -23.70
C PHE C 213 3.08 -19.41 -24.84
N GLU C 214 2.38 -18.62 -25.63
CA GLU C 214 3.01 -18.00 -26.79
C GLU C 214 4.06 -16.99 -26.37
N GLY C 215 3.74 -16.19 -25.36
CA GLY C 215 4.66 -15.19 -24.86
C GLY C 215 5.86 -15.76 -24.11
N ILE C 216 5.87 -17.07 -23.90
CA ILE C 216 7.02 -17.70 -23.26
C ILE C 216 8.00 -18.14 -24.33
N LYS C 217 8.88 -17.23 -24.70
CA LYS C 217 9.83 -17.43 -25.78
C LYS C 217 11.10 -18.14 -25.32
N PRO C 218 11.46 -19.24 -25.99
CA PRO C 218 12.71 -19.95 -25.66
C PRO C 218 13.92 -19.07 -25.90
N CYS C 219 14.73 -18.85 -24.88
CA CYS C 219 15.82 -17.88 -24.96
C CYS C 219 17.20 -18.44 -24.67
N LEU C 220 17.31 -19.74 -24.41
CA LEU C 220 18.59 -20.37 -24.14
C LEU C 220 18.95 -21.38 -25.22
N ASN C 221 20.21 -21.41 -25.59
CA ASN C 221 20.73 -22.55 -26.30
C ASN C 221 21.23 -23.56 -25.29
N ALA C 222 21.18 -24.82 -25.66
CA ALA C 222 21.69 -25.88 -24.82
C ALA C 222 23.17 -25.67 -24.43
N SER C 223 23.93 -25.02 -25.29
CA SER C 223 25.35 -24.79 -25.06
C SER C 223 25.62 -23.77 -23.95
N ASN C 224 24.57 -23.09 -23.50
CA ASN C 224 24.69 -22.04 -22.50
C ASN C 224 24.31 -22.51 -21.10
N ILE C 225 24.02 -23.80 -20.94
CA ILE C 225 23.64 -24.35 -19.64
C ILE C 225 24.65 -25.37 -19.13
N ALA C 226 24.97 -25.30 -17.84
CA ALA C 226 25.74 -26.34 -17.20
C ALA C 226 25.12 -26.68 -15.85
N TYR C 227 25.02 -27.97 -15.55
CA TYR C 227 24.47 -28.43 -14.28
C TYR C 227 25.57 -28.79 -13.30
N ILE C 228 25.38 -28.51 -12.01
CA ILE C 228 26.18 -29.18 -10.96
C ILE C 228 25.29 -29.76 -9.84
N GLY C 229 25.55 -31.01 -9.47
CA GLY C 229 24.94 -31.60 -8.28
C GLY C 229 23.88 -32.67 -8.54
N LEU C 230 23.65 -32.98 -9.81
CA LEU C 230 22.61 -33.93 -10.22
C LEU C 230 22.78 -35.31 -9.59
N ARG C 231 21.68 -35.87 -9.09
CA ARG C 231 21.68 -37.23 -8.56
C ARG C 231 20.31 -37.91 -8.65
N ASP C 232 19.33 -37.23 -9.23
CA ASP C 232 18.02 -37.88 -9.39
C ASP C 232 17.35 -37.47 -10.69
N LEU C 233 18.07 -37.69 -11.80
CA LEU C 233 17.56 -37.45 -13.14
C LEU C 233 16.51 -38.47 -13.56
N ASP C 234 15.45 -37.99 -14.22
CA ASP C 234 14.56 -38.86 -14.97
C ASP C 234 15.25 -39.32 -16.25
N ALA C 235 14.93 -40.52 -16.68
CA ALA C 235 15.50 -41.11 -17.88
C ALA C 235 15.38 -40.21 -19.10
N HIS C 236 14.26 -39.52 -19.25
CA HIS C 236 14.10 -38.70 -20.43
C HIS C 236 14.84 -37.38 -20.30
N GLU C 237 15.09 -36.93 -19.07
CA GLU C 237 16.01 -35.82 -18.88
C GLU C 237 17.43 -36.22 -19.30
N THR C 238 17.87 -37.42 -18.91
CA THR C 238 19.18 -37.90 -19.29
C THR C 238 19.33 -37.95 -20.81
N HIS C 239 18.31 -38.47 -21.49
CA HIS C 239 18.31 -38.51 -22.94
C HIS C 239 18.47 -37.12 -23.57
N ASP C 240 17.69 -36.17 -23.08
CA ASP C 240 17.73 -34.84 -23.67
C ASP C 240 19.03 -34.13 -23.37
N ILE C 241 19.51 -34.26 -22.14
CA ILE C 241 20.75 -33.62 -21.73
C ILE C 241 21.90 -34.11 -22.61
N ARG C 242 22.01 -35.43 -22.79
CA ARG C 242 23.09 -35.99 -23.59
C ARG C 242 22.90 -35.71 -25.08
N LYS C 243 21.67 -35.81 -25.57
CA LYS C 243 21.40 -35.57 -26.98
C LYS C 243 21.78 -34.16 -27.40
N HIS C 244 21.39 -33.17 -26.62
CA HIS C 244 21.68 -31.79 -26.98
C HIS C 244 22.99 -31.25 -26.40
N GLY C 245 23.77 -32.13 -25.78
CA GLY C 245 25.08 -31.74 -25.30
C GLY C 245 25.09 -30.69 -24.21
N ILE C 246 24.08 -30.68 -23.36
CA ILE C 246 24.11 -29.83 -22.19
C ILE C 246 25.20 -30.31 -21.24
N ALA C 247 26.09 -29.40 -20.85
CA ALA C 247 27.15 -29.72 -19.90
C ALA C 247 26.53 -30.07 -18.57
N TYR C 248 26.97 -31.16 -17.98
CA TYR C 248 26.42 -31.52 -16.69
C TYR C 248 27.44 -32.24 -15.82
N PHE C 249 27.44 -31.91 -14.54
CA PHE C 249 28.31 -32.57 -13.60
C PHE C 249 27.49 -33.09 -12.43
N THR C 250 27.26 -34.40 -12.44
CA THR C 250 26.51 -35.09 -11.41
C THR C 250 27.36 -35.31 -10.13
N MET C 251 26.71 -35.76 -9.05
CA MET C 251 27.44 -36.07 -7.82
C MET C 251 28.51 -37.15 -8.03
N LEU C 252 28.31 -37.99 -9.03
CA LEU C 252 29.35 -38.94 -9.42
C LEU C 252 30.59 -38.18 -9.92
N ASP C 253 30.38 -37.20 -10.78
CA ASP C 253 31.47 -36.36 -11.25
C ASP C 253 32.12 -35.57 -10.12
N VAL C 254 31.32 -35.06 -9.20
CA VAL C 254 31.88 -34.35 -8.04
C VAL C 254 32.75 -35.32 -7.22
N ASP C 255 32.26 -36.53 -6.99
CA ASP C 255 33.06 -37.53 -6.26
C ASP C 255 34.41 -37.81 -6.98
N ARG C 256 34.37 -38.07 -8.27
CA ARG C 256 35.59 -38.44 -8.99
C ARG C 256 36.51 -37.28 -9.34
N MET C 257 35.95 -36.13 -9.66
CA MET C 257 36.77 -35.00 -10.09
C MET C 257 37.12 -34.07 -8.96
N GLY C 258 36.24 -34.01 -7.95
CA GLY C 258 36.35 -33.01 -6.90
C GLY C 258 35.62 -31.74 -7.31
N ILE C 259 35.06 -31.02 -6.35
CA ILE C 259 34.25 -29.85 -6.70
C ILE C 259 35.09 -28.76 -7.40
N GLU C 260 36.38 -28.66 -7.06
CA GLU C 260 37.22 -27.62 -7.63
C GLU C 260 37.29 -27.79 -9.14
N ALA C 261 37.60 -28.99 -9.61
CA ALA C 261 37.64 -29.23 -11.06
C ALA C 261 36.25 -29.09 -11.72
N VAL C 262 35.20 -29.54 -11.04
CA VAL C 262 33.86 -29.45 -11.58
C VAL C 262 33.46 -27.99 -11.85
N ILE C 263 33.71 -27.12 -10.88
CA ILE C 263 33.45 -25.70 -11.03
C ILE C 263 34.20 -25.11 -12.21
N LYS C 264 35.48 -25.46 -12.30
CA LYS C 264 36.33 -25.00 -13.39
C LYS C 264 35.79 -25.44 -14.75
N GLU C 265 35.42 -26.71 -14.88
CA GLU C 265 34.92 -27.24 -16.15
C GLU C 265 33.55 -26.66 -16.52
N ALA C 266 32.73 -26.35 -15.54
CA ALA C 266 31.41 -25.81 -15.79
C ALA C 266 31.54 -24.42 -16.36
N LEU C 267 32.37 -23.59 -15.72
CA LEU C 267 32.61 -22.24 -16.20
C LEU C 267 33.28 -22.26 -17.57
N LEU C 268 34.20 -23.20 -17.77
CA LEU C 268 34.83 -23.35 -19.06
C LEU C 268 33.81 -23.71 -20.14
N ALA C 269 32.87 -24.58 -19.81
CA ALA C 269 31.89 -25.04 -20.79
C ALA C 269 30.93 -23.93 -21.24
N VAL C 270 30.45 -23.10 -20.32
CA VAL C 270 29.43 -22.13 -20.71
C VAL C 270 29.90 -20.66 -20.64
N ASN C 271 31.07 -20.41 -20.07
CA ASN C 271 31.57 -19.04 -19.98
C ASN C 271 33.10 -18.94 -20.04
N PRO C 272 33.71 -19.51 -21.10
CA PRO C 272 35.16 -19.79 -21.11
C PRO C 272 36.06 -18.56 -20.91
N ARG C 273 35.60 -17.37 -21.27
CA ARG C 273 36.44 -16.19 -21.08
C ARG C 273 35.78 -15.17 -20.17
N LEU C 274 34.79 -15.62 -19.41
CA LEU C 274 34.06 -14.76 -18.48
C LEU C 274 33.45 -13.57 -19.20
N GLU C 275 32.96 -13.81 -20.41
CA GLU C 275 32.38 -12.76 -21.22
C GLU C 275 30.88 -12.60 -20.98
N LYS C 276 30.23 -13.65 -20.47
CA LYS C 276 28.79 -13.64 -20.34
C LYS C 276 28.33 -13.37 -18.91
N ALA C 277 27.23 -12.63 -18.78
CA ALA C 277 26.55 -12.52 -17.50
C ALA C 277 26.13 -13.92 -17.03
N ILE C 278 26.10 -14.13 -15.72
CA ILE C 278 25.78 -15.45 -15.19
C ILE C 278 24.47 -15.43 -14.43
N HIS C 279 23.59 -16.35 -14.80
CA HIS C 279 22.37 -16.60 -14.05
C HIS C 279 22.61 -17.87 -13.25
N LEU C 280 22.71 -17.73 -11.94
CA LEU C 280 22.95 -18.87 -11.07
C LEU C 280 21.66 -19.30 -10.41
N SER C 281 21.14 -20.44 -10.83
CA SER C 281 19.88 -20.94 -10.30
C SER C 281 20.16 -22.04 -9.30
N PHE C 282 20.07 -21.71 -8.02
CA PHE C 282 20.48 -22.62 -6.97
C PHE C 282 19.28 -23.25 -6.29
N ASP C 283 19.06 -24.54 -6.54
CA ASP C 283 18.04 -25.28 -5.81
C ASP C 283 18.63 -25.70 -4.47
N ILE C 284 18.00 -25.29 -3.38
CA ILE C 284 18.50 -25.65 -2.05
C ILE C 284 18.66 -27.18 -1.89
N ASP C 285 17.89 -27.98 -2.64
CA ASP C 285 18.01 -29.43 -2.49
C ASP C 285 19.24 -30.01 -3.23
N ALA C 286 20.03 -29.15 -3.85
CA ALA C 286 21.35 -29.58 -4.33
C ALA C 286 22.23 -29.92 -3.11
N LEU C 287 22.00 -29.21 -2.01
CA LEU C 287 22.68 -29.49 -0.76
C LEU C 287 22.17 -30.78 -0.14
N ASP C 288 23.05 -31.46 0.58
CA ASP C 288 22.68 -32.67 1.29
C ASP C 288 21.58 -32.36 2.29
N PRO C 289 20.58 -33.26 2.40
CA PRO C 289 19.49 -33.09 3.38
C PRO C 289 19.97 -32.93 4.82
N LEU C 290 21.19 -33.33 5.12
CA LEU C 290 21.72 -33.12 6.48
C LEU C 290 21.91 -31.63 6.82
N VAL C 291 22.06 -30.77 5.81
CA VAL C 291 22.22 -29.35 6.08
C VAL C 291 21.06 -28.54 5.47
N ALA C 292 20.27 -29.17 4.62
CA ALA C 292 19.12 -28.52 4.06
C ALA C 292 17.90 -29.45 4.02
N PRO C 293 17.40 -29.87 5.20
CA PRO C 293 16.28 -30.82 5.23
C PRO C 293 14.95 -30.21 4.80
N SER C 294 14.72 -28.93 5.05
CA SER C 294 13.38 -28.36 4.85
C SER C 294 13.12 -28.00 3.40
N THR C 295 12.91 -29.03 2.59
CA THR C 295 12.74 -28.85 1.15
C THR C 295 11.93 -30.04 0.67
N GLY C 296 11.18 -29.85 -0.40
CA GLY C 296 10.16 -30.80 -0.80
C GLY C 296 10.61 -32.11 -1.41
N THR C 297 11.70 -32.09 -2.17
CA THR C 297 12.17 -33.31 -2.82
C THR C 297 13.65 -33.55 -2.49
N ALA C 298 13.91 -33.82 -1.21
CA ALA C 298 15.27 -34.02 -0.71
C ALA C 298 15.83 -35.34 -1.20
N VAL C 299 17.09 -35.34 -1.60
CA VAL C 299 17.78 -36.54 -2.07
C VAL C 299 19.09 -36.72 -1.34
N PRO C 300 19.28 -37.85 -0.67
CA PRO C 300 20.52 -38.18 0.05
C PRO C 300 21.76 -38.10 -0.83
N GLY C 301 22.92 -37.87 -0.22
CA GLY C 301 24.18 -37.84 -0.95
C GLY C 301 24.44 -36.56 -1.73
N GLY C 302 24.13 -35.42 -1.15
CA GLY C 302 24.25 -34.16 -1.85
C GLY C 302 25.57 -33.42 -1.68
N LEU C 303 25.62 -32.20 -2.20
CA LEU C 303 26.74 -31.31 -1.96
C LEU C 303 26.85 -31.01 -0.48
N THR C 304 28.06 -31.06 0.08
CA THR C 304 28.28 -30.56 1.42
C THR C 304 28.03 -29.06 1.38
N LEU C 305 27.78 -28.45 2.53
CA LEU C 305 27.71 -26.99 2.56
C LEU C 305 28.97 -26.36 1.96
N ARG C 306 30.13 -26.88 2.32
CA ARG C 306 31.40 -26.38 1.80
C ARG C 306 31.46 -26.43 0.28
N GLU C 307 31.03 -27.55 -0.32
CA GLU C 307 31.02 -27.63 -1.79
C GLU C 307 30.08 -26.59 -2.39
N GLY C 308 28.93 -26.38 -1.77
CA GLY C 308 28.00 -25.38 -2.22
C GLY C 308 28.61 -24.00 -2.11
N LEU C 309 29.36 -23.77 -1.03
CA LEU C 309 30.03 -22.49 -0.84
C LEU C 309 31.11 -22.24 -1.89
N ARG C 310 31.85 -23.27 -2.27
CA ARG C 310 32.89 -23.13 -3.30
C ARG C 310 32.30 -22.74 -4.65
N ILE C 311 31.17 -23.33 -5.00
CA ILE C 311 30.48 -22.97 -6.22
C ILE C 311 30.14 -21.49 -6.20
N CYS C 312 29.54 -21.03 -5.11
CA CYS C 312 29.10 -19.66 -5.03
C CYS C 312 30.28 -18.69 -4.98
N GLU C 313 31.34 -19.07 -4.27
CA GLU C 313 32.52 -18.22 -4.14
C GLU C 313 33.17 -18.00 -5.49
N GLU C 314 33.27 -19.07 -6.29
CA GLU C 314 33.92 -19.00 -7.59
C GLU C 314 33.06 -18.28 -8.62
N VAL C 315 31.75 -18.47 -8.56
CA VAL C 315 30.82 -17.75 -9.42
C VAL C 315 30.92 -16.27 -9.12
N SER C 316 30.89 -15.93 -7.83
CA SER C 316 30.98 -14.54 -7.39
C SER C 316 32.26 -13.85 -7.86
N ALA C 317 33.38 -14.57 -7.78
CA ALA C 317 34.68 -13.97 -8.04
C ALA C 317 34.90 -13.74 -9.52
N THR C 318 34.04 -14.31 -10.37
CA THR C 318 34.16 -14.03 -11.80
C THR C 318 33.90 -12.57 -12.09
N GLY C 319 33.14 -11.91 -11.22
CA GLY C 319 32.69 -10.55 -11.47
C GLY C 319 31.46 -10.50 -12.37
N LYS C 320 31.03 -11.65 -12.89
CA LYS C 320 29.90 -11.70 -13.82
C LYS C 320 28.61 -12.24 -13.20
N LEU C 321 28.55 -12.36 -11.88
CA LEU C 321 27.30 -12.79 -11.26
C LEU C 321 26.22 -11.71 -11.46
N SER C 322 25.19 -12.06 -12.22
CA SER C 322 24.15 -11.13 -12.62
C SER C 322 22.82 -11.40 -11.89
N VAL C 323 22.42 -12.67 -11.85
CA VAL C 323 21.30 -13.08 -11.03
C VAL C 323 21.66 -14.36 -10.28
N VAL C 324 21.43 -14.39 -8.96
CA VAL C 324 21.36 -15.65 -8.26
C VAL C 324 19.95 -15.84 -7.73
N GLU C 325 19.40 -17.03 -7.92
CA GLU C 325 18.13 -17.36 -7.33
C GLU C 325 18.26 -18.63 -6.50
N LEU C 326 17.54 -18.65 -5.39
CA LEU C 326 17.59 -19.76 -4.46
C LEU C 326 16.21 -20.36 -4.34
N ALA C 327 16.04 -21.58 -4.82
CA ALA C 327 14.72 -22.18 -4.90
C ALA C 327 14.48 -23.25 -3.85
N GLU C 328 13.20 -23.49 -3.55
CA GLU C 328 12.69 -24.67 -2.84
C GLU C 328 12.91 -24.70 -1.33
N LEU C 329 13.14 -23.55 -0.71
CA LEU C 329 13.02 -23.48 0.74
C LEU C 329 11.55 -23.72 1.07
N ASN C 330 11.31 -24.55 2.07
CA ASN C 330 9.96 -24.74 2.58
C ASN C 330 9.98 -24.89 4.09
N PRO C 331 9.80 -23.77 4.79
CA PRO C 331 9.79 -23.69 6.25
C PRO C 331 8.69 -24.53 6.91
N LEU C 332 7.75 -25.07 6.13
CA LEU C 332 6.67 -25.87 6.70
C LEU C 332 7.05 -27.34 6.72
N LEU C 333 8.22 -27.67 6.21
CA LEU C 333 8.70 -29.04 6.26
C LEU C 333 9.73 -29.20 7.35
N GLY C 334 9.63 -30.31 8.07
CA GLY C 334 10.62 -30.67 9.06
C GLY C 334 10.39 -30.01 10.40
N SER C 335 11.23 -30.35 11.36
CA SER C 335 11.17 -29.76 12.68
C SER C 335 11.66 -28.32 12.66
N GLN C 336 11.44 -27.61 13.76
CA GLN C 336 11.91 -26.26 13.93
C GLN C 336 13.44 -26.20 13.76
N GLU C 337 14.12 -27.21 14.29
CA GLU C 337 15.55 -27.28 14.10
C GLU C 337 15.89 -27.52 12.64
N ASP C 338 15.11 -28.34 11.95
CA ASP C 338 15.31 -28.56 10.51
C ASP C 338 15.24 -27.25 9.76
N VAL C 339 14.27 -26.41 10.11
CA VAL C 339 14.06 -25.13 9.44
C VAL C 339 15.22 -24.17 9.70
N LEU C 340 15.72 -24.16 10.93
CA LEU C 340 16.87 -23.33 11.26
C LEU C 340 18.11 -23.72 10.46
N LYS C 341 18.40 -25.02 10.39
CA LYS C 341 19.51 -25.54 9.60
C LYS C 341 19.44 -25.11 8.14
N THR C 342 18.25 -25.24 7.55
CA THR C 342 18.04 -24.87 6.17
C THR C 342 18.17 -23.37 5.96
N GLN C 343 17.58 -22.60 6.86
CA GLN C 343 17.70 -21.13 6.85
C GLN C 343 19.18 -20.73 6.87
N SER C 344 19.90 -21.28 7.85
CA SER C 344 21.30 -20.99 8.00
C SER C 344 22.11 -21.36 6.76
N SER C 345 21.84 -22.52 6.18
CA SER C 345 22.56 -22.91 4.96
C SER C 345 22.31 -21.93 3.83
N ALA C 346 21.06 -21.56 3.65
CA ALA C 346 20.66 -20.60 2.62
C ALA C 346 21.38 -19.25 2.77
N VAL C 347 21.46 -18.75 4.01
CA VAL C 347 22.11 -17.48 4.30
C VAL C 347 23.60 -17.49 3.94
N HIS C 348 24.31 -18.54 4.36
CA HIS C 348 25.71 -18.69 4.03
C HIS C 348 25.92 -18.74 2.53
N ILE C 349 25.07 -19.50 1.85
CA ILE C 349 25.13 -19.62 0.40
C ILE C 349 24.98 -18.27 -0.26
N LEU C 350 23.92 -17.54 0.10
CA LEU C 350 23.65 -16.26 -0.51
C LEU C 350 24.73 -15.23 -0.19
N ARG C 351 25.29 -15.34 1.01
CA ARG C 351 26.39 -14.47 1.43
C ARG C 351 27.59 -14.63 0.52
N ALA C 352 27.97 -15.87 0.26
CA ALA C 352 29.07 -16.19 -0.65
C ALA C 352 28.81 -15.69 -2.07
N CYS C 353 27.56 -15.73 -2.50
CA CYS C 353 27.24 -15.26 -3.85
C CYS C 353 27.57 -13.78 -3.96
N LEU C 354 27.34 -13.05 -2.89
CA LEU C 354 27.56 -11.61 -2.89
C LEU C 354 29.01 -11.23 -2.60
N GLY C 355 29.86 -12.21 -2.34
CA GLY C 355 31.29 -11.97 -2.21
C GLY C 355 31.91 -12.18 -0.85
N HIS C 356 31.13 -12.69 0.11
CA HIS C 356 31.69 -13.00 1.43
C HIS C 356 32.79 -14.03 1.34
N CYS C 357 33.87 -13.81 2.08
CA CYS C 357 35.05 -14.67 2.01
CA CYS C 357 35.00 -14.71 2.01
C CYS C 357 35.31 -15.33 3.36
N ARG C 358 35.48 -16.65 3.34
CA ARG C 358 35.73 -17.42 4.56
C ARG C 358 37.15 -17.21 5.06
N SER C 359 38.01 -16.67 4.21
CA SER C 359 39.36 -16.37 4.63
C SER C 359 39.46 -14.98 5.25
N GLY C 360 38.31 -14.33 5.44
CA GLY C 360 38.25 -13.08 6.16
C GLY C 360 38.29 -11.85 5.28
N HIS C 361 37.78 -10.74 5.83
CA HIS C 361 37.82 -9.44 5.16
C HIS C 361 38.63 -8.43 5.96
N LEU C 362 39.23 -7.48 5.27
CA LEU C 362 39.91 -6.38 5.91
C LEU C 362 38.88 -5.34 6.32
N PRO C 363 39.19 -4.55 7.36
CA PRO C 363 38.20 -3.52 7.75
C PRO C 363 38.22 -2.35 6.77
N PHE C 364 37.11 -1.63 6.70
CA PHE C 364 37.03 -0.46 5.83
C PHE C 364 37.85 0.69 6.40
N LYS C 365 37.84 0.81 7.71
CA LYS C 365 38.76 1.72 8.38
C LYS C 365 39.53 0.95 9.45
N VAL C 366 40.85 0.90 9.31
CA VAL C 366 41.68 0.21 10.28
C VAL C 366 41.64 0.95 11.61
N ARG C 367 41.38 0.23 12.69
CA ARG C 367 41.35 0.83 14.00
C ARG C 367 42.69 0.65 14.67
N ASN C 368 43.03 1.61 15.53
CA ASN C 368 44.24 1.57 16.29
C ASN C 368 44.01 2.14 17.70
N LEU C 369 44.59 1.49 18.71
CA LEU C 369 44.46 1.96 20.08
C LEU C 369 44.87 3.43 20.17
N THR C 370 45.91 3.78 19.44
CA THR C 370 46.40 5.13 19.35
C THR C 370 45.34 6.16 18.89
N ASP C 371 44.33 5.73 18.14
CA ASP C 371 43.22 6.60 17.74
C ASP C 371 42.43 7.14 18.92
N GLN C 372 42.46 6.43 20.03
CA GLN C 372 41.64 6.79 21.17
C GLN C 372 42.49 7.46 22.24
N GLY C 373 43.79 7.60 22.00
CA GLY C 373 44.67 8.24 22.97
C GLY C 373 44.91 7.41 24.21
N ILE C 374 44.56 6.14 24.16
CA ILE C 374 44.70 5.26 25.31
C ILE C 374 46.15 4.79 25.50
N MET C 375 46.55 4.59 26.73
CA MET C 375 47.90 4.12 27.05
C MET C 375 48.03 2.60 26.89
N SER C 376 48.91 2.15 26.01
CA SER C 376 49.06 0.71 25.80
C SER C 376 50.01 0.06 26.83
N ARG C 377 50.02 -1.27 26.85
CA ARG C 377 50.94 -2.00 27.72
C ARG C 377 52.37 -1.75 27.29
N ALA C 378 52.60 -1.76 25.99
CA ALA C 378 53.89 -1.41 25.42
C ALA C 378 54.38 -0.04 25.88
N ALA C 379 53.55 0.98 25.65
CA ALA C 379 53.89 2.36 26.01
C ALA C 379 54.14 2.49 27.50
N HIS C 380 53.40 1.75 28.30
CA HIS C 380 53.58 1.81 29.73
C HIS C 380 54.86 1.11 30.15
N MET C 381 55.25 0.05 29.43
CA MET C 381 56.44 -0.73 29.81
C MET C 381 57.73 0.01 29.44
N GLN C 382 57.64 0.91 28.47
CA GLN C 382 58.74 1.82 28.18
C GLN C 382 58.70 3.00 29.16
N THR C 383 58.50 2.68 30.44
CA THR C 383 58.39 3.68 31.50
C THR C 383 58.66 3.05 32.86
N LEU D 40 -11.35 -6.00 -55.55
CA LEU D 40 -12.18 -6.09 -54.35
C LEU D 40 -12.37 -4.75 -53.68
N LEU D 41 -13.59 -4.48 -53.25
CA LEU D 41 -13.90 -3.24 -52.55
C LEU D 41 -13.34 -3.28 -51.13
N TYR D 42 -13.45 -4.43 -50.47
CA TYR D 42 -12.83 -4.64 -49.16
C TYR D 42 -11.93 -5.88 -49.20
N THR D 43 -10.63 -5.69 -49.01
CA THR D 43 -9.68 -6.79 -49.13
C THR D 43 -9.38 -7.45 -47.79
N SER D 44 -9.65 -6.74 -46.69
CA SER D 44 -9.46 -7.31 -45.36
C SER D 44 -10.61 -6.92 -44.43
N ALA D 45 -10.86 -7.78 -43.44
CA ALA D 45 -11.95 -7.53 -42.50
C ALA D 45 -11.62 -8.00 -41.09
N ASN D 46 -12.20 -7.34 -40.09
CA ASN D 46 -12.04 -7.72 -38.70
C ASN D 46 -13.32 -8.35 -38.14
N PHE D 47 -13.15 -9.36 -37.29
CA PHE D 47 -14.26 -10.11 -36.73
C PHE D 47 -14.26 -10.05 -35.21
N LEU D 48 -15.42 -9.76 -34.64
CA LEU D 48 -15.54 -9.64 -33.19
C LEU D 48 -16.86 -10.24 -32.68
N GLY D 49 -16.79 -10.97 -31.57
CA GLY D 49 -17.97 -11.49 -30.94
C GLY D 49 -18.31 -10.70 -29.69
N ILE D 50 -19.60 -10.49 -29.45
CA ILE D 50 -20.07 -9.87 -28.22
C ILE D 50 -21.27 -10.66 -27.69
N PRO D 51 -21.01 -11.67 -26.84
CA PRO D 51 -22.03 -12.62 -26.36
C PRO D 51 -22.98 -12.03 -25.31
N THR D 52 -23.42 -10.81 -25.53
CA THR D 52 -24.35 -10.14 -24.62
C THR D 52 -25.62 -10.96 -24.44
N ASN D 53 -26.02 -11.18 -23.19
CA ASN D 53 -27.25 -11.90 -22.90
C ASN D 53 -28.04 -11.25 -21.77
N ARG D 54 -27.45 -10.22 -21.16
CA ARG D 54 -28.10 -9.53 -20.05
C ARG D 54 -28.98 -8.38 -20.54
N GLY D 55 -29.31 -8.39 -21.82
CA GLY D 55 -30.21 -7.40 -22.37
C GLY D 55 -31.60 -7.96 -22.59
N GLN D 56 -31.67 -9.29 -22.67
CA GLN D 56 -32.94 -9.98 -22.94
C GLN D 56 -33.03 -11.26 -22.10
N PRO D 57 -34.23 -11.54 -21.57
CA PRO D 57 -34.48 -12.63 -20.61
C PRO D 57 -34.13 -14.04 -21.08
N LYS D 58 -34.33 -14.34 -22.36
CA LYS D 58 -34.08 -15.68 -22.87
C LYS D 58 -32.59 -15.98 -22.99
N ILE D 59 -32.16 -17.07 -22.37
CA ILE D 59 -30.77 -17.48 -22.43
C ILE D 59 -30.45 -18.03 -23.82
N GLY D 60 -29.23 -17.79 -24.28
CA GLY D 60 -28.77 -18.36 -25.54
C GLY D 60 -28.13 -17.40 -26.52
N THR D 61 -28.42 -16.11 -26.41
CA THR D 61 -27.84 -15.14 -27.33
C THR D 61 -26.33 -15.06 -27.16
N TYR D 62 -25.83 -15.49 -26.01
CA TYR D 62 -24.39 -15.53 -25.78
C TYR D 62 -23.71 -16.58 -26.68
N GLN D 63 -24.49 -17.48 -27.25
CA GLN D 63 -23.94 -18.51 -28.13
C GLN D 63 -23.94 -18.06 -29.59
N GLY D 64 -24.36 -16.83 -29.84
CA GLY D 64 -24.40 -16.26 -31.17
C GLY D 64 -23.07 -16.24 -31.93
N PRO D 65 -22.03 -15.65 -31.32
CA PRO D 65 -20.72 -15.63 -31.98
C PRO D 65 -20.21 -17.01 -32.39
N GLU D 66 -20.45 -18.01 -31.56
CA GLU D 66 -19.95 -19.36 -31.83
C GLU D 66 -20.77 -20.02 -32.94
N LEU D 67 -22.06 -19.67 -33.00
CA LEU D 67 -22.93 -20.17 -34.06
C LEU D 67 -22.34 -19.87 -35.44
N ILE D 68 -21.64 -18.74 -35.54
CA ILE D 68 -21.11 -18.28 -36.83
C ILE D 68 -19.65 -18.70 -37.04
N ARG D 69 -18.90 -18.85 -35.95
CA ARG D 69 -17.57 -19.44 -36.03
C ARG D 69 -17.66 -20.93 -36.39
N LYS D 70 -18.76 -21.56 -35.97
CA LYS D 70 -19.04 -22.97 -36.28
C LYS D 70 -19.28 -23.16 -37.77
N SER D 71 -20.01 -22.23 -38.37
CA SER D 71 -20.35 -22.28 -39.79
C SER D 71 -19.11 -22.15 -40.68
N ASN D 72 -19.30 -22.29 -41.97
CA ASN D 72 -18.18 -22.14 -42.91
C ASN D 72 -18.07 -20.71 -43.42
N PHE D 73 -18.57 -19.76 -42.63
CA PHE D 73 -18.53 -18.34 -42.96
C PHE D 73 -17.11 -17.86 -43.26
N PHE D 74 -16.17 -18.25 -42.42
CA PHE D 74 -14.76 -17.89 -42.62
C PHE D 74 -14.19 -18.54 -43.88
N GLN D 75 -14.61 -19.77 -44.15
CA GLN D 75 -14.15 -20.48 -45.34
C GLN D 75 -14.70 -19.83 -46.60
N LEU D 76 -15.96 -19.39 -46.54
CA LEU D 76 -16.62 -18.75 -47.67
C LEU D 76 -16.08 -17.35 -47.95
N VAL D 77 -15.71 -16.63 -46.90
CA VAL D 77 -15.11 -15.31 -47.06
C VAL D 77 -13.73 -15.42 -47.67
N ALA D 78 -12.99 -16.44 -47.24
CA ALA D 78 -11.64 -16.68 -47.75
C ALA D 78 -11.65 -16.98 -49.24
N GLU D 79 -12.64 -17.74 -49.69
CA GLU D 79 -12.73 -18.11 -51.11
C GLU D 79 -13.16 -16.93 -51.98
N ASP D 80 -13.50 -15.81 -51.35
CA ASP D 80 -13.73 -14.58 -52.08
C ASP D 80 -12.50 -13.70 -52.01
N GLY D 81 -11.44 -14.23 -51.41
CA GLY D 81 -10.15 -13.56 -51.37
C GLY D 81 -10.10 -12.41 -50.39
N ILE D 82 -10.89 -12.50 -49.32
CA ILE D 82 -10.88 -11.47 -48.29
C ILE D 82 -10.19 -11.98 -47.02
N GLN D 83 -9.25 -11.19 -46.49
CA GLN D 83 -8.52 -11.58 -45.29
C GLN D 83 -9.32 -11.28 -44.03
N LEU D 84 -9.91 -12.32 -43.44
CA LEU D 84 -10.78 -12.14 -42.27
C LEU D 84 -10.06 -12.48 -40.96
N THR D 85 -9.80 -11.46 -40.15
CA THR D 85 -9.05 -11.62 -38.91
C THR D 85 -9.92 -11.63 -37.65
N ASP D 86 -9.95 -12.77 -36.97
CA ASP D 86 -10.74 -12.94 -35.75
C ASP D 86 -10.11 -12.20 -34.58
N CYS D 87 -10.79 -11.17 -34.07
CA CYS D 87 -10.29 -10.37 -32.95
C CYS D 87 -10.85 -10.83 -31.60
N GLY D 88 -11.31 -12.07 -31.53
CA GLY D 88 -11.79 -12.63 -30.27
C GLY D 88 -13.17 -12.18 -29.86
N ASP D 89 -13.45 -12.26 -28.56
CA ASP D 89 -14.76 -11.91 -28.01
C ASP D 89 -14.68 -10.82 -26.95
N ILE D 90 -15.76 -10.10 -26.77
CA ILE D 90 -15.90 -9.21 -25.62
C ILE D 90 -16.41 -10.01 -24.44
N ILE D 91 -15.87 -9.76 -23.26
CA ILE D 91 -16.37 -10.41 -22.06
C ILE D 91 -17.31 -9.46 -21.33
N PRO D 92 -18.62 -9.74 -21.41
CA PRO D 92 -19.67 -8.88 -20.83
C PRO D 92 -19.66 -8.87 -19.31
N VAL D 93 -19.90 -7.70 -18.72
CA VAL D 93 -20.06 -7.61 -17.28
C VAL D 93 -21.44 -8.12 -16.91
N GLU D 94 -21.49 -9.21 -16.15
CA GLU D 94 -22.75 -9.78 -15.70
C GLU D 94 -22.80 -9.83 -14.17
N LEU D 95 -23.23 -8.74 -13.56
CA LEU D 95 -23.37 -8.69 -12.10
C LEU D 95 -24.46 -9.65 -11.64
N ASN D 96 -24.49 -9.95 -10.34
CA ASN D 96 -25.58 -10.74 -9.78
C ASN D 96 -26.75 -9.84 -9.39
N GLU D 97 -27.89 -10.44 -9.09
CA GLU D 97 -29.10 -9.68 -8.80
C GLU D 97 -28.91 -8.67 -7.66
N ALA D 98 -28.17 -9.05 -6.63
CA ALA D 98 -27.96 -8.19 -5.46
C ALA D 98 -27.12 -6.97 -5.82
N GLU D 99 -26.05 -7.19 -6.58
CA GLU D 99 -25.21 -6.10 -7.06
C GLU D 99 -25.97 -5.16 -7.98
N ASP D 100 -26.89 -5.72 -8.78
CA ASP D 100 -27.55 -4.99 -9.87
C ASP D 100 -29.08 -5.04 -9.88
N PRO D 101 -29.67 -4.30 -8.86
CA PRO D 101 -31.13 -4.33 -8.88
C PRO D 101 -31.78 -3.36 -9.86
N GLN D 102 -33.06 -3.53 -10.07
CA GLN D 102 -33.81 -2.75 -11.02
C GLN D 102 -33.79 -1.27 -10.71
N ARG D 103 -33.60 -0.43 -11.73
CA ARG D 103 -33.79 1.01 -11.60
C ARG D 103 -34.66 1.58 -12.71
N PHE D 104 -35.70 2.32 -12.31
CA PHE D 104 -36.67 2.89 -13.25
C PHE D 104 -37.32 1.83 -14.13
N GLY D 105 -37.31 0.59 -13.67
CA GLY D 105 -37.88 -0.52 -14.41
C GLY D 105 -36.84 -1.28 -15.20
N MET D 106 -35.66 -0.69 -15.37
CA MET D 106 -34.60 -1.30 -16.17
C MET D 106 -34.01 -2.52 -15.50
N LYS D 107 -34.13 -3.66 -16.17
CA LYS D 107 -33.56 -4.91 -15.69
C LYS D 107 -32.12 -5.03 -16.16
N TRP D 108 -31.24 -5.45 -15.25
CA TRP D 108 -29.80 -5.52 -15.51
C TRP D 108 -29.24 -4.19 -15.98
N SER D 109 -29.70 -3.12 -15.33
CA SER D 109 -29.28 -1.75 -15.64
C SER D 109 -27.78 -1.52 -15.51
N ARG D 110 -27.19 -1.90 -14.38
CA ARG D 110 -25.78 -1.63 -14.12
C ARG D 110 -24.86 -2.59 -14.86
N SER D 111 -25.35 -3.78 -15.17
CA SER D 111 -24.58 -4.71 -16.00
C SER D 111 -24.46 -4.14 -17.41
N PHE D 112 -25.53 -3.52 -17.88
CA PHE D 112 -25.56 -2.86 -19.18
C PHE D 112 -24.56 -1.72 -19.22
N SER D 113 -24.63 -0.85 -18.21
CA SER D 113 -23.80 0.34 -18.11
C SER D 113 -22.31 0.01 -18.15
N LEU D 114 -21.92 -1.03 -17.42
CA LEU D 114 -20.53 -1.46 -17.38
C LEU D 114 -20.10 -2.12 -18.68
N THR D 115 -21.01 -2.87 -19.29
CA THR D 115 -20.72 -3.58 -20.54
C THR D 115 -20.62 -2.62 -21.73
N THR D 116 -21.49 -1.62 -21.76
CA THR D 116 -21.49 -0.60 -22.82
C THR D 116 -20.12 0.04 -22.97
N LEU D 117 -19.48 0.36 -21.85
CA LEU D 117 -18.16 0.97 -21.84
C LEU D 117 -17.06 0.02 -22.29
N ARG D 118 -17.13 -1.23 -21.83
CA ARG D 118 -16.12 -2.22 -22.19
C ARG D 118 -16.20 -2.55 -23.68
N ILE D 119 -17.40 -2.47 -24.23
CA ILE D 119 -17.60 -2.67 -25.67
C ILE D 119 -17.04 -1.48 -26.44
N ALA D 120 -17.39 -0.28 -25.98
CA ALA D 120 -17.02 0.96 -26.64
C ALA D 120 -15.51 1.11 -26.77
N GLU D 121 -14.78 0.90 -25.68
CA GLU D 121 -13.34 1.08 -25.67
C GLU D 121 -12.66 0.10 -26.61
N ARG D 122 -13.24 -1.09 -26.73
CA ARG D 122 -12.68 -2.13 -27.58
C ARG D 122 -12.97 -1.87 -29.06
N VAL D 123 -14.17 -1.38 -29.38
CA VAL D 123 -14.51 -1.07 -30.77
C VAL D 123 -13.71 0.14 -31.25
N GLU D 124 -13.54 1.13 -30.38
CA GLU D 124 -12.76 2.31 -30.70
C GLU D 124 -11.33 1.94 -31.06
N GLU D 125 -10.75 1.02 -30.29
CA GLU D 125 -9.39 0.54 -30.53
C GLU D 125 -9.26 -0.12 -31.90
N LEU D 126 -10.21 -0.99 -32.21
CA LEU D 126 -10.21 -1.73 -33.47
C LEU D 126 -10.40 -0.81 -34.67
N MET D 127 -11.17 0.25 -34.47
CA MET D 127 -11.45 1.19 -35.54
C MET D 127 -10.22 2.05 -35.86
N LYS D 128 -9.58 2.56 -34.82
CA LYS D 128 -8.33 3.31 -34.99
C LYS D 128 -7.21 2.36 -35.40
N SER D 142 -10.70 0.48 -47.01
CA SER D 142 -10.79 0.46 -45.55
C SER D 142 -11.10 -0.93 -45.03
N THR D 143 -11.08 -1.10 -43.71
CA THR D 143 -11.31 -2.40 -43.07
C THR D 143 -12.59 -2.40 -42.26
N PRO D 144 -13.63 -3.06 -42.77
CA PRO D 144 -14.90 -3.17 -42.05
C PRO D 144 -14.81 -4.08 -40.84
N LEU D 145 -15.48 -3.72 -39.76
CA LEU D 145 -15.52 -4.54 -38.56
C LEU D 145 -16.83 -5.30 -38.44
N VAL D 146 -16.77 -6.63 -38.50
CA VAL D 146 -17.95 -7.47 -38.38
C VAL D 146 -18.18 -7.91 -36.94
N ILE D 147 -19.30 -7.50 -36.38
CA ILE D 147 -19.64 -7.82 -35.00
C ILE D 147 -20.82 -8.77 -34.94
N VAL D 148 -20.73 -9.80 -34.13
CA VAL D 148 -21.84 -10.74 -33.94
C VAL D 148 -22.25 -10.82 -32.47
N GLY D 149 -23.53 -10.54 -32.20
CA GLY D 149 -24.06 -10.68 -30.86
C GLY D 149 -24.56 -12.09 -30.62
N GLY D 150 -25.20 -12.32 -29.47
CA GLY D 150 -25.44 -11.28 -28.49
C GLY D 150 -26.74 -10.55 -28.79
N ASP D 151 -27.45 -10.13 -27.75
CA ASP D 151 -28.68 -9.37 -27.98
C ASP D 151 -28.32 -7.92 -28.30
N HIS D 152 -29.31 -7.17 -28.78
CA HIS D 152 -29.07 -5.87 -29.39
C HIS D 152 -28.65 -4.75 -28.44
N SER D 153 -28.62 -5.02 -27.13
CA SER D 153 -28.23 -3.98 -26.18
C SER D 153 -26.73 -3.68 -26.29
N MET D 154 -26.02 -4.49 -27.05
CA MET D 154 -24.62 -4.25 -27.36
C MET D 154 -24.45 -2.99 -28.21
N ALA D 155 -25.52 -2.61 -28.91
CA ALA D 155 -25.46 -1.54 -29.90
C ALA D 155 -25.09 -0.19 -29.29
N THR D 156 -25.51 0.06 -28.06
CA THR D 156 -25.15 1.30 -27.39
C THR D 156 -23.64 1.42 -27.29
N GLY D 157 -22.99 0.29 -27.03
CA GLY D 157 -21.55 0.28 -26.85
C GLY D 157 -20.79 0.31 -28.17
N THR D 158 -21.24 -0.49 -29.13
CA THR D 158 -20.57 -0.57 -30.43
C THR D 158 -20.64 0.75 -31.20
N ILE D 159 -21.80 1.40 -31.17
CA ILE D 159 -21.98 2.69 -31.86
C ILE D 159 -21.17 3.78 -31.16
N LEU D 160 -21.23 3.82 -29.84
CA LEU D 160 -20.50 4.82 -29.07
C LEU D 160 -19.00 4.73 -29.31
N GLY D 161 -18.49 3.50 -29.36
CA GLY D 161 -17.07 3.28 -29.60
C GLY D 161 -16.74 3.58 -31.05
N HIS D 162 -17.68 3.28 -31.94
CA HIS D 162 -17.51 3.55 -33.36
C HIS D 162 -17.51 5.06 -33.60
N ALA D 163 -18.39 5.77 -32.92
CA ALA D 163 -18.52 7.21 -33.08
C ALA D 163 -17.31 7.95 -32.52
N GLU D 164 -16.53 7.27 -31.68
CA GLU D 164 -15.33 7.86 -31.12
C GLU D 164 -14.23 7.93 -32.17
N ALA D 165 -14.18 6.92 -33.04
CA ALA D 165 -13.23 6.93 -34.14
C ALA D 165 -13.77 7.71 -35.33
N LYS D 166 -15.07 7.65 -35.53
CA LYS D 166 -15.73 8.28 -36.69
C LYS D 166 -17.00 9.02 -36.29
N PRO D 167 -16.85 10.26 -35.77
CA PRO D 167 -17.96 11.04 -35.22
C PRO D 167 -19.05 11.41 -36.24
N ASP D 168 -18.73 11.35 -37.53
CA ASP D 168 -19.69 11.76 -38.56
C ASP D 168 -20.50 10.61 -39.15
N LEU D 169 -20.39 9.43 -38.55
CA LEU D 169 -21.05 8.23 -39.08
C LEU D 169 -22.57 8.33 -39.14
N CYS D 170 -23.17 7.49 -39.98
CA CYS D 170 -24.61 7.34 -40.01
C CYS D 170 -24.97 5.93 -39.57
N VAL D 171 -26.18 5.76 -39.07
CA VAL D 171 -26.64 4.44 -38.65
C VAL D 171 -27.81 3.97 -39.49
N LEU D 172 -27.65 2.78 -40.07
CA LEU D 172 -28.77 2.08 -40.70
C LEU D 172 -29.19 0.94 -39.78
N TRP D 173 -30.44 1.00 -39.30
CA TRP D 173 -30.94 0.09 -38.30
C TRP D 173 -32.00 -0.85 -38.87
N ILE D 174 -31.58 -2.06 -39.22
CA ILE D 174 -32.47 -3.05 -39.83
C ILE D 174 -33.10 -3.89 -38.74
N ASP D 175 -34.41 -3.78 -38.59
CA ASP D 175 -35.06 -4.30 -37.39
C ASP D 175 -36.58 -4.36 -37.51
N ALA D 176 -37.18 -5.37 -36.91
CA ALA D 176 -38.62 -5.39 -36.73
C ALA D 176 -39.03 -4.39 -35.64
N HIS D 177 -38.07 -3.98 -34.82
CA HIS D 177 -38.37 -3.13 -33.67
C HIS D 177 -37.62 -1.80 -33.69
N GLY D 178 -38.11 -0.85 -32.91
CA GLY D 178 -37.49 0.46 -32.84
C GLY D 178 -36.23 0.49 -31.99
N ASP D 179 -36.18 -0.35 -30.97
CA ASP D 179 -35.05 -0.41 -30.04
C ASP D 179 -34.69 0.98 -29.50
N ILE D 180 -35.70 1.83 -29.35
CA ILE D 180 -35.47 3.23 -29.02
C ILE D 180 -36.40 3.69 -27.89
N ASN D 181 -36.95 2.72 -27.15
CA ASN D 181 -37.74 3.01 -25.96
C ASN D 181 -36.92 3.72 -24.89
N THR D 182 -37.52 4.74 -24.27
CA THR D 182 -36.91 5.36 -23.09
C THR D 182 -37.26 4.52 -21.86
N PRO D 183 -36.36 4.46 -20.86
CA PRO D 183 -36.53 3.60 -19.69
C PRO D 183 -37.91 3.70 -19.03
N LEU D 184 -38.44 4.90 -18.91
CA LEU D 184 -39.74 5.09 -18.27
C LEU D 184 -40.90 4.67 -19.17
N ASN D 185 -40.65 4.54 -20.47
CA ASN D 185 -41.70 4.15 -21.41
C ASN D 185 -41.63 2.68 -21.82
N SER D 186 -40.74 1.93 -21.17
CA SER D 186 -40.56 0.52 -21.48
C SER D 186 -41.44 -0.39 -20.63
N ALA D 187 -42.33 -1.12 -21.27
CA ALA D 187 -43.25 -2.00 -20.56
C ALA D 187 -42.64 -3.36 -20.29
N SER D 188 -41.38 -3.54 -20.67
CA SER D 188 -40.71 -4.83 -20.48
C SER D 188 -39.52 -4.69 -19.55
N GLY D 189 -38.82 -3.56 -19.62
CA GLY D 189 -37.65 -3.33 -18.81
C GLY D 189 -36.39 -3.97 -19.39
N ASN D 190 -36.53 -4.57 -20.56
CA ASN D 190 -35.41 -5.20 -21.23
C ASN D 190 -34.53 -4.17 -21.99
N MET D 191 -33.29 -4.20 -21.76
CA MET D 191 -32.35 -3.25 -22.33
C MET D 191 -32.14 -3.39 -23.86
N HIS D 192 -32.34 -4.58 -24.43
CA HIS D 192 -32.21 -4.70 -25.89
C HIS D 192 -33.30 -3.89 -26.61
N GLY D 193 -34.33 -3.45 -25.89
CA GLY D 193 -35.35 -2.59 -26.47
C GLY D 193 -35.09 -1.09 -26.32
N MET D 194 -33.96 -0.75 -25.70
CA MET D 194 -33.60 0.66 -25.46
C MET D 194 -32.23 1.18 -25.99
N PRO D 195 -31.47 0.49 -26.78
CA PRO D 195 -30.07 0.93 -26.96
C PRO D 195 -29.90 2.28 -27.67
N LEU D 196 -30.86 2.69 -28.48
CA LEU D 196 -30.76 3.95 -29.20
C LEU D 196 -31.15 5.15 -28.33
N SER D 197 -31.93 4.90 -27.28
CA SER D 197 -32.31 5.94 -26.31
C SER D 197 -31.13 6.75 -25.82
N PHE D 198 -30.05 6.05 -25.50
CA PHE D 198 -28.90 6.65 -24.84
C PHE D 198 -27.93 7.29 -25.83
N LEU D 199 -28.16 7.07 -27.12
CA LEU D 199 -27.26 7.60 -28.15
C LEU D 199 -27.81 8.87 -28.80
N VAL D 200 -29.13 8.97 -28.88
CA VAL D 200 -29.78 10.08 -29.57
C VAL D 200 -29.84 11.33 -28.70
N LYS D 201 -29.14 12.37 -29.14
CA LYS D 201 -29.03 13.62 -28.41
C LYS D 201 -30.38 14.29 -28.18
N GLU D 202 -31.29 14.13 -29.13
CA GLU D 202 -32.61 14.76 -29.04
C GLU D 202 -33.50 14.08 -28.01
N LEU D 203 -33.06 12.94 -27.49
CA LEU D 203 -33.87 12.14 -26.57
C LEU D 203 -33.43 12.26 -25.11
N GLN D 204 -32.42 13.06 -24.83
CA GLN D 204 -31.76 13.03 -23.52
C GLN D 204 -32.50 13.73 -22.38
N ASP D 205 -33.62 14.38 -22.68
CA ASP D 205 -34.43 14.97 -21.62
C ASP D 205 -35.54 13.99 -21.22
N GLN D 206 -35.43 12.77 -21.70
CA GLN D 206 -36.35 11.70 -21.33
C GLN D 206 -35.57 10.45 -20.89
N ILE D 207 -34.27 10.60 -20.69
CA ILE D 207 -33.46 9.52 -20.12
C ILE D 207 -33.11 9.86 -18.68
N PRO D 208 -33.48 8.98 -17.75
CA PRO D 208 -33.24 9.16 -16.31
C PRO D 208 -31.75 9.17 -15.97
N TRP D 209 -31.32 10.17 -15.19
CA TRP D 209 -29.90 10.31 -14.86
C TRP D 209 -29.45 9.32 -13.79
N LEU D 210 -28.39 8.58 -14.11
CA LEU D 210 -27.77 7.66 -13.17
C LEU D 210 -26.26 7.85 -13.20
N ASP D 211 -25.63 7.81 -12.03
CA ASP D 211 -24.20 8.07 -11.91
C ASP D 211 -23.36 7.24 -12.87
N ASP D 212 -23.72 5.98 -13.03
CA ASP D 212 -22.94 5.06 -13.86
C ASP D 212 -23.26 5.20 -15.35
N PHE D 213 -24.21 6.08 -15.67
CA PHE D 213 -24.58 6.33 -17.05
C PHE D 213 -23.95 7.61 -17.57
N GLU D 214 -22.97 8.14 -16.83
CA GLU D 214 -22.31 9.38 -17.22
C GLU D 214 -21.30 9.15 -18.33
N GLY D 215 -20.71 7.95 -18.36
CA GLY D 215 -19.72 7.61 -19.37
C GLY D 215 -20.32 7.38 -20.74
N ILE D 216 -21.64 7.24 -20.79
CA ILE D 216 -22.34 7.00 -22.05
C ILE D 216 -22.90 8.30 -22.60
N LYS D 217 -22.06 9.01 -23.35
CA LYS D 217 -22.44 10.30 -23.93
C LYS D 217 -23.13 10.14 -25.28
N PRO D 218 -24.30 10.77 -25.43
CA PRO D 218 -25.09 10.71 -26.68
C PRO D 218 -24.29 11.20 -27.88
N CYS D 219 -24.07 10.34 -28.85
CA CYS D 219 -23.20 10.65 -29.96
C CYS D 219 -23.93 10.66 -31.30
N LEU D 220 -25.26 10.56 -31.25
CA LEU D 220 -26.05 10.50 -32.47
C LEU D 220 -27.08 11.60 -32.56
N ASN D 221 -27.15 12.25 -33.72
CA ASN D 221 -28.30 13.10 -34.03
C ASN D 221 -29.38 12.23 -34.67
N ALA D 222 -30.64 12.61 -34.48
CA ALA D 222 -31.76 11.85 -35.02
C ALA D 222 -31.74 11.81 -36.55
N SER D 223 -31.04 12.78 -37.14
CA SER D 223 -30.94 12.89 -38.58
C SER D 223 -29.87 11.99 -39.17
N ASN D 224 -29.14 11.28 -38.30
CA ASN D 224 -28.08 10.38 -38.77
C ASN D 224 -28.53 8.92 -38.78
N ILE D 225 -29.80 8.67 -38.46
CA ILE D 225 -30.32 7.30 -38.32
C ILE D 225 -31.47 7.01 -39.29
N ALA D 226 -31.47 5.82 -39.87
CA ALA D 226 -32.59 5.38 -40.72
C ALA D 226 -32.97 3.92 -40.46
N TYR D 227 -34.27 3.67 -40.29
CA TYR D 227 -34.79 2.32 -40.10
C TYR D 227 -35.30 1.66 -41.38
N ILE D 228 -35.03 0.36 -41.50
CA ILE D 228 -35.67 -0.52 -42.48
C ILE D 228 -36.10 -1.83 -41.79
N GLY D 229 -37.35 -2.25 -41.95
CA GLY D 229 -37.79 -3.49 -41.35
C GLY D 229 -38.97 -3.42 -40.38
N LEU D 230 -39.16 -2.24 -39.77
CA LEU D 230 -40.12 -2.05 -38.67
C LEU D 230 -41.52 -2.61 -38.92
N ARG D 231 -42.08 -3.24 -37.89
CA ARG D 231 -43.44 -3.80 -37.97
C ARG D 231 -44.04 -4.08 -36.59
N ASP D 232 -43.28 -3.83 -35.54
CA ASP D 232 -43.75 -4.05 -34.18
C ASP D 232 -43.34 -2.89 -33.27
N LEU D 233 -43.52 -1.68 -33.78
CA LEU D 233 -43.20 -0.45 -33.07
C LEU D 233 -44.01 -0.30 -31.78
N ASP D 234 -43.37 0.20 -30.71
CA ASP D 234 -44.11 0.63 -29.53
C ASP D 234 -44.68 2.02 -29.79
N ALA D 235 -45.82 2.32 -29.16
CA ALA D 235 -46.50 3.60 -29.40
C ALA D 235 -45.62 4.80 -29.09
N HIS D 236 -44.84 4.71 -28.02
CA HIS D 236 -43.99 5.82 -27.62
C HIS D 236 -42.75 5.93 -28.52
N GLU D 237 -42.33 4.81 -29.08
CA GLU D 237 -41.28 4.84 -30.08
C GLU D 237 -41.79 5.57 -31.33
N THR D 238 -43.02 5.29 -31.72
CA THR D 238 -43.65 5.91 -32.88
C THR D 238 -43.70 7.43 -32.71
N HIS D 239 -44.05 7.87 -31.51
CA HIS D 239 -44.04 9.29 -31.17
C HIS D 239 -42.66 9.91 -31.33
N ASP D 240 -41.67 9.32 -30.66
CA ASP D 240 -40.31 9.85 -30.69
C ASP D 240 -39.72 9.83 -32.09
N ILE D 241 -39.94 8.73 -32.80
CA ILE D 241 -39.43 8.58 -34.15
C ILE D 241 -40.00 9.66 -35.07
N ARG D 242 -41.31 9.91 -34.97
CA ARG D 242 -41.95 10.94 -35.80
C ARG D 242 -41.63 12.36 -35.34
N LYS D 243 -41.67 12.59 -34.03
CA LYS D 243 -41.46 13.93 -33.49
C LYS D 243 -40.09 14.48 -33.86
N HIS D 244 -39.07 13.63 -33.81
CA HIS D 244 -37.71 14.07 -34.05
C HIS D 244 -37.23 13.79 -35.46
N GLY D 245 -38.16 13.46 -36.35
CA GLY D 245 -37.89 13.31 -37.77
C GLY D 245 -36.86 12.26 -38.16
N ILE D 246 -36.88 11.12 -37.48
CA ILE D 246 -36.01 10.01 -37.86
C ILE D 246 -36.58 9.30 -39.10
N ALA D 247 -35.74 9.13 -40.13
CA ALA D 247 -36.18 8.42 -41.33
C ALA D 247 -36.43 6.95 -41.02
N TYR D 248 -37.61 6.45 -41.39
CA TYR D 248 -37.91 5.04 -41.16
C TYR D 248 -38.75 4.45 -42.28
N PHE D 249 -38.41 3.23 -42.66
CA PHE D 249 -39.18 2.54 -43.69
C PHE D 249 -39.65 1.21 -43.13
N THR D 250 -40.94 1.13 -42.87
CA THR D 250 -41.54 -0.06 -42.29
C THR D 250 -41.79 -1.10 -43.36
N MET D 251 -42.33 -2.24 -42.96
CA MET D 251 -42.68 -3.28 -43.91
C MET D 251 -43.84 -2.84 -44.80
N LEU D 252 -44.67 -1.94 -44.30
CA LEU D 252 -45.69 -1.30 -45.14
C LEU D 252 -45.01 -0.50 -46.28
N ASP D 253 -43.96 0.24 -45.94
CA ASP D 253 -43.24 1.00 -46.95
C ASP D 253 -42.54 0.07 -47.94
N VAL D 254 -42.02 -1.05 -47.45
CA VAL D 254 -41.34 -2.02 -48.30
C VAL D 254 -42.34 -2.68 -49.25
N ASP D 255 -43.55 -2.90 -48.75
CA ASP D 255 -44.63 -3.40 -49.59
C ASP D 255 -45.02 -2.39 -50.68
N ARG D 256 -45.15 -1.12 -50.32
CA ARG D 256 -45.65 -0.13 -51.27
C ARG D 256 -44.55 0.42 -52.19
N MET D 257 -43.32 0.48 -51.72
CA MET D 257 -42.23 1.08 -52.49
C MET D 257 -41.29 0.06 -53.15
N GLY D 258 -41.25 -1.15 -52.61
CA GLY D 258 -40.26 -2.13 -53.02
C GLY D 258 -38.95 -1.88 -52.28
N ILE D 259 -38.18 -2.94 -52.04
CA ILE D 259 -36.96 -2.79 -51.23
C ILE D 259 -35.88 -1.97 -51.93
N GLU D 260 -35.87 -1.95 -53.26
CA GLU D 260 -34.89 -1.19 -54.03
C GLU D 260 -35.04 0.31 -53.76
N ALA D 261 -36.26 0.82 -53.84
CA ALA D 261 -36.52 2.22 -53.57
C ALA D 261 -36.26 2.56 -52.11
N VAL D 262 -36.63 1.64 -51.22
CA VAL D 262 -36.43 1.85 -49.78
C VAL D 262 -34.96 2.00 -49.42
N ILE D 263 -34.11 1.12 -49.97
CA ILE D 263 -32.68 1.25 -49.73
C ILE D 263 -32.17 2.61 -50.22
N LYS D 264 -32.56 2.97 -51.44
CA LYS D 264 -32.11 4.22 -52.02
C LYS D 264 -32.55 5.41 -51.18
N GLU D 265 -33.80 5.40 -50.72
CA GLU D 265 -34.33 6.50 -49.94
C GLU D 265 -33.69 6.56 -48.55
N ALA D 266 -33.29 5.41 -48.01
CA ALA D 266 -32.64 5.34 -46.71
C ALA D 266 -31.25 5.95 -46.80
N LEU D 267 -30.52 5.54 -47.84
CA LEU D 267 -29.18 6.06 -48.07
C LEU D 267 -29.19 7.56 -48.35
N LEU D 268 -30.17 8.01 -49.15
CA LEU D 268 -30.38 9.44 -49.37
C LEU D 268 -30.59 10.18 -48.05
N ALA D 269 -31.48 9.66 -47.20
CA ALA D 269 -31.86 10.32 -45.96
C ALA D 269 -30.68 10.57 -44.99
N VAL D 270 -29.78 9.60 -44.82
CA VAL D 270 -28.70 9.76 -43.84
C VAL D 270 -27.29 9.81 -44.45
N ASN D 271 -27.13 9.41 -45.70
CA ASN D 271 -25.80 9.42 -46.33
C ASN D 271 -25.87 9.89 -47.80
N PRO D 272 -26.36 11.12 -48.02
CA PRO D 272 -26.78 11.63 -49.33
C PRO D 272 -25.74 11.45 -50.45
N ARG D 273 -24.49 11.81 -50.17
CA ARG D 273 -23.44 11.74 -51.18
C ARG D 273 -22.34 10.74 -50.81
N LEU D 274 -22.71 9.72 -50.02
CA LEU D 274 -21.77 8.68 -49.58
C LEU D 274 -20.53 9.28 -48.93
N GLU D 275 -20.73 10.32 -48.13
CA GLU D 275 -19.62 10.98 -47.44
C GLU D 275 -19.31 10.33 -46.10
N LYS D 276 -20.32 9.74 -45.48
CA LYS D 276 -20.20 9.27 -44.09
C LYS D 276 -19.92 7.78 -43.98
N ALA D 277 -19.11 7.41 -42.97
CA ALA D 277 -18.95 6.01 -42.58
C ALA D 277 -20.30 5.44 -42.18
N ILE D 278 -20.55 4.18 -42.50
CA ILE D 278 -21.85 3.56 -42.22
C ILE D 278 -21.80 2.54 -41.08
N HIS D 279 -22.70 2.70 -40.12
CA HIS D 279 -22.90 1.69 -39.08
C HIS D 279 -24.17 0.89 -39.38
N LEU D 280 -24.00 -0.31 -39.92
CA LEU D 280 -25.14 -1.15 -40.27
C LEU D 280 -25.48 -2.10 -39.12
N SER D 281 -26.52 -1.79 -38.37
CA SER D 281 -26.95 -2.61 -37.23
C SER D 281 -28.11 -3.51 -37.65
N PHE D 282 -27.79 -4.78 -37.91
CA PHE D 282 -28.74 -5.74 -38.46
C PHE D 282 -29.25 -6.73 -37.40
N ASP D 283 -30.44 -6.48 -36.89
CA ASP D 283 -31.14 -7.42 -36.04
C ASP D 283 -31.70 -8.53 -36.93
N ILE D 284 -31.31 -9.77 -36.66
CA ILE D 284 -31.81 -10.91 -37.43
C ILE D 284 -33.34 -10.97 -37.42
N ASP D 285 -33.96 -10.31 -36.42
CA ASP D 285 -35.41 -10.04 -36.34
C ASP D 285 -36.06 -9.54 -37.60
N ALA D 286 -35.32 -8.66 -38.29
CA ALA D 286 -35.82 -7.98 -39.47
C ALA D 286 -36.30 -9.01 -40.49
N LEU D 287 -35.54 -10.09 -40.61
CA LEU D 287 -35.91 -11.17 -41.52
C LEU D 287 -37.17 -11.89 -41.05
N ASP D 288 -37.93 -12.42 -42.00
CA ASP D 288 -39.12 -13.20 -41.69
C ASP D 288 -38.74 -14.45 -40.89
N PRO D 289 -39.55 -14.79 -39.87
CA PRO D 289 -39.31 -15.98 -39.05
C PRO D 289 -39.16 -17.28 -39.85
N LEU D 290 -39.66 -17.32 -41.08
CA LEU D 290 -39.52 -18.49 -41.95
C LEU D 290 -38.07 -18.73 -42.39
N VAL D 291 -37.23 -17.71 -42.29
CA VAL D 291 -35.82 -17.86 -42.64
C VAL D 291 -34.87 -17.57 -41.46
N ALA D 292 -35.39 -16.98 -40.40
CA ALA D 292 -34.58 -16.74 -39.19
C ALA D 292 -35.38 -16.98 -37.90
N PRO D 293 -35.83 -18.23 -37.68
CA PRO D 293 -36.74 -18.49 -36.57
C PRO D 293 -36.09 -18.48 -35.18
N SER D 294 -34.79 -18.72 -35.11
CA SER D 294 -34.13 -18.81 -33.81
C SER D 294 -33.69 -17.44 -33.33
N THR D 295 -34.66 -16.67 -32.86
CA THR D 295 -34.42 -15.33 -32.33
C THR D 295 -35.50 -15.00 -31.31
N GLY D 296 -35.16 -14.12 -30.37
CA GLY D 296 -36.00 -13.88 -29.20
C GLY D 296 -37.40 -13.36 -29.46
N THR D 297 -37.51 -12.35 -30.32
CA THR D 297 -38.80 -11.71 -30.57
C THR D 297 -39.15 -11.75 -32.06
N ALA D 298 -39.52 -12.94 -32.52
CA ALA D 298 -39.89 -13.12 -33.92
C ALA D 298 -41.24 -12.47 -34.21
N VAL D 299 -41.34 -11.87 -35.38
CA VAL D 299 -42.55 -11.19 -35.83
C VAL D 299 -42.81 -11.54 -37.29
N PRO D 300 -43.98 -12.13 -37.57
CA PRO D 300 -44.36 -12.57 -38.92
C PRO D 300 -44.39 -11.42 -39.95
N GLY D 301 -44.28 -11.77 -41.22
CA GLY D 301 -44.33 -10.80 -42.29
C GLY D 301 -43.09 -9.93 -42.34
N GLY D 302 -41.92 -10.56 -42.24
CA GLY D 302 -40.66 -9.84 -42.27
C GLY D 302 -40.01 -9.77 -43.65
N LEU D 303 -38.83 -9.17 -43.70
CA LEU D 303 -38.01 -9.15 -44.92
C LEU D 303 -37.75 -10.58 -45.38
N THR D 304 -37.83 -10.81 -46.69
CA THR D 304 -37.35 -12.07 -47.25
C THR D 304 -35.84 -12.05 -47.16
N LEU D 305 -35.22 -13.22 -47.25
CA LEU D 305 -33.76 -13.29 -47.25
C LEU D 305 -33.19 -12.41 -48.35
N ARG D 306 -33.84 -12.46 -49.52
CA ARG D 306 -33.38 -11.71 -50.69
C ARG D 306 -33.45 -10.19 -50.44
N GLU D 307 -34.52 -9.72 -49.81
CA GLU D 307 -34.63 -8.30 -49.45
C GLU D 307 -33.53 -7.90 -48.45
N GLY D 308 -33.25 -8.79 -47.51
CA GLY D 308 -32.16 -8.60 -46.57
C GLY D 308 -30.80 -8.55 -47.28
N LEU D 309 -30.62 -9.43 -48.26
CA LEU D 309 -29.39 -9.44 -49.03
C LEU D 309 -29.20 -8.13 -49.82
N ARG D 310 -30.28 -7.63 -50.42
CA ARG D 310 -30.22 -6.42 -51.22
C ARG D 310 -29.79 -5.23 -50.39
N ILE D 311 -30.25 -5.17 -49.13
CA ILE D 311 -29.83 -4.13 -48.22
C ILE D 311 -28.32 -4.17 -48.03
N CYS D 312 -27.81 -5.35 -47.72
CA CYS D 312 -26.39 -5.53 -47.42
C CYS D 312 -25.49 -5.38 -48.65
N GLU D 313 -25.96 -5.86 -49.80
CA GLU D 313 -25.22 -5.69 -51.06
C GLU D 313 -25.08 -4.20 -51.39
N GLU D 314 -26.17 -3.45 -51.25
CA GLU D 314 -26.17 -2.02 -51.58
C GLU D 314 -25.28 -1.24 -50.61
N VAL D 315 -25.44 -1.48 -49.32
CA VAL D 315 -24.63 -0.81 -48.31
C VAL D 315 -23.15 -1.16 -48.51
N SER D 316 -22.87 -2.41 -48.87
CA SER D 316 -21.50 -2.81 -49.16
C SER D 316 -20.91 -2.01 -50.32
N ALA D 317 -21.60 -2.05 -51.47
CA ALA D 317 -21.16 -1.42 -52.71
C ALA D 317 -20.87 0.09 -52.58
N THR D 318 -21.41 0.68 -51.52
CA THR D 318 -21.17 2.08 -51.18
C THR D 318 -19.67 2.37 -50.92
N GLY D 319 -18.96 1.38 -50.42
CA GLY D 319 -17.56 1.56 -50.07
C GLY D 319 -17.38 2.16 -48.68
N LYS D 320 -18.50 2.47 -48.03
CA LYS D 320 -18.46 3.12 -46.71
C LYS D 320 -18.95 2.23 -45.57
N LEU D 321 -19.06 0.93 -45.79
CA LEU D 321 -19.41 0.03 -44.69
C LEU D 321 -18.25 -0.03 -43.70
N SER D 322 -18.43 0.64 -42.57
CA SER D 322 -17.40 0.78 -41.55
C SER D 322 -17.54 -0.29 -40.48
N VAL D 323 -18.76 -0.41 -39.95
CA VAL D 323 -19.09 -1.45 -38.98
C VAL D 323 -20.42 -2.10 -39.36
N VAL D 324 -20.49 -3.42 -39.28
CA VAL D 324 -21.75 -4.15 -39.39
C VAL D 324 -21.89 -5.06 -38.18
N GLU D 325 -23.03 -4.97 -37.49
CA GLU D 325 -23.29 -5.89 -36.39
C GLU D 325 -24.57 -6.70 -36.64
N LEU D 326 -24.53 -7.96 -36.24
CA LEU D 326 -25.67 -8.86 -36.37
C LEU D 326 -26.15 -9.33 -35.00
N ALA D 327 -27.34 -8.88 -34.61
CA ALA D 327 -27.82 -9.12 -33.25
C ALA D 327 -28.97 -10.13 -33.16
N GLU D 328 -29.18 -10.65 -31.96
CA GLU D 328 -30.33 -11.50 -31.60
C GLU D 328 -30.33 -12.91 -32.19
N LEU D 329 -29.17 -13.44 -32.54
CA LEU D 329 -29.06 -14.87 -32.78
C LEU D 329 -29.22 -15.60 -31.44
N ASN D 330 -30.11 -16.60 -31.41
CA ASN D 330 -30.26 -17.43 -30.23
C ASN D 330 -30.42 -18.88 -30.65
N PRO D 331 -29.31 -19.63 -30.69
CA PRO D 331 -29.24 -21.03 -31.11
C PRO D 331 -29.94 -21.99 -30.13
N LEU D 332 -30.30 -21.48 -28.94
CA LEU D 332 -31.05 -22.29 -27.98
C LEU D 332 -32.55 -22.11 -28.13
N LEU D 333 -32.99 -21.59 -29.28
CA LEU D 333 -34.42 -21.45 -29.55
C LEU D 333 -34.78 -22.16 -30.87
N GLY D 334 -35.91 -22.84 -30.88
CA GLY D 334 -36.37 -23.53 -32.06
C GLY D 334 -35.78 -24.92 -32.20
N SER D 335 -36.10 -25.59 -33.30
CA SER D 335 -35.58 -26.93 -33.56
C SER D 335 -34.13 -26.88 -34.04
N GLN D 336 -33.54 -28.05 -34.25
CA GLN D 336 -32.22 -28.13 -34.85
C GLN D 336 -32.25 -27.54 -36.26
N GLU D 337 -33.30 -27.85 -37.02
CA GLU D 337 -33.44 -27.35 -38.38
C GLU D 337 -33.63 -25.83 -38.36
N ASP D 338 -34.38 -25.34 -37.37
CA ASP D 338 -34.60 -23.91 -37.20
C ASP D 338 -33.28 -23.17 -37.00
N VAL D 339 -32.39 -23.75 -36.19
CA VAL D 339 -31.10 -23.15 -35.90
C VAL D 339 -30.21 -23.13 -37.14
N LEU D 340 -30.25 -24.21 -37.92
CA LEU D 340 -29.51 -24.27 -39.17
C LEU D 340 -29.98 -23.19 -40.15
N LYS D 341 -31.30 -23.04 -40.27
CA LYS D 341 -31.89 -21.99 -41.09
C LYS D 341 -31.41 -20.62 -40.65
N THR D 342 -31.45 -20.37 -39.34
CA THR D 342 -31.05 -19.07 -38.82
C THR D 342 -29.56 -18.84 -39.03
N GLN D 343 -28.76 -19.90 -38.88
CA GLN D 343 -27.33 -19.85 -39.12
C GLN D 343 -27.06 -19.58 -40.60
N SER D 344 -27.73 -20.31 -41.47
CA SER D 344 -27.59 -20.16 -42.91
C SER D 344 -27.93 -18.75 -43.39
N SER D 345 -29.07 -18.22 -42.93
CA SER D 345 -29.50 -16.87 -43.28
C SER D 345 -28.50 -15.82 -42.84
N ALA D 346 -27.99 -15.98 -41.62
CA ALA D 346 -26.99 -15.08 -41.06
C ALA D 346 -25.67 -15.07 -41.85
N VAL D 347 -25.24 -16.25 -42.30
CA VAL D 347 -24.00 -16.37 -43.05
C VAL D 347 -24.09 -15.65 -44.39
N HIS D 348 -25.18 -15.87 -45.10
CA HIS D 348 -25.41 -15.21 -46.39
C HIS D 348 -25.49 -13.70 -46.24
N ILE D 349 -26.21 -13.24 -45.21
CA ILE D 349 -26.29 -11.81 -44.91
C ILE D 349 -24.90 -11.20 -44.68
N LEU D 350 -24.08 -11.84 -43.86
CA LEU D 350 -22.76 -11.30 -43.53
C LEU D 350 -21.79 -11.35 -44.72
N ARG D 351 -21.90 -12.41 -45.54
CA ARG D 351 -21.08 -12.51 -46.75
C ARG D 351 -21.35 -11.35 -47.69
N ALA D 352 -22.63 -11.01 -47.82
CA ALA D 352 -23.05 -9.90 -48.66
C ALA D 352 -22.44 -8.59 -48.17
N CYS D 353 -22.39 -8.42 -46.86
CA CYS D 353 -21.84 -7.20 -46.27
C CYS D 353 -20.37 -6.99 -46.61
N LEU D 354 -19.63 -8.09 -46.72
CA LEU D 354 -18.21 -7.99 -47.01
C LEU D 354 -17.97 -7.89 -48.51
N GLY D 355 -19.02 -8.13 -49.29
CA GLY D 355 -18.97 -7.87 -50.72
C GLY D 355 -19.20 -9.04 -51.65
N HIS D 356 -19.76 -10.12 -51.13
CA HIS D 356 -20.05 -11.27 -51.98
C HIS D 356 -21.10 -10.90 -53.02
N CYS D 357 -20.80 -11.20 -54.28
CA CYS D 357 -21.72 -10.93 -55.39
C CYS D 357 -22.45 -12.21 -55.75
N ARG D 358 -23.78 -12.13 -55.82
CA ARG D 358 -24.58 -13.30 -56.17
C ARG D 358 -24.49 -13.58 -57.66
N SER D 359 -23.99 -12.60 -58.42
CA SER D 359 -23.80 -12.75 -59.87
C SER D 359 -22.42 -13.30 -60.21
N GLY D 360 -21.70 -13.73 -59.17
CA GLY D 360 -20.44 -14.43 -59.38
C GLY D 360 -19.22 -13.55 -59.31
N HIS D 361 -18.08 -14.18 -59.02
CA HIS D 361 -16.79 -13.50 -58.98
C HIS D 361 -15.86 -14.10 -60.03
N LEU D 362 -14.90 -13.32 -60.49
CA LEU D 362 -13.90 -13.81 -61.44
C LEU D 362 -12.79 -14.57 -60.70
N PRO D 363 -12.16 -15.55 -61.37
CA PRO D 363 -11.05 -16.28 -60.73
C PRO D 363 -9.79 -15.44 -60.53
N PHE D 364 -8.98 -15.80 -59.54
CA PHE D 364 -7.71 -15.13 -59.31
C PHE D 364 -6.76 -15.48 -60.44
N LYS D 365 -6.80 -16.73 -60.89
CA LYS D 365 -5.98 -17.20 -62.00
C LYS D 365 -6.77 -18.17 -62.88
N VAL D 366 -6.81 -17.88 -64.18
CA VAL D 366 -7.57 -18.70 -65.12
C VAL D 366 -6.74 -19.88 -65.64
MN MN E . 25.96 25.25 26.01
MN MN F . 25.17 27.63 28.13
CS CS G . 10.61 32.56 19.91
CS CS H . 36.26 27.21 44.73
CS CS I . 29.31 6.21 44.04
CL CL J . 8.53 30.57 19.56
O01 XA2 K . 28.24 25.74 26.37
B02 XA2 K . 27.83 27.29 26.73
O03 XA2 K . 26.26 27.48 26.40
O04 XA2 K . 28.07 27.45 28.37
C05 XA2 K . 28.82 28.35 25.82
C06 XA2 K . 28.61 29.78 26.27
C07 XA2 K . 28.63 30.74 25.03
C08 XA2 K . 28.69 32.22 25.50
C09 XA2 K . 28.93 33.25 24.34
N10 XA2 K . 27.84 33.25 23.42
C11 XA2 K . 29.06 34.62 25.01
C12 XA2 K . 29.45 35.62 23.99
C13 XA2 K . 29.48 37.00 24.61
N14 XA2 K . 28.18 37.34 25.19
C15 XA2 K . 28.16 38.73 25.63
C16 XA2 K . 28.55 39.66 24.48
C17 XA2 K . 27.69 39.87 23.43
C18 XA2 K . 28.05 40.71 22.38
C19 XA2 K . 29.27 41.34 22.38
CL1 XA2 K . 29.75 42.42 21.08
C21 XA2 K . 30.14 41.14 23.45
CL2 XA2 K . 31.70 41.97 23.44
C23 XA2 K . 29.79 40.32 24.49
C24 XA2 K . 27.83 36.38 26.28
C25 XA2 K . 27.80 34.97 25.72
C26 XA2 K . 30.20 32.89 23.58
O27 XA2 K . 31.31 32.81 24.15
O28 XA2 K . 30.13 32.66 22.35
C1 GOL L . 45.00 29.35 20.69
O1 GOL L . 44.48 28.22 20.03
C2 GOL L . 45.16 29.05 22.16
O2 GOL L . 46.54 29.15 22.44
C3 GOL L . 44.44 30.15 22.94
O3 GOL L . 44.53 29.91 24.32
C1 GOL M . 43.22 18.62 33.10
O1 GOL M . 44.49 18.79 33.67
C2 GOL M . 43.29 19.17 31.70
O2 GOL M . 43.74 18.12 30.88
C3 GOL M . 41.87 19.62 31.31
O3 GOL M . 41.90 20.32 30.09
C1 PGE N . 7.40 6.54 19.33
O1 PGE N . 8.12 5.63 20.15
C2 PGE N . 7.38 6.08 17.88
O2 PGE N . 6.14 6.38 17.29
C3 PGE N . 6.26 6.95 16.02
C4 PGE N . 5.03 6.64 15.23
O4 PGE N . 3.87 7.94 11.85
C6 PGE N . 3.13 8.60 12.86
C5 PGE N . 3.35 7.98 14.23
O3 PGE N . 4.72 7.77 14.45
MN MN O . -23.14 5.16 18.51
MN MN P . -24.83 7.65 19.78
CS CS Q . -14.21 10.15 33.40
CS CS R . -39.16 14.09 7.90
CS CS S . -21.70 15.09 -5.78
CS CS T . -21.36 -21.59 13.62
CL CL U . -11.39 10.75 32.91
CL CL V . -22.27 18.20 -5.35
O01 XA2 W . -26.88 6.12 18.43
B02 XA2 W . -25.93 4.95 19.06
O03 XA2 W . -25.19 4.18 17.85
O04 XA2 W . -24.80 5.71 20.03
C05 XA2 W . -26.86 3.81 19.91
C06 XA2 W . -27.66 4.50 20.99
C07 XA2 W . -27.79 3.48 22.18
C08 XA2 W . -28.72 4.09 23.26
C09 XA2 W . -29.07 3.13 24.46
N10 XA2 W . -27.95 3.01 25.32
C11 XA2 W . -30.26 3.81 25.14
C12 XA2 W . -30.80 2.88 26.15
C13 XA2 W . -31.87 3.56 26.99
N14 XA2 W . -31.32 4.74 27.66
C15 XA2 W . -32.33 5.34 28.53
C16 XA2 W . -32.76 4.35 29.60
C17 XA2 W . -31.94 4.12 30.69
C18 XA2 W . -32.33 3.23 31.68
C19 XA2 W . -33.53 2.56 31.57
CL1 XA2 W . -34.04 1.42 32.80
C21 XA2 W . -34.35 2.78 30.49
CL2 XA2 W . -35.88 1.93 30.39
C23 XA2 W . -33.97 3.68 29.51
C24 XA2 W . -30.87 5.72 26.63
C25 XA2 W . -29.82 5.11 25.72
C26 XA2 W . -29.49 1.74 23.96
O27 XA2 W . -30.51 1.60 23.25
O28 XA2 W . -28.81 0.74 24.28
C1 GOL X . -36.82 -9.26 15.97
O1 GOL X . -35.49 -9.64 15.73
C2 GOL X . -37.37 -8.55 14.77
O2 GOL X . -38.15 -9.45 14.01
C3 GOL X . -38.21 -7.40 15.30
O3 GOL X . -39.15 -7.03 14.31
C1 GOL Y . -34.51 0.10 3.03
O1 GOL Y . -34.50 -0.38 1.71
C2 GOL Y . -34.07 -1.01 3.97
O2 GOL Y . -33.41 -2.01 3.22
C3 GOL Y . -33.13 -0.46 5.03
O3 GOL Y . -32.87 -1.47 5.98
MN MN Z . 14.94 -27.52 -8.91
MN MN AA . 15.64 -30.08 -7.01
CS CS BA . 28.64 -36.07 -17.11
CS CS CA . 15.68 -9.72 10.75
CL CL DA . 30.96 -34.33 -17.68
CS CS EA . 6.21 -29.65 10.54
O01 XA2 FA . 12.89 -27.75 -8.37
B02 XA2 FA . 13.06 -29.38 -8.13
O03 XA2 FA . 14.53 -29.83 -8.62
O04 XA2 FA . 12.90 -29.62 -6.47
C05 XA2 FA . 11.85 -30.22 -9.00
C06 XA2 FA . 12.00 -31.71 -8.71
C07 XA2 FA . 11.68 -32.52 -10.02
C08 XA2 FA . 11.47 -34.03 -9.66
C09 XA2 FA . 10.96 -34.91 -10.84
N10 XA2 FA . 11.88 -34.91 -11.92
C11 XA2 FA . 10.77 -36.30 -10.25
C12 XA2 FA . 10.11 -37.16 -11.24
C13 XA2 FA . 9.96 -38.56 -10.67
N14 XA2 FA . 11.27 -39.13 -10.33
C15 XA2 FA . 11.09 -40.52 -9.92
C16 XA2 FA . 10.45 -41.31 -11.06
C17 XA2 FA . 11.21 -41.64 -12.17
C18 XA2 FA . 10.64 -42.35 -13.22
C19 XA2 FA . 9.32 -42.75 -13.17
CL1 XA2 FA . 8.63 -43.65 -14.51
C21 XA2 FA . 8.56 -42.42 -12.05
CL2 XA2 FA . 6.88 -42.91 -11.97
C23 XA2 FA . 9.11 -41.71 -11.01
C24 XA2 FA . 11.96 -38.29 -9.32
C25 XA2 FA . 12.09 -36.87 -9.83
C26 XA2 FA . 9.64 -34.39 -11.41
O27 XA2 FA . 8.59 -34.35 -10.73
O28 XA2 FA . 9.63 -33.99 -12.59
C1 GOL GA . -4.39 -29.22 -11.98
O1 GOL GA . -4.30 -28.10 -12.84
C2 GOL GA . -4.97 -28.81 -10.64
O2 GOL GA . -6.33 -28.47 -10.79
C3 GOL GA . -4.86 -29.99 -9.66
O3 GOL GA . -3.52 -30.24 -9.33
C1 GOL HA . -0.77 -20.08 0.57
O1 GOL HA . -1.48 -18.96 1.06
C2 GOL HA . -0.86 -20.09 -0.95
O2 GOL HA . -1.09 -18.79 -1.40
C3 GOL HA . 0.45 -20.59 -1.53
O3 GOL HA . 0.27 -20.74 -2.93
MN MN IA . -33.12 -5.25 -32.20
MN MN JA . -35.71 -6.86 -33.01
CS CS KA . -42.60 6.05 -42.83
O01 XA2 LA . -35.42 -8.04 -30.26
B02 XA2 LA . -34.85 -6.48 -30.19
O03 XA2 LA . -33.23 -6.50 -29.97
O04 XA2 LA . -35.21 -5.66 -31.62
C05 XA2 LA . -35.58 -5.70 -28.87
C06 XA2 LA . -37.07 -5.97 -28.93
C07 XA2 LA . -37.83 -5.09 -27.89
C08 XA2 LA . -39.28 -4.78 -28.39
C09 XA2 LA . -40.13 -4.01 -27.32
N10 XA2 LA . -40.48 -2.74 -27.85
C11 XA2 LA . -41.37 -4.85 -27.04
C12 XA2 LA . -42.16 -4.19 -25.98
C13 XA2 LA . -43.33 -5.08 -25.64
N14 XA2 LA . -44.18 -5.43 -26.80
C15 XA2 LA . -45.08 -4.36 -27.18
C16 XA2 LA . -45.90 -3.81 -26.01
C17 XA2 LA . -46.05 -2.44 -25.89
C18 XA2 LA . -46.79 -1.90 -24.84
C19 XA2 LA . -47.39 -2.74 -23.92
CL1 XA2 LA . -48.33 -2.05 -22.61
C21 XA2 LA . -47.26 -4.12 -24.04
CL2 XA2 LA . -48.01 -5.19 -22.87
C23 XA2 LA . -46.52 -4.65 -25.08
C24 XA2 LA . -43.39 -5.89 -27.98
C25 XA2 LA . -42.18 -5.05 -28.27
C26 XA2 LA . -39.39 -3.81 -26.01
O27 XA2 LA . -39.28 -4.76 -25.20
O28 XA2 LA . -38.89 -2.68 -25.72
#